data_7X7L
#
_entry.id   7X7L
#
_cell.length_a   53.952
_cell.length_b   83.428
_cell.length_c   85.610
_cell.angle_alpha   89.78
_cell.angle_beta   97.46
_cell.angle_gamma   107.64
#
_symmetry.space_group_name_H-M   'P 1'
#
loop_
_entity.id
_entity.type
_entity.pdbx_description
1 polymer '4-hydroxyphenylpyruvate dioxygenase'
2 non-polymer 'COBALT (II) ION'
3 non-polymer 3-(2,6-dimethylphenyl)-1-methyl-6-(2-oxidanyl-6-oxidanylidene-cyclohexen-1-yl)carbonyl-quinazoline-2,4-dione
4 water water
#
_entity_poly.entity_id   1
_entity_poly.type   'polypeptide(L)'
_entity_poly.pdbx_seq_one_letter_code
;MPPTPTAAAAGAAVAAASAAEQAAFRLVGHRNFVRFNPRSDRFHTLAFHHVELWCADAASAAGRFSFGLGAPLAARSDLS
TGNSAHASLLLRSGSLSFLFTAPYAHGADAATAALPSFSAAAARRFAADHGLAVRAVALRVADAEDAFRASVAAGARPAF
GPVDLGRGFRLAEVELYGDVVLRYVSYPDGAAGEPFLPGFEGVASPGAADYGLSRFDHIVGNVPELAPAAAYFAGFTGFH
EFAEFTTEDVGTAESGLNSMVLANNSENVLLPLNEPVHGTKRRSQIQTFLDHHGGPGVQHMALASDDVLRTLREMQARSA
MGGFEFMAPPTSDYYDGVRRRAGDVLTEAQIKECQELGVLVDRDDQGVLLQIFTKPVGDRPTLFLEIIQRIGCMERDEKG
QEYQKGGCGGFGKGNFSQLFKSIEDYEKSLEAKQAAAAAAAQGS
;
_entity_poly.pdbx_strand_id   A,B,C,D
#
# COMPACT_ATOMS: atom_id res chain seq x y z
N PHE A 36 -36.00 -7.90 -24.16
CA PHE A 36 -35.68 -6.55 -24.60
C PHE A 36 -34.19 -6.28 -24.54
N ASN A 37 -33.63 -5.88 -25.68
CA ASN A 37 -32.23 -5.46 -25.76
C ASN A 37 -32.18 -4.08 -26.37
N PRO A 38 -31.92 -3.03 -25.57
CA PRO A 38 -31.87 -1.67 -26.13
C PRO A 38 -30.62 -1.36 -26.93
N ARG A 39 -29.58 -2.19 -26.86
CA ARG A 39 -28.31 -1.94 -27.55
C ARG A 39 -27.83 -0.52 -27.28
N SER A 40 -27.59 -0.26 -26.01
CA SER A 40 -27.24 1.07 -25.55
C SER A 40 -25.74 1.23 -25.26
N ASP A 41 -24.89 0.33 -25.75
CA ASP A 41 -23.45 0.43 -25.50
C ASP A 41 -22.94 1.81 -25.91
N ARG A 42 -22.20 2.46 -25.01
CA ARG A 42 -21.60 3.75 -25.35
C ARG A 42 -20.37 3.62 -26.25
N PHE A 43 -19.84 2.41 -26.39
CA PHE A 43 -18.73 2.14 -27.30
C PHE A 43 -18.86 0.71 -27.78
N HIS A 44 -18.35 0.45 -28.98
CA HIS A 44 -18.43 -0.89 -29.56
C HIS A 44 -17.60 -1.87 -28.72
N THR A 45 -18.28 -2.85 -28.13
CA THR A 45 -17.66 -3.85 -27.25
C THR A 45 -17.69 -5.19 -27.97
N LEU A 46 -16.50 -5.69 -28.36
CA LEU A 46 -16.42 -6.82 -29.29
C LEU A 46 -16.57 -8.15 -28.57
N ALA A 47 -15.85 -8.35 -27.46
CA ALA A 47 -15.76 -9.65 -26.80
C ALA A 47 -14.89 -9.50 -25.57
N PHE A 48 -14.94 -10.53 -24.71
CA PHE A 48 -13.96 -10.68 -23.64
C PHE A 48 -12.57 -10.83 -24.27
N HIS A 49 -11.57 -10.25 -23.63
CA HIS A 49 -10.21 -10.44 -24.13
C HIS A 49 -9.35 -11.26 -23.18
N HIS A 50 -9.33 -10.92 -21.90
CA HIS A 50 -8.59 -11.69 -20.92
C HIS A 50 -9.04 -11.26 -19.53
N VAL A 51 -8.57 -12.02 -18.56
CA VAL A 51 -8.68 -11.65 -17.15
C VAL A 51 -7.27 -11.69 -16.59
N GLU A 52 -6.93 -10.69 -15.78
CA GLU A 52 -5.62 -10.64 -15.16
C GLU A 52 -5.77 -10.79 -13.65
N LEU A 53 -4.99 -11.70 -13.09
CA LEU A 53 -4.89 -11.87 -11.66
C LEU A 53 -3.55 -11.33 -11.20
N TRP A 54 -3.57 -10.37 -10.27
CA TRP A 54 -2.34 -9.89 -9.65
C TRP A 54 -1.99 -10.85 -8.52
N CYS A 55 -0.84 -11.52 -8.63
CA CYS A 55 -0.47 -12.67 -7.82
C CYS A 55 0.70 -12.36 -6.87
N ALA A 56 0.75 -13.14 -5.79
CA ALA A 56 1.97 -13.19 -4.98
C ALA A 56 3.12 -13.79 -5.79
N ASP A 57 2.86 -14.91 -6.46
CA ASP A 57 3.85 -15.55 -7.32
C ASP A 57 3.12 -16.03 -8.57
N ALA A 58 3.46 -15.44 -9.72
CA ALA A 58 2.78 -15.78 -10.97
C ALA A 58 3.10 -17.19 -11.42
N ALA A 59 4.33 -17.65 -11.20
CA ALA A 59 4.70 -19.01 -11.57
C ALA A 59 3.82 -20.04 -10.87
N SER A 60 3.57 -19.85 -9.56
CA SER A 60 2.76 -20.80 -8.79
C SER A 60 1.32 -20.79 -9.26
N ALA A 61 0.73 -19.60 -9.37
CA ALA A 61 -0.69 -19.53 -9.69
C ALA A 61 -0.94 -20.02 -11.10
N ALA A 62 -0.12 -19.57 -12.06
CA ALA A 62 -0.29 -20.01 -13.44
C ALA A 62 -0.01 -21.50 -13.58
N GLY A 63 1.01 -22.01 -12.89
CA GLY A 63 1.29 -23.43 -12.95
C GLY A 63 0.13 -24.27 -12.47
N ARG A 64 -0.41 -23.93 -11.30
CA ARG A 64 -1.54 -24.69 -10.77
C ARG A 64 -2.79 -24.53 -11.65
N PHE A 65 -3.06 -23.32 -12.13
CA PHE A 65 -4.22 -23.13 -13.00
C PHE A 65 -4.04 -23.88 -14.32
N SER A 66 -2.81 -23.92 -14.84
CA SER A 66 -2.56 -24.67 -16.07
C SER A 66 -2.93 -26.14 -15.90
N PHE A 67 -2.42 -26.77 -14.83
CA PHE A 67 -2.71 -28.16 -14.49
C PHE A 67 -4.19 -28.35 -14.16
N GLY A 68 -4.76 -27.45 -13.35
CA GLY A 68 -6.13 -27.63 -12.90
C GLY A 68 -7.15 -27.45 -14.01
N LEU A 69 -6.90 -26.53 -14.93
CA LEU A 69 -7.85 -26.20 -16.00
C LEU A 69 -7.52 -26.85 -17.33
N GLY A 70 -6.31 -27.39 -17.49
CA GLY A 70 -5.87 -27.85 -18.80
C GLY A 70 -5.67 -26.72 -19.77
N ALA A 71 -5.05 -25.63 -19.33
CA ALA A 71 -4.80 -24.45 -20.15
C ALA A 71 -3.28 -24.26 -20.28
N PRO A 72 -2.67 -24.66 -21.39
CA PRO A 72 -1.21 -24.56 -21.49
C PRO A 72 -0.74 -23.12 -21.56
N LEU A 73 0.45 -22.90 -21.02
CA LEU A 73 1.12 -21.60 -21.15
C LEU A 73 1.19 -21.19 -22.62
N ALA A 74 0.78 -19.96 -22.92
CA ALA A 74 0.80 -19.49 -24.29
C ALA A 74 1.61 -18.23 -24.54
N ALA A 75 1.98 -17.47 -23.50
CA ALA A 75 2.76 -16.26 -23.70
C ALA A 75 3.38 -15.83 -22.38
N ARG A 76 4.49 -15.10 -22.46
CA ARG A 76 5.15 -14.62 -21.25
C ARG A 76 5.81 -13.27 -21.49
N SER A 77 5.90 -12.48 -20.42
CA SER A 77 6.76 -11.30 -20.35
C SER A 77 7.33 -11.30 -18.95
N ASP A 78 8.65 -11.33 -18.85
CA ASP A 78 9.32 -11.47 -17.56
C ASP A 78 10.80 -11.20 -17.80
N LEU A 79 11.61 -11.41 -16.75
CA LEU A 79 13.05 -11.20 -16.86
C LEU A 79 13.62 -11.84 -18.13
N SER A 80 13.14 -13.03 -18.48
CA SER A 80 13.65 -13.73 -19.66
C SER A 80 13.27 -13.07 -20.99
N THR A 81 12.29 -12.16 -21.00
CA THR A 81 11.99 -11.38 -22.21
C THR A 81 12.42 -9.92 -22.09
N GLY A 82 13.17 -9.57 -21.06
CA GLY A 82 13.62 -8.20 -20.87
C GLY A 82 12.73 -7.35 -20.00
N ASN A 83 11.69 -7.92 -19.40
CA ASN A 83 10.83 -7.19 -18.49
C ASN A 83 11.33 -7.42 -17.07
N SER A 84 11.92 -6.38 -16.47
CA SER A 84 12.41 -6.48 -15.11
C SER A 84 11.44 -5.89 -14.09
N ALA A 85 10.28 -5.43 -14.54
CA ALA A 85 9.30 -4.83 -13.63
C ALA A 85 8.31 -5.85 -13.08
N HIS A 86 7.79 -6.74 -13.93
CA HIS A 86 6.84 -7.74 -13.48
C HIS A 86 7.00 -9.04 -14.26
N ALA A 87 6.61 -10.14 -13.63
CA ALA A 87 6.57 -11.45 -14.28
C ALA A 87 5.12 -11.74 -14.64
N SER A 88 4.84 -11.93 -15.93
CA SER A 88 3.50 -12.23 -16.38
C SER A 88 3.51 -13.51 -17.21
N LEU A 89 2.58 -14.42 -16.90
CA LEU A 89 2.38 -15.65 -17.64
C LEU A 89 0.93 -15.71 -18.14
N LEU A 90 0.75 -16.06 -19.41
CA LEU A 90 -0.55 -16.05 -20.06
C LEU A 90 -0.92 -17.50 -20.36
N LEU A 91 -1.97 -18.01 -19.71
CA LEU A 91 -2.51 -19.33 -20.01
C LEU A 91 -3.63 -19.21 -21.03
N ARG A 92 -3.76 -20.22 -21.89
CA ARG A 92 -4.80 -20.17 -22.90
C ARG A 92 -5.42 -21.54 -23.12
N SER A 93 -6.75 -21.57 -23.16
CA SER A 93 -7.52 -22.73 -23.60
C SER A 93 -8.64 -22.22 -24.49
N GLY A 94 -8.68 -22.67 -25.73
CA GLY A 94 -9.59 -22.07 -26.69
C GLY A 94 -9.36 -20.56 -26.77
N SER A 95 -10.44 -19.81 -26.65
CA SER A 95 -10.36 -18.35 -26.64
C SER A 95 -10.18 -17.79 -25.24
N LEU A 96 -10.14 -18.65 -24.23
CA LEU A 96 -9.97 -18.27 -22.83
C LEU A 96 -8.51 -17.89 -22.55
N SER A 97 -8.27 -16.66 -22.10
CA SER A 97 -6.91 -16.19 -21.79
C SER A 97 -6.84 -15.73 -20.33
N PHE A 98 -6.06 -16.43 -19.52
CA PHE A 98 -5.78 -16.04 -18.14
C PHE A 98 -4.38 -15.44 -18.04
N LEU A 99 -4.29 -14.21 -17.51
CA LEU A 99 -3.01 -13.53 -17.29
C LEU A 99 -2.71 -13.51 -15.80
N PHE A 100 -1.55 -14.04 -15.43
CA PHE A 100 -1.06 -14.04 -14.05
C PHE A 100 0.17 -13.14 -13.98
N THR A 101 0.16 -12.17 -13.06
CA THR A 101 1.19 -11.16 -13.01
C THR A 101 1.61 -10.90 -11.56
N ALA A 102 2.91 -10.87 -11.32
CA ALA A 102 3.48 -10.61 -10.01
C ALA A 102 4.60 -9.59 -10.14
N PRO A 103 4.82 -8.77 -9.10
CA PRO A 103 5.89 -7.78 -9.14
C PRO A 103 7.21 -8.36 -8.69
N TYR A 104 8.26 -8.02 -9.43
CA TYR A 104 9.60 -8.11 -8.88
C TYR A 104 9.78 -7.03 -7.81
N ALA A 105 10.76 -7.24 -6.92
CA ALA A 105 10.99 -6.29 -5.83
C ALA A 105 12.28 -5.49 -5.96
N HIS A 106 13.32 -6.03 -6.61
CA HIS A 106 14.63 -5.39 -6.65
C HIS A 106 15.18 -5.39 -8.07
N GLY A 107 15.98 -4.36 -8.37
CA GLY A 107 16.54 -4.22 -9.70
C GLY A 107 15.53 -3.84 -10.78
N ALA A 108 14.33 -3.40 -10.39
CA ALA A 108 13.24 -3.23 -11.34
C ALA A 108 13.34 -1.88 -12.04
N ASP A 109 13.32 -1.90 -13.37
CA ASP A 109 13.18 -0.71 -14.18
C ASP A 109 11.72 -0.66 -14.66
N ALA A 110 10.94 0.26 -14.08
CA ALA A 110 9.50 0.35 -14.37
C ALA A 110 9.21 0.58 -15.85
N ALA A 111 10.22 1.00 -16.63
CA ALA A 111 10.02 1.27 -18.05
C ALA A 111 9.99 0.01 -18.90
N THR A 112 10.40 -1.14 -18.37
CA THR A 112 10.35 -2.37 -19.16
C THR A 112 9.02 -3.12 -19.01
N ALA A 113 8.10 -2.63 -18.19
CA ALA A 113 6.83 -3.34 -18.01
C ALA A 113 6.06 -3.42 -19.32
N ALA A 114 5.69 -4.65 -19.70
CA ALA A 114 4.82 -4.85 -20.86
C ALA A 114 3.39 -4.37 -20.62
N LEU A 115 2.96 -4.30 -19.36
CA LEU A 115 1.68 -3.69 -19.02
C LEU A 115 1.97 -2.33 -18.41
N PRO A 116 1.80 -1.23 -19.16
CA PRO A 116 2.14 0.10 -18.62
C PRO A 116 1.37 0.48 -17.38
N SER A 117 0.23 -0.15 -17.11
CA SER A 117 -0.55 0.19 -15.93
C SER A 117 0.00 -0.45 -14.66
N PHE A 118 0.91 -1.42 -14.80
CA PHE A 118 1.41 -2.13 -13.63
C PHE A 118 2.08 -1.18 -12.65
N SER A 119 1.80 -1.38 -11.37
CA SER A 119 2.51 -0.72 -10.28
C SER A 119 2.88 -1.78 -9.26
N ALA A 120 4.18 -1.88 -8.97
CA ALA A 120 4.68 -2.97 -8.14
C ALA A 120 4.12 -2.89 -6.73
N ALA A 121 4.11 -1.70 -6.13
CA ALA A 121 3.61 -1.60 -4.77
C ALA A 121 2.12 -1.84 -4.72
N ALA A 122 1.39 -1.43 -5.75
CA ALA A 122 -0.05 -1.70 -5.79
C ALA A 122 -0.32 -3.20 -5.91
N ALA A 123 0.52 -3.91 -6.67
CA ALA A 123 0.36 -5.37 -6.80
C ALA A 123 0.73 -6.10 -5.52
N ARG A 124 1.77 -5.64 -4.82
CA ARG A 124 2.11 -6.25 -3.54
C ARG A 124 0.97 -6.07 -2.54
N ARG A 125 0.47 -4.83 -2.42
CA ARG A 125 -0.65 -4.58 -1.53
C ARG A 125 -1.86 -5.41 -1.92
N PHE A 126 -2.12 -5.51 -3.22
CA PHE A 126 -3.30 -6.24 -3.71
C PHE A 126 -3.24 -7.70 -3.29
N ALA A 127 -2.09 -8.35 -3.48
CA ALA A 127 -1.96 -9.75 -3.09
C ALA A 127 -2.13 -9.93 -1.58
N ALA A 128 -1.57 -9.00 -0.79
CA ALA A 128 -1.76 -9.06 0.66
C ALA A 128 -3.22 -8.83 1.06
N ASP A 129 -3.88 -7.84 0.44
CA ASP A 129 -5.27 -7.52 0.77
C ASP A 129 -6.20 -8.68 0.51
N HIS A 130 -5.96 -9.45 -0.56
CA HIS A 130 -6.95 -10.38 -1.09
C HIS A 130 -6.52 -11.83 -1.17
N GLY A 131 -5.21 -12.13 -1.19
CA GLY A 131 -4.91 -13.44 -1.70
C GLY A 131 -5.13 -13.46 -3.21
N LEU A 132 -5.21 -14.66 -3.77
CA LEU A 132 -5.41 -14.80 -5.22
C LEU A 132 -6.72 -14.15 -5.63
N ALA A 133 -6.65 -13.20 -6.57
CA ALA A 133 -7.77 -12.33 -6.88
C ALA A 133 -7.62 -11.73 -8.27
N VAL A 134 -8.77 -11.46 -8.89
CA VAL A 134 -8.82 -10.88 -10.22
C VAL A 134 -8.63 -9.36 -10.11
N ARG A 135 -7.61 -8.86 -10.79
CA ARG A 135 -7.35 -7.41 -10.83
C ARG A 135 -8.06 -6.72 -11.97
N ALA A 136 -8.03 -7.32 -13.16
CA ALA A 136 -8.54 -6.67 -14.37
C ALA A 136 -9.46 -7.62 -15.15
N VAL A 137 -10.63 -7.11 -15.53
CA VAL A 137 -11.47 -7.75 -16.53
C VAL A 137 -11.30 -6.98 -17.83
N ALA A 138 -10.78 -7.65 -18.85
CA ALA A 138 -10.36 -6.96 -20.06
C ALA A 138 -11.28 -7.30 -21.21
N LEU A 139 -11.81 -6.25 -21.85
CA LEU A 139 -12.67 -6.36 -23.01
C LEU A 139 -11.94 -5.83 -24.22
N ARG A 140 -12.09 -6.50 -25.35
CA ARG A 140 -11.64 -5.93 -26.60
C ARG A 140 -12.71 -4.98 -27.10
N VAL A 141 -12.32 -3.72 -27.36
CA VAL A 141 -13.23 -2.69 -27.85
C VAL A 141 -12.71 -2.21 -29.20
N ALA A 142 -13.56 -1.49 -29.92
CA ALA A 142 -13.16 -0.94 -31.22
C ALA A 142 -11.98 0.02 -31.07
N ASP A 143 -11.90 0.75 -29.97
CA ASP A 143 -10.91 1.81 -29.82
C ASP A 143 -10.78 2.13 -28.34
N ALA A 144 -9.68 1.72 -27.72
CA ALA A 144 -9.53 1.89 -26.27
C ALA A 144 -9.59 3.36 -25.85
N GLU A 145 -9.10 4.27 -26.68
CA GLU A 145 -9.19 5.69 -26.34
C GLU A 145 -10.63 6.17 -26.38
N ASP A 146 -11.37 5.83 -27.44
CA ASP A 146 -12.77 6.24 -27.54
C ASP A 146 -13.59 5.65 -26.41
N ALA A 147 -13.35 4.38 -26.06
CA ALA A 147 -14.07 3.76 -24.96
C ALA A 147 -13.72 4.41 -23.63
N PHE A 148 -12.44 4.76 -23.43
CA PHE A 148 -12.05 5.42 -22.19
C PHE A 148 -12.72 6.79 -22.07
N ARG A 149 -12.67 7.57 -23.14
CA ARG A 149 -13.23 8.93 -23.11
C ARG A 149 -14.73 8.89 -22.88
N ALA A 150 -15.43 8.03 -23.63
CA ALA A 150 -16.88 7.90 -23.42
C ALA A 150 -17.20 7.43 -22.02
N SER A 151 -16.37 6.55 -21.46
CA SER A 151 -16.64 6.02 -20.12
C SER A 151 -16.52 7.10 -19.06
N VAL A 152 -15.41 7.84 -19.06
CA VAL A 152 -15.22 8.82 -17.98
C VAL A 152 -16.17 10.00 -18.16
N ALA A 153 -16.56 10.32 -19.39
CA ALA A 153 -17.58 11.36 -19.58
C ALA A 153 -18.89 10.95 -18.94
N ALA A 154 -19.19 9.65 -18.96
CA ALA A 154 -20.39 9.10 -18.37
C ALA A 154 -20.16 8.58 -16.97
N GLY A 155 -19.16 9.12 -16.27
CA GLY A 155 -19.02 8.91 -14.85
C GLY A 155 -17.98 7.89 -14.41
N ALA A 156 -17.36 7.17 -15.35
CA ALA A 156 -16.32 6.21 -14.97
C ALA A 156 -15.18 6.91 -14.24
N ARG A 157 -14.74 6.31 -13.13
CA ARG A 157 -13.54 6.79 -12.46
C ARG A 157 -12.31 6.33 -13.23
N PRO A 158 -11.50 7.23 -13.79
CA PRO A 158 -10.34 6.80 -14.59
C PRO A 158 -9.35 6.05 -13.71
N ALA A 159 -8.74 5.03 -14.31
CA ALA A 159 -7.71 4.25 -13.63
C ALA A 159 -6.38 4.33 -14.34
N PHE A 160 -6.37 4.24 -15.66
CA PHE A 160 -5.14 4.37 -16.45
C PHE A 160 -5.53 4.91 -17.80
N GLY A 161 -5.13 6.16 -18.09
CA GLY A 161 -5.47 6.81 -19.33
C GLY A 161 -4.94 6.02 -20.51
N PRO A 162 -5.49 6.24 -21.70
CA PRO A 162 -5.12 5.40 -22.84
C PRO A 162 -3.67 5.59 -23.26
N VAL A 163 -3.03 4.48 -23.63
CA VAL A 163 -1.65 4.49 -24.08
C VAL A 163 -1.56 3.71 -25.39
N ASP A 164 -0.52 4.05 -26.17
CA ASP A 164 -0.18 3.35 -27.41
C ASP A 164 0.75 2.20 -27.06
N LEU A 165 0.27 0.95 -27.20
CA LEU A 165 1.14 -0.19 -26.93
C LEU A 165 2.06 -0.52 -28.09
N GLY A 166 1.81 0.04 -29.26
CA GLY A 166 2.60 -0.17 -30.45
C GLY A 166 1.86 -0.95 -31.50
N ARG A 167 2.24 -0.71 -32.76
CA ARG A 167 1.67 -1.33 -33.96
C ARG A 167 0.15 -1.50 -33.90
N GLY A 168 -0.57 -0.48 -33.42
CA GLY A 168 -2.02 -0.46 -33.46
C GLY A 168 -2.70 -0.88 -32.18
N PHE A 169 -1.96 -1.39 -31.20
CA PHE A 169 -2.56 -1.79 -29.93
C PHE A 169 -2.75 -0.57 -29.02
N ARG A 170 -3.93 -0.48 -28.38
CA ARG A 170 -4.22 0.58 -27.41
C ARG A 170 -4.79 -0.03 -26.13
N LEU A 171 -4.53 0.63 -25.00
CA LEU A 171 -4.97 0.12 -23.70
C LEU A 171 -5.36 1.28 -22.80
N ALA A 172 -6.45 1.09 -22.04
CA ALA A 172 -6.88 2.04 -21.03
C ALA A 172 -7.65 1.27 -19.95
N GLU A 173 -7.73 1.86 -18.75
CA GLU A 173 -8.43 1.22 -17.63
C GLU A 173 -9.32 2.23 -16.89
N VAL A 174 -10.48 1.76 -16.46
CA VAL A 174 -11.37 2.50 -15.57
C VAL A 174 -11.73 1.60 -14.40
N GLU A 175 -12.16 2.21 -13.29
CA GLU A 175 -12.52 1.43 -12.11
C GLU A 175 -13.84 0.69 -12.34
N LEU A 176 -13.85 -0.62 -12.09
CA LEU A 176 -15.06 -1.42 -12.25
C LEU A 176 -15.85 -1.49 -10.95
N TYR A 177 -15.26 -2.10 -9.91
CA TYR A 177 -15.79 -2.05 -8.56
C TYR A 177 -14.62 -2.37 -7.63
N GLY A 178 -14.63 -1.75 -6.46
CA GLY A 178 -13.50 -1.93 -5.55
C GLY A 178 -12.20 -1.60 -6.26
N ASP A 179 -11.20 -2.46 -6.10
CA ASP A 179 -9.90 -2.30 -6.78
C ASP A 179 -9.78 -3.19 -8.01
N VAL A 180 -10.92 -3.57 -8.60
CA VAL A 180 -10.94 -4.24 -9.90
C VAL A 180 -11.09 -3.17 -10.97
N VAL A 181 -10.36 -3.31 -12.07
CA VAL A 181 -10.48 -2.38 -13.18
C VAL A 181 -11.11 -3.08 -14.37
N LEU A 182 -11.82 -2.30 -15.17
CA LEU A 182 -12.30 -2.70 -16.48
C LEU A 182 -11.26 -2.22 -17.48
N ARG A 183 -10.58 -3.15 -18.14
CA ARG A 183 -9.49 -2.83 -19.06
C ARG A 183 -10.00 -2.90 -20.48
N TYR A 184 -9.75 -1.85 -21.25
CA TYR A 184 -10.08 -1.83 -22.67
C TYR A 184 -8.80 -2.03 -23.46
N VAL A 185 -8.83 -2.95 -24.42
CA VAL A 185 -7.74 -3.14 -25.37
C VAL A 185 -8.33 -3.10 -26.76
N SER A 186 -7.60 -2.51 -27.70
CA SER A 186 -8.01 -2.49 -29.10
C SER A 186 -6.82 -2.72 -30.00
N TYR A 187 -7.08 -3.33 -31.15
CA TYR A 187 -6.05 -3.62 -32.14
C TYR A 187 -6.75 -4.05 -33.42
N PRO A 188 -6.10 -3.91 -34.57
CA PRO A 188 -6.73 -4.32 -35.83
C PRO A 188 -6.89 -5.83 -35.91
N ASP A 189 -7.93 -6.24 -36.66
CA ASP A 189 -8.20 -7.68 -36.80
C ASP A 189 -6.99 -8.41 -37.35
N GLY A 190 -6.21 -7.77 -38.23
CA GLY A 190 -5.01 -8.39 -38.74
C GLY A 190 -4.00 -8.76 -37.68
N ALA A 191 -4.11 -8.18 -36.49
CA ALA A 191 -3.20 -8.50 -35.39
C ALA A 191 -3.64 -9.70 -34.57
N ALA A 192 -4.75 -10.36 -34.94
CA ALA A 192 -5.28 -11.44 -34.11
C ALA A 192 -4.34 -12.65 -34.06
N GLY A 193 -3.40 -12.75 -34.98
CA GLY A 193 -2.42 -13.83 -34.92
C GLY A 193 -1.36 -13.65 -33.85
N GLU A 194 -1.19 -12.45 -33.33
CA GLU A 194 -0.15 -12.19 -32.34
C GLU A 194 -0.47 -12.88 -31.02
N PRO A 195 0.55 -13.28 -30.26
CA PRO A 195 0.30 -14.08 -29.04
C PRO A 195 -0.62 -13.41 -28.03
N PHE A 196 -0.34 -12.17 -27.65
CA PHE A 196 -1.16 -11.47 -26.67
C PHE A 196 -1.09 -9.96 -26.90
N LEU A 197 -0.24 -9.28 -26.14
CA LEU A 197 0.00 -7.85 -26.25
C LEU A 197 1.49 -7.62 -26.53
N PRO A 198 1.85 -6.46 -27.11
CA PRO A 198 3.26 -6.21 -27.40
C PRO A 198 4.16 -6.40 -26.18
N GLY A 199 5.30 -7.03 -26.40
CA GLY A 199 6.16 -7.37 -25.30
C GLY A 199 5.96 -8.78 -24.75
N PHE A 200 4.82 -9.42 -25.06
CA PHE A 200 4.58 -10.81 -24.66
C PHE A 200 5.05 -11.75 -25.76
N GLU A 201 6.05 -12.58 -25.46
CA GLU A 201 6.50 -13.57 -26.43
C GLU A 201 5.62 -14.82 -26.35
N GLY A 202 5.37 -15.41 -27.51
CA GLY A 202 4.54 -16.61 -27.55
C GLY A 202 5.30 -17.82 -27.03
N VAL A 203 4.53 -18.76 -26.48
CA VAL A 203 5.05 -20.01 -25.95
C VAL A 203 4.30 -21.15 -26.60
N ALA A 204 5.02 -22.04 -27.25
CA ALA A 204 4.40 -23.19 -27.90
C ALA A 204 4.07 -24.27 -26.88
N SER A 205 3.07 -25.08 -27.22
CA SER A 205 2.57 -26.14 -26.34
C SER A 205 2.47 -27.43 -27.15
N PRO A 206 3.61 -27.98 -27.58
CA PRO A 206 3.57 -29.15 -28.47
C PRO A 206 3.02 -30.39 -27.76
N GLY A 207 3.59 -30.72 -26.60
CA GLY A 207 3.13 -31.86 -25.84
C GLY A 207 2.14 -31.51 -24.74
N ALA A 208 1.15 -30.68 -25.04
CA ALA A 208 0.19 -30.21 -24.04
C ALA A 208 -1.16 -29.95 -24.71
N ALA A 209 -2.14 -30.78 -24.43
CA ALA A 209 -3.50 -30.59 -24.94
C ALA A 209 -4.40 -30.05 -23.83
N ASP A 210 -5.48 -29.41 -24.23
CA ASP A 210 -6.33 -28.75 -23.25
C ASP A 210 -7.44 -29.71 -22.79
N TYR A 211 -8.26 -29.26 -21.84
CA TYR A 211 -9.38 -30.06 -21.36
C TYR A 211 -10.72 -29.62 -21.94
N GLY A 212 -10.71 -28.83 -23.00
CA GLY A 212 -11.94 -28.46 -23.67
C GLY A 212 -12.56 -27.14 -23.26
N LEU A 213 -12.05 -26.48 -22.22
CA LEU A 213 -12.52 -25.12 -21.92
C LEU A 213 -12.35 -24.22 -23.13
N SER A 214 -13.39 -23.47 -23.48
CA SER A 214 -13.38 -22.76 -24.77
C SER A 214 -13.48 -21.25 -24.65
N ARG A 215 -14.25 -20.72 -23.71
CA ARG A 215 -14.47 -19.27 -23.71
C ARG A 215 -14.92 -18.82 -22.32
N PHE A 216 -14.66 -17.56 -22.01
CA PHE A 216 -15.32 -16.91 -20.88
C PHE A 216 -16.79 -16.75 -21.20
N ASP A 217 -17.65 -17.17 -20.27
CA ASP A 217 -19.08 -16.96 -20.43
C ASP A 217 -19.57 -15.75 -19.63
N HIS A 218 -19.27 -15.70 -18.32
CA HIS A 218 -19.59 -14.53 -17.54
C HIS A 218 -18.61 -14.41 -16.39
N ILE A 219 -18.50 -13.17 -15.88
CA ILE A 219 -17.64 -12.82 -14.75
C ILE A 219 -18.45 -11.95 -13.80
N VAL A 220 -18.52 -12.36 -12.53
CA VAL A 220 -19.50 -11.84 -11.58
C VAL A 220 -18.77 -11.11 -10.45
N GLY A 221 -19.22 -9.91 -10.13
CA GLY A 221 -18.70 -9.14 -9.02
C GLY A 221 -19.65 -9.10 -7.83
N ASN A 222 -19.08 -9.08 -6.64
CA ASN A 222 -19.81 -8.85 -5.40
C ASN A 222 -19.57 -7.42 -4.94
N VAL A 223 -20.64 -6.73 -4.54
CA VAL A 223 -20.60 -5.37 -4.03
C VAL A 223 -21.52 -5.29 -2.81
N PRO A 224 -21.25 -4.33 -1.91
CA PRO A 224 -22.16 -4.19 -0.75
C PRO A 224 -23.54 -3.68 -1.15
N GLU A 225 -23.64 -2.84 -2.18
CA GLU A 225 -24.90 -2.23 -2.59
C GLU A 225 -25.02 -2.32 -4.11
N LEU A 226 -25.99 -3.08 -4.59
CA LEU A 226 -26.14 -3.30 -6.03
C LEU A 226 -26.53 -2.02 -6.75
N ALA A 227 -27.51 -1.28 -6.21
CA ALA A 227 -28.06 -0.15 -6.94
C ALA A 227 -27.02 0.91 -7.29
N PRO A 228 -26.23 1.45 -6.36
CA PRO A 228 -25.19 2.41 -6.77
C PRO A 228 -24.16 1.80 -7.69
N ALA A 229 -23.78 0.54 -7.46
CA ALA A 229 -22.74 -0.06 -8.29
C ALA A 229 -23.23 -0.35 -9.70
N ALA A 230 -24.45 -0.85 -9.83
CA ALA A 230 -25.01 -1.07 -11.17
C ALA A 230 -25.25 0.25 -11.89
N ALA A 231 -25.75 1.27 -11.18
CA ALA A 231 -25.98 2.56 -11.80
C ALA A 231 -24.69 3.15 -12.34
N TYR A 232 -23.62 3.08 -11.55
CA TYR A 232 -22.31 3.56 -11.99
C TYR A 232 -21.81 2.76 -13.19
N PHE A 233 -21.83 1.44 -13.08
CA PHE A 233 -21.21 0.58 -14.09
C PHE A 233 -22.04 0.54 -15.38
N ALA A 234 -23.35 0.30 -15.26
CA ALA A 234 -24.19 0.39 -16.46
C ALA A 234 -24.20 1.82 -16.99
N GLY A 235 -24.07 2.81 -16.10
CA GLY A 235 -24.08 4.19 -16.53
C GLY A 235 -22.91 4.54 -17.44
N PHE A 236 -21.70 4.09 -17.11
CA PHE A 236 -20.57 4.53 -17.92
C PHE A 236 -20.32 3.65 -19.13
N THR A 237 -20.83 2.42 -19.14
CA THR A 237 -20.68 1.52 -20.28
C THR A 237 -21.84 1.58 -21.25
N GLY A 238 -23.06 1.84 -20.77
CA GLY A 238 -24.21 1.60 -21.59
C GLY A 238 -24.65 0.16 -21.66
N PHE A 239 -24.04 -0.73 -20.87
CA PHE A 239 -24.46 -2.11 -20.84
C PHE A 239 -25.89 -2.19 -20.28
N HIS A 240 -26.66 -3.11 -20.82
CA HIS A 240 -28.08 -3.19 -20.49
C HIS A 240 -28.36 -4.39 -19.59
N GLU A 241 -29.44 -4.26 -18.82
CA GLU A 241 -29.89 -5.34 -17.95
C GLU A 241 -30.33 -6.53 -18.79
N PHE A 242 -29.68 -7.67 -18.55
CA PHE A 242 -30.00 -8.91 -19.26
C PHE A 242 -30.89 -9.83 -18.43
N ALA A 243 -30.73 -9.82 -17.11
CA ALA A 243 -31.47 -10.69 -16.21
C ALA A 243 -31.38 -10.13 -14.80
N GLU A 244 -32.36 -10.53 -13.99
CA GLU A 244 -32.50 -10.08 -12.62
C GLU A 244 -33.07 -11.22 -11.79
N PHE A 245 -32.45 -11.49 -10.64
CA PHE A 245 -32.89 -12.50 -9.69
C PHE A 245 -32.75 -11.88 -8.31
N THR A 246 -33.82 -11.93 -7.52
CA THR A 246 -33.94 -11.08 -6.33
C THR A 246 -33.83 -11.85 -5.02
N THR A 247 -34.53 -12.97 -4.89
CA THR A 247 -34.41 -13.86 -3.73
C THR A 247 -34.52 -13.15 -2.37
N GLY A 256 -29.31 -16.00 -0.59
CA GLY A 256 -29.28 -14.71 0.08
C GLY A 256 -28.55 -13.64 -0.71
N LEU A 257 -29.05 -13.34 -1.91
CA LEU A 257 -28.45 -12.31 -2.75
C LEU A 257 -29.51 -11.69 -3.67
N ASN A 258 -29.27 -10.45 -4.07
CA ASN A 258 -29.92 -9.83 -5.22
C ASN A 258 -28.90 -9.68 -6.32
N SER A 259 -29.28 -10.05 -7.55
CA SER A 259 -28.34 -10.08 -8.65
C SER A 259 -28.91 -9.41 -9.88
N MET A 260 -28.00 -8.84 -10.67
CA MET A 260 -28.29 -8.20 -11.94
C MET A 260 -27.21 -8.61 -12.93
N VAL A 261 -27.62 -9.03 -14.13
CA VAL A 261 -26.69 -9.34 -15.21
C VAL A 261 -26.65 -8.16 -16.18
N LEU A 262 -25.47 -7.57 -16.38
CA LEU A 262 -25.25 -6.55 -17.40
C LEU A 262 -24.60 -7.17 -18.63
N ALA A 263 -25.01 -6.70 -19.82
CA ALA A 263 -24.53 -7.25 -21.06
C ALA A 263 -24.25 -6.15 -22.08
N ASN A 264 -23.28 -6.41 -22.96
CA ASN A 264 -23.04 -5.54 -24.10
C ASN A 264 -24.10 -5.81 -25.18
N ASN A 265 -23.99 -5.07 -26.29
CA ASN A 265 -25.04 -5.09 -27.32
C ASN A 265 -25.30 -6.49 -27.83
N SER A 266 -24.25 -7.22 -28.15
CA SER A 266 -24.39 -8.56 -28.69
C SER A 266 -24.63 -9.61 -27.60
N GLU A 267 -24.51 -9.22 -26.33
CA GLU A 267 -24.70 -10.11 -25.20
C GLU A 267 -23.72 -11.29 -25.23
N ASN A 268 -22.52 -11.07 -25.77
CA ASN A 268 -21.45 -12.05 -25.59
C ASN A 268 -20.50 -11.64 -24.46
N VAL A 269 -20.73 -10.47 -23.87
CA VAL A 269 -20.05 -10.04 -22.66
C VAL A 269 -21.12 -9.96 -21.58
N LEU A 270 -20.99 -10.81 -20.56
CA LEU A 270 -21.95 -10.88 -19.46
C LEU A 270 -21.20 -10.62 -18.17
N LEU A 271 -21.61 -9.58 -17.43
CA LEU A 271 -20.92 -9.11 -16.23
C LEU A 271 -21.92 -8.87 -15.13
N PRO A 272 -22.32 -9.91 -14.41
CA PRO A 272 -23.29 -9.76 -13.32
C PRO A 272 -22.68 -9.09 -12.09
N LEU A 273 -23.57 -8.56 -11.26
CA LEU A 273 -23.20 -8.02 -9.96
C LEU A 273 -24.14 -8.57 -8.91
N ASN A 274 -23.61 -8.88 -7.73
CA ASN A 274 -24.38 -9.40 -6.61
C ASN A 274 -24.22 -8.47 -5.40
N GLU A 275 -25.29 -8.36 -4.62
CA GLU A 275 -25.23 -7.78 -3.28
C GLU A 275 -25.83 -8.75 -2.28
N PRO A 276 -25.47 -8.64 -1.01
CA PRO A 276 -26.15 -9.44 0.02
C PRO A 276 -27.55 -8.88 0.27
N VAL A 277 -28.36 -9.67 0.96
CA VAL A 277 -29.67 -9.17 1.41
C VAL A 277 -29.59 -8.71 2.85
N HIS A 278 -29.43 -9.67 3.77
CA HIS A 278 -29.64 -9.53 5.23
C HIS A 278 -31.13 -9.44 5.56
N ARG A 283 -25.77 -13.45 7.99
CA ARG A 283 -24.72 -14.26 7.37
C ARG A 283 -25.16 -14.69 5.97
N SER A 284 -24.30 -14.42 4.98
CA SER A 284 -24.61 -14.83 3.62
C SER A 284 -23.30 -15.10 2.88
N GLN A 285 -23.43 -15.82 1.76
CA GLN A 285 -22.28 -16.12 0.93
C GLN A 285 -21.65 -14.84 0.37
N ILE A 286 -22.47 -13.84 0.07
CA ILE A 286 -21.95 -12.58 -0.46
C ILE A 286 -21.23 -11.78 0.62
N GLN A 287 -21.81 -11.72 1.83
CA GLN A 287 -21.14 -10.97 2.90
C GLN A 287 -19.84 -11.64 3.33
N THR A 288 -19.83 -12.97 3.43
CA THR A 288 -18.59 -13.69 3.73
C THR A 288 -17.50 -13.30 2.76
N PHE A 289 -17.82 -13.27 1.47
CA PHE A 289 -16.83 -12.83 0.47
C PHE A 289 -16.35 -11.43 0.80
N LEU A 290 -17.28 -10.49 1.01
CA LEU A 290 -16.88 -9.09 1.21
C LEU A 290 -15.98 -8.95 2.42
N ASP A 291 -16.31 -9.63 3.52
CA ASP A 291 -15.50 -9.54 4.73
C ASP A 291 -14.10 -10.09 4.51
N HIS A 292 -14.00 -11.32 4.00
CA HIS A 292 -12.69 -11.96 3.84
C HIS A 292 -11.87 -11.28 2.75
N HIS A 293 -12.53 -10.81 1.68
CA HIS A 293 -11.83 -10.19 0.56
C HIS A 293 -11.37 -8.78 0.89
N GLY A 294 -12.09 -8.09 1.77
CA GLY A 294 -11.76 -6.73 2.14
C GLY A 294 -12.41 -5.66 1.28
N GLY A 295 -13.39 -6.04 0.45
CA GLY A 295 -14.06 -5.09 -0.41
C GLY A 295 -14.79 -5.79 -1.56
N PRO A 296 -15.33 -5.00 -2.49
CA PRO A 296 -15.90 -5.57 -3.71
C PRO A 296 -14.86 -6.35 -4.48
N GLY A 297 -15.30 -7.32 -5.27
CA GLY A 297 -14.35 -8.09 -6.05
C GLY A 297 -15.05 -9.11 -6.93
N VAL A 298 -14.26 -9.74 -7.79
CA VAL A 298 -14.74 -10.83 -8.62
C VAL A 298 -15.00 -12.06 -7.76
N GLN A 299 -16.27 -12.50 -7.74
CA GLN A 299 -16.67 -13.68 -7.00
C GLN A 299 -16.42 -14.96 -7.79
N HIS A 300 -16.84 -15.00 -9.05
CA HIS A 300 -16.56 -16.20 -9.81
C HIS A 300 -16.47 -15.87 -11.29
N MET A 301 -15.75 -16.74 -12.00
CA MET A 301 -15.64 -16.68 -13.44
C MET A 301 -16.19 -17.98 -13.99
N ALA A 302 -17.12 -17.87 -14.94
CA ALA A 302 -17.74 -19.04 -15.56
C ALA A 302 -17.03 -19.32 -16.87
N LEU A 303 -16.51 -20.54 -16.99
CA LEU A 303 -15.72 -20.98 -18.13
C LEU A 303 -16.51 -22.03 -18.87
N ALA A 304 -16.72 -21.82 -20.17
CA ALA A 304 -17.62 -22.67 -20.92
C ALA A 304 -16.83 -23.74 -21.68
N SER A 305 -17.48 -24.89 -21.88
CA SER A 305 -16.96 -25.99 -22.66
C SER A 305 -18.05 -26.42 -23.63
N ASP A 306 -17.66 -26.98 -24.77
CA ASP A 306 -18.65 -27.59 -25.65
C ASP A 306 -18.97 -29.02 -25.24
N ASP A 307 -18.21 -29.60 -24.32
CA ASP A 307 -18.46 -30.95 -23.80
C ASP A 307 -18.01 -30.92 -22.33
N VAL A 308 -18.88 -30.41 -21.46
CA VAL A 308 -18.48 -30.18 -20.09
C VAL A 308 -18.26 -31.50 -19.33
N LEU A 309 -19.01 -32.55 -19.65
CA LEU A 309 -18.81 -33.82 -18.95
C LEU A 309 -17.41 -34.37 -19.22
N ARG A 310 -16.94 -34.25 -20.46
CA ARG A 310 -15.58 -34.70 -20.77
C ARG A 310 -14.56 -33.79 -20.09
N THR A 311 -14.79 -32.48 -20.13
CA THR A 311 -13.92 -31.51 -19.46
C THR A 311 -13.83 -31.79 -17.97
N LEU A 312 -14.96 -32.05 -17.31
CA LEU A 312 -14.97 -32.22 -15.86
C LEU A 312 -14.27 -33.50 -15.45
N ARG A 313 -14.42 -34.58 -16.22
CA ARG A 313 -13.70 -35.81 -15.91
C ARG A 313 -12.20 -35.56 -15.87
N GLU A 314 -11.70 -34.73 -16.78
CA GLU A 314 -10.27 -34.41 -16.78
C GLU A 314 -9.89 -33.53 -15.60
N MET A 315 -10.71 -32.52 -15.29
CA MET A 315 -10.38 -31.65 -14.16
C MET A 315 -10.46 -32.40 -12.85
N GLN A 316 -11.48 -33.27 -12.71
CA GLN A 316 -11.66 -33.95 -11.43
C GLN A 316 -10.56 -35.00 -11.20
N ALA A 317 -10.00 -35.54 -12.27
CA ALA A 317 -8.83 -36.41 -12.11
C ALA A 317 -7.62 -35.67 -11.55
N ARG A 318 -7.60 -34.34 -11.61
CA ARG A 318 -6.45 -33.55 -11.17
C ARG A 318 -6.64 -33.02 -9.75
N SER A 319 -7.87 -33.05 -9.23
CA SER A 319 -8.20 -32.41 -7.95
C SER A 319 -7.29 -32.84 -6.81
N ALA A 320 -7.10 -34.15 -6.65
CA ALA A 320 -6.41 -34.66 -5.47
C ALA A 320 -4.99 -34.13 -5.36
N MET A 321 -4.29 -34.00 -6.49
CA MET A 321 -2.87 -33.69 -6.51
C MET A 321 -2.58 -32.22 -6.79
N GLY A 322 -3.50 -31.32 -6.45
CA GLY A 322 -3.22 -29.90 -6.60
C GLY A 322 -4.06 -29.17 -7.63
N GLY A 323 -4.94 -29.86 -8.35
CA GLY A 323 -5.95 -29.21 -9.15
C GLY A 323 -7.04 -28.66 -8.27
N PHE A 324 -8.22 -28.46 -8.86
CA PHE A 324 -9.33 -27.81 -8.18
C PHE A 324 -10.33 -28.84 -7.70
N GLU A 325 -10.71 -28.75 -6.43
CA GLU A 325 -11.80 -29.53 -5.90
C GLU A 325 -13.13 -28.88 -6.26
N PHE A 326 -14.20 -29.68 -6.31
CA PHE A 326 -15.53 -29.18 -6.66
C PHE A 326 -16.48 -29.33 -5.48
N MET A 327 -17.55 -28.55 -5.49
CA MET A 327 -18.57 -28.69 -4.45
C MET A 327 -19.13 -30.11 -4.48
N ALA A 328 -19.50 -30.62 -3.31
CA ALA A 328 -20.02 -31.97 -3.23
C ALA A 328 -21.34 -32.09 -3.99
N PRO A 329 -21.62 -33.24 -4.58
CA PRO A 329 -22.78 -33.37 -5.44
C PRO A 329 -24.08 -33.28 -4.60
N PRO A 330 -25.18 -32.91 -5.23
CA PRO A 330 -26.46 -32.90 -4.49
C PRO A 330 -26.87 -34.30 -4.06
N THR A 331 -27.96 -34.35 -3.32
CA THR A 331 -28.54 -35.64 -2.94
C THR A 331 -29.15 -36.30 -4.18
N SER A 332 -29.32 -37.62 -4.11
CA SER A 332 -29.67 -38.38 -5.31
C SER A 332 -31.03 -37.97 -5.87
N ASP A 333 -31.93 -37.47 -5.02
CA ASP A 333 -33.24 -37.05 -5.50
C ASP A 333 -33.15 -35.86 -6.45
N TYR A 334 -32.08 -35.08 -6.34
CA TYR A 334 -31.87 -34.01 -7.30
C TYR A 334 -31.99 -34.51 -8.74
N TYR A 335 -31.44 -35.70 -9.03
CA TYR A 335 -31.36 -36.12 -10.41
C TYR A 335 -32.67 -36.73 -10.93
N ASP A 336 -33.53 -37.23 -10.05
CA ASP A 336 -34.91 -37.46 -10.45
C ASP A 336 -35.55 -36.16 -10.93
N GLY A 337 -35.24 -35.06 -10.26
CA GLY A 337 -35.71 -33.77 -10.74
C GLY A 337 -35.16 -33.41 -12.09
N VAL A 338 -33.89 -33.76 -12.35
CA VAL A 338 -33.28 -33.42 -13.63
C VAL A 338 -33.98 -34.15 -14.77
N ARG A 339 -34.39 -35.39 -14.50
CA ARG A 339 -35.06 -36.18 -15.53
C ARG A 339 -36.36 -35.52 -15.95
N ARG A 340 -37.07 -34.92 -15.00
CA ARG A 340 -38.34 -34.26 -15.31
C ARG A 340 -38.11 -32.93 -16.01
N ARG A 341 -37.17 -32.12 -15.53
CA ARG A 341 -36.99 -30.78 -16.08
C ARG A 341 -36.23 -30.78 -17.39
N ALA A 342 -35.34 -31.75 -17.63
CA ALA A 342 -34.49 -31.67 -18.80
C ALA A 342 -34.35 -32.99 -19.55
N GLY A 343 -35.13 -34.01 -19.18
CA GLY A 343 -35.00 -35.33 -19.79
C GLY A 343 -35.38 -35.37 -21.25
N ASP A 344 -35.95 -34.29 -21.78
CA ASP A 344 -36.21 -34.20 -23.21
C ASP A 344 -34.96 -33.83 -23.99
N VAL A 345 -34.04 -33.09 -23.40
CA VAL A 345 -32.84 -32.66 -24.10
C VAL A 345 -31.59 -33.39 -23.63
N LEU A 346 -31.55 -33.89 -22.39
CA LEU A 346 -30.45 -34.73 -21.92
C LEU A 346 -30.88 -36.19 -21.90
N THR A 347 -30.01 -37.07 -22.40
CA THR A 347 -30.32 -38.50 -22.34
C THR A 347 -30.19 -39.00 -20.92
N GLU A 348 -30.78 -40.18 -20.68
CA GLU A 348 -30.62 -40.82 -19.38
C GLU A 348 -29.16 -41.04 -19.05
N ALA A 349 -28.36 -41.41 -20.05
CA ALA A 349 -26.94 -41.63 -19.81
C ALA A 349 -26.23 -40.33 -19.43
N GLN A 350 -26.60 -39.23 -20.11
CA GLN A 350 -26.02 -37.93 -19.77
C GLN A 350 -26.39 -37.51 -18.37
N ILE A 351 -27.64 -37.73 -17.96
CA ILE A 351 -28.03 -37.42 -16.59
C ILE A 351 -27.27 -38.29 -15.62
N LYS A 352 -27.08 -39.56 -15.98
CA LYS A 352 -26.28 -40.47 -15.17
C LYS A 352 -24.86 -39.95 -14.99
N GLU A 353 -24.23 -39.49 -16.07
CA GLU A 353 -22.90 -38.89 -15.95
C GLU A 353 -22.93 -37.61 -15.13
N CYS A 354 -23.98 -36.80 -15.30
CA CYS A 354 -24.12 -35.61 -14.47
C CYS A 354 -24.11 -35.98 -13.00
N GLN A 355 -24.86 -37.03 -12.64
CA GLN A 355 -24.88 -37.43 -11.23
C GLN A 355 -23.52 -37.93 -10.79
N GLU A 356 -22.86 -38.72 -11.64
CA GLU A 356 -21.56 -39.28 -11.29
C GLU A 356 -20.55 -38.18 -10.97
N LEU A 357 -20.57 -37.10 -11.76
CA LEU A 357 -19.58 -36.03 -11.64
C LEU A 357 -20.08 -34.85 -10.79
N GLY A 358 -21.34 -34.88 -10.36
CA GLY A 358 -21.88 -33.83 -9.53
C GLY A 358 -22.36 -32.59 -10.25
N VAL A 359 -22.69 -32.67 -11.52
CA VAL A 359 -23.00 -31.40 -12.18
C VAL A 359 -24.47 -31.08 -11.99
N LEU A 360 -24.76 -29.78 -11.99
CA LEU A 360 -26.11 -29.26 -11.82
C LEU A 360 -26.71 -28.92 -13.18
N VAL A 361 -28.05 -28.93 -13.23
CA VAL A 361 -28.80 -28.68 -14.46
C VAL A 361 -29.90 -27.69 -14.15
N ASP A 362 -29.97 -26.63 -14.94
CA ASP A 362 -31.11 -25.71 -14.88
C ASP A 362 -31.60 -25.45 -16.30
N ARG A 363 -32.77 -24.83 -16.41
CA ARG A 363 -33.30 -24.60 -17.74
C ARG A 363 -34.22 -23.38 -17.68
N ASP A 364 -34.30 -22.69 -18.82
CA ASP A 364 -35.23 -21.58 -19.03
C ASP A 364 -36.09 -21.83 -20.26
N ASP A 365 -36.42 -20.78 -21.00
CA ASP A 365 -37.13 -20.94 -22.27
C ASP A 365 -36.15 -21.38 -23.36
N GLN A 366 -36.29 -22.63 -23.81
CA GLN A 366 -35.59 -23.19 -24.96
C GLN A 366 -34.09 -23.39 -24.76
N GLY A 367 -33.60 -23.33 -23.52
CA GLY A 367 -32.18 -23.56 -23.27
C GLY A 367 -31.95 -24.28 -21.96
N VAL A 368 -30.88 -25.07 -21.92
CA VAL A 368 -30.50 -25.82 -20.73
C VAL A 368 -29.06 -25.47 -20.35
N LEU A 369 -28.83 -25.30 -19.05
CA LEU A 369 -27.51 -24.99 -18.51
C LEU A 369 -27.01 -26.15 -17.69
N LEU A 370 -25.83 -26.66 -18.03
CA LEU A 370 -25.07 -27.53 -17.14
C LEU A 370 -24.03 -26.70 -16.43
N GLN A 371 -23.94 -26.83 -15.12
CA GLN A 371 -23.01 -26.02 -14.34
C GLN A 371 -22.53 -26.81 -13.15
N ILE A 372 -21.31 -26.51 -12.72
CA ILE A 372 -20.77 -27.03 -11.48
C ILE A 372 -19.77 -26.01 -10.98
N PHE A 373 -19.58 -25.96 -9.67
CA PHE A 373 -18.75 -24.94 -9.06
C PHE A 373 -17.57 -25.59 -8.36
N THR A 374 -16.40 -24.96 -8.49
CA THR A 374 -15.27 -25.38 -7.69
C THR A 374 -15.41 -24.82 -6.27
N LYS A 375 -14.72 -25.47 -5.35
CA LYS A 375 -14.41 -24.83 -4.09
C LYS A 375 -13.55 -23.60 -4.35
N PRO A 376 -13.43 -22.70 -3.40
CA PRO A 376 -12.58 -21.51 -3.59
C PRO A 376 -11.18 -21.89 -4.06
N VAL A 377 -10.62 -21.08 -4.96
CA VAL A 377 -9.40 -21.46 -5.66
C VAL A 377 -8.14 -20.90 -5.02
N GLY A 378 -8.29 -20.05 -4.01
CA GLY A 378 -7.17 -19.53 -3.24
C GLY A 378 -7.31 -19.91 -1.79
N ASP A 379 -6.70 -19.12 -0.89
CA ASP A 379 -6.74 -19.43 0.54
C ASP A 379 -8.07 -19.06 1.18
N ARG A 380 -8.74 -18.05 0.69
CA ARG A 380 -9.90 -17.53 1.39
C ARG A 380 -11.18 -17.96 0.72
N PRO A 381 -12.28 -18.04 1.49
CA PRO A 381 -13.58 -18.39 0.89
C PRO A 381 -14.11 -17.24 0.06
N THR A 382 -13.45 -16.97 -1.06
CA THR A 382 -13.82 -15.83 -1.90
C THR A 382 -14.02 -16.25 -3.35
N LEU A 383 -12.98 -16.15 -4.15
CA LEU A 383 -13.07 -16.46 -5.57
C LEU A 383 -13.23 -17.96 -5.80
N PHE A 384 -14.16 -18.33 -6.69
CA PHE A 384 -14.28 -19.70 -7.15
C PHE A 384 -14.57 -19.66 -8.65
N LEU A 385 -14.57 -20.84 -9.27
CA LEU A 385 -14.80 -20.97 -10.70
C LEU A 385 -16.11 -21.70 -10.91
N GLU A 386 -16.70 -21.47 -12.09
CA GLU A 386 -17.89 -22.18 -12.52
C GLU A 386 -17.54 -22.74 -13.89
N ILE A 387 -17.80 -24.03 -14.09
CA ILE A 387 -17.58 -24.66 -15.39
C ILE A 387 -18.93 -25.07 -15.95
N ILE A 388 -19.19 -24.71 -17.21
CA ILE A 388 -20.55 -24.81 -17.76
C ILE A 388 -20.53 -25.35 -19.19
N GLN A 389 -21.73 -25.77 -19.62
CA GLN A 389 -22.08 -25.98 -21.02
C GLN A 389 -23.51 -25.50 -21.21
N ARG A 390 -23.76 -24.79 -22.30
CA ARG A 390 -25.09 -24.31 -22.63
C ARG A 390 -25.60 -25.07 -23.84
N ILE A 391 -26.85 -25.52 -23.77
CA ILE A 391 -27.44 -26.42 -24.77
C ILE A 391 -28.69 -25.76 -25.34
N GLY A 392 -28.68 -25.48 -26.64
CA GLY A 392 -29.83 -24.92 -27.31
C GLY A 392 -29.64 -23.50 -27.82
N CYS A 393 -30.75 -22.81 -28.04
CA CYS A 393 -30.76 -21.41 -28.49
C CYS A 393 -29.88 -21.18 -29.72
N MET A 394 -29.91 -22.13 -30.65
CA MET A 394 -29.20 -21.95 -31.93
C MET A 394 -30.12 -21.21 -32.87
N GLU A 395 -29.86 -19.92 -33.06
CA GLU A 395 -30.73 -19.06 -33.88
C GLU A 395 -29.99 -18.56 -35.12
N TYR A 403 -24.80 -19.96 -34.78
CA TYR A 403 -24.34 -19.38 -33.52
C TYR A 403 -25.37 -19.61 -32.41
N GLN A 404 -24.94 -19.43 -31.15
CA GLN A 404 -25.79 -19.66 -29.99
C GLN A 404 -26.02 -18.33 -29.28
N LYS A 405 -27.27 -18.07 -28.92
CA LYS A 405 -27.60 -16.83 -28.23
C LYS A 405 -27.01 -16.82 -26.83
N GLY A 406 -26.43 -15.68 -26.44
CA GLY A 406 -25.81 -15.59 -25.13
C GLY A 406 -26.80 -15.83 -24.00
N GLY A 407 -26.30 -16.39 -22.91
CA GLY A 407 -27.14 -16.64 -21.75
C GLY A 407 -28.09 -17.80 -21.88
N CYS A 408 -27.91 -18.63 -22.92
CA CYS A 408 -28.79 -19.77 -23.17
C CYS A 408 -28.86 -20.71 -21.97
N GLY A 409 -30.04 -20.81 -21.36
CA GLY A 409 -30.23 -21.62 -20.19
C GLY A 409 -30.13 -20.86 -18.88
N GLY A 410 -29.76 -19.58 -18.92
CA GLY A 410 -29.73 -18.76 -17.72
C GLY A 410 -28.46 -18.89 -16.90
N PHE A 411 -28.59 -18.73 -15.58
CA PHE A 411 -27.43 -18.70 -14.71
C PHE A 411 -27.51 -19.66 -13.53
N GLY A 412 -28.53 -20.50 -13.46
CA GLY A 412 -28.67 -21.45 -12.38
C GLY A 412 -29.60 -21.04 -11.27
N LYS A 413 -30.48 -20.05 -11.49
CA LYS A 413 -31.37 -19.58 -10.43
C LYS A 413 -32.17 -20.72 -9.83
N GLY A 414 -32.56 -21.70 -10.65
CA GLY A 414 -33.35 -22.82 -10.17
C GLY A 414 -32.63 -23.73 -9.20
N ASN A 415 -31.30 -23.56 -9.04
CA ASN A 415 -30.54 -24.50 -8.24
C ASN A 415 -30.32 -24.07 -6.80
N PHE A 416 -30.57 -22.80 -6.46
CA PHE A 416 -30.31 -22.37 -5.09
C PHE A 416 -31.12 -23.14 -4.04
N SER A 417 -32.10 -23.96 -4.45
CA SER A 417 -32.72 -24.92 -3.54
C SER A 417 -31.97 -26.25 -3.52
N GLN A 418 -30.72 -26.18 -3.04
CA GLN A 418 -29.90 -27.36 -2.73
C GLN A 418 -29.85 -27.56 -1.23
N PHE B 36 37.10 -36.38 9.65
CA PHE B 36 37.03 -36.04 11.07
C PHE B 36 35.66 -35.53 11.46
N ASN B 37 35.06 -36.17 12.46
CA ASN B 37 33.78 -35.75 13.01
C ASN B 37 33.93 -35.56 14.51
N PRO B 38 33.99 -34.32 15.00
CA PRO B 38 34.12 -34.10 16.45
C PRO B 38 32.86 -34.37 17.23
N ARG B 39 31.73 -34.62 16.57
CA ARG B 39 30.44 -34.81 17.22
C ARG B 39 30.22 -33.76 18.31
N SER B 40 30.29 -32.49 17.91
CA SER B 40 30.26 -31.38 18.84
C SER B 40 28.87 -30.71 18.94
N ASP B 41 27.80 -31.40 18.55
CA ASP B 41 26.46 -30.83 18.68
C ASP B 41 26.20 -30.37 20.11
N ARG B 42 25.64 -29.17 20.25
CA ARG B 42 25.28 -28.63 21.54
C ARG B 42 23.97 -29.20 22.09
N PHE B 43 23.23 -29.93 21.26
CA PHE B 43 21.96 -30.52 21.66
C PHE B 43 21.65 -31.63 20.67
N HIS B 44 20.85 -32.58 21.12
CA HIS B 44 20.58 -33.81 20.36
C HIS B 44 19.68 -33.47 19.18
N THR B 45 20.24 -33.53 17.98
CA THR B 45 19.54 -33.14 16.75
C THR B 45 19.21 -34.42 15.98
N LEU B 46 17.92 -34.73 15.90
CA LEU B 46 17.52 -36.04 15.43
C LEU B 46 17.52 -36.13 13.90
N ALA B 47 16.86 -35.18 13.23
CA ALA B 47 16.61 -35.27 11.80
C ALA B 47 15.96 -33.97 11.36
N PHE B 48 15.95 -33.76 10.04
CA PHE B 48 15.07 -32.77 9.47
C PHE B 48 13.63 -33.12 9.83
N HIS B 49 12.81 -32.11 10.06
CA HIS B 49 11.40 -32.35 10.35
C HIS B 49 10.49 -31.74 9.30
N HIS B 50 10.72 -30.50 8.91
CA HIS B 50 9.95 -29.86 7.84
C HIS B 50 10.65 -28.57 7.43
N VAL B 51 10.21 -28.03 6.30
CA VAL B 51 10.57 -26.69 5.88
C VAL B 51 9.28 -25.93 5.60
N GLU B 52 9.22 -24.69 6.02
CA GLU B 52 8.03 -23.87 5.85
C GLU B 52 8.35 -22.70 4.93
N LEU B 53 7.54 -22.55 3.88
CA LEU B 53 7.60 -21.41 2.99
C LEU B 53 6.49 -20.43 3.36
N TRP B 54 6.87 -19.18 3.55
CA TRP B 54 5.89 -18.12 3.74
C TRP B 54 5.54 -17.54 2.37
N CYS B 55 4.26 -17.28 2.18
CA CYS B 55 3.73 -16.88 0.90
C CYS B 55 2.61 -15.89 1.16
N ALA B 56 2.27 -15.10 0.16
CA ALA B 56 1.01 -14.39 0.25
C ALA B 56 -0.15 -15.22 -0.28
N ASP B 57 0.15 -16.37 -0.88
CA ASP B 57 -0.85 -17.22 -1.55
C ASP B 57 -0.35 -18.65 -1.41
N ALA B 58 -0.80 -19.31 -0.33
CA ALA B 58 -0.33 -20.66 -0.06
C ALA B 58 -0.93 -21.68 -1.02
N ALA B 59 -2.21 -21.52 -1.35
CA ALA B 59 -2.92 -22.50 -2.17
C ALA B 59 -2.31 -22.65 -3.55
N SER B 60 -1.89 -21.54 -4.16
CA SER B 60 -1.24 -21.66 -5.47
C SER B 60 0.09 -22.39 -5.35
N ALA B 61 0.91 -22.00 -4.37
CA ALA B 61 2.24 -22.62 -4.25
C ALA B 61 2.15 -24.08 -3.84
N ALA B 62 1.33 -24.39 -2.83
CA ALA B 62 1.22 -25.79 -2.42
C ALA B 62 0.56 -26.62 -3.51
N GLY B 63 -0.39 -26.06 -4.25
CA GLY B 63 -1.00 -26.79 -5.35
C GLY B 63 0.03 -27.20 -6.40
N ARG B 64 0.82 -26.23 -6.85
CA ARG B 64 1.82 -26.54 -7.87
C ARG B 64 2.89 -27.47 -7.35
N PHE B 65 3.35 -27.25 -6.11
CA PHE B 65 4.36 -28.17 -5.58
C PHE B 65 3.82 -29.58 -5.43
N SER B 66 2.51 -29.73 -5.16
CA SER B 66 1.98 -31.07 -4.94
C SER B 66 2.10 -31.93 -6.19
N PHE B 67 1.59 -31.45 -7.33
CA PHE B 67 1.69 -32.28 -8.53
C PHE B 67 3.05 -32.16 -9.21
N GLY B 68 3.79 -31.07 -8.97
CA GLY B 68 5.13 -30.94 -9.53
C GLY B 68 6.13 -31.91 -8.91
N LEU B 69 6.02 -32.15 -7.61
CA LEU B 69 6.91 -33.05 -6.89
C LEU B 69 6.29 -34.39 -6.56
N GLY B 70 4.98 -34.52 -6.67
CA GLY B 70 4.29 -35.71 -6.22
C GLY B 70 4.28 -35.83 -4.70
N ALA B 71 3.88 -34.75 -4.04
CA ALA B 71 3.74 -34.75 -2.58
C ALA B 71 2.29 -34.43 -2.25
N PRO B 72 1.45 -35.44 -2.00
CA PRO B 72 0.05 -35.18 -1.69
C PRO B 72 -0.12 -34.34 -0.44
N LEU B 73 -1.20 -33.54 -0.44
CA LEU B 73 -1.60 -32.83 0.76
C LEU B 73 -1.84 -33.80 1.91
N ALA B 74 -1.32 -33.46 3.07
CA ALA B 74 -1.33 -34.37 4.21
C ALA B 74 -1.87 -33.76 5.49
N ALA B 75 -1.91 -32.43 5.61
CA ALA B 75 -2.48 -31.77 6.79
C ALA B 75 -2.82 -30.33 6.43
N ARG B 76 -3.74 -29.76 7.19
CA ARG B 76 -4.07 -28.36 7.01
C ARG B 76 -4.43 -27.74 8.35
N SER B 77 -4.17 -26.44 8.45
CA SER B 77 -4.71 -25.62 9.52
C SER B 77 -5.13 -24.31 8.87
N ASP B 78 -6.42 -23.99 8.94
CA ASP B 78 -6.94 -22.78 8.29
C ASP B 78 -8.33 -22.46 8.83
N LEU B 79 -9.08 -21.61 8.11
CA LEU B 79 -10.42 -21.24 8.57
C LEU B 79 -11.28 -22.46 8.85
N SER B 80 -11.10 -23.54 8.08
CA SER B 80 -11.89 -24.75 8.23
C SER B 80 -11.50 -25.56 9.45
N THR B 81 -10.39 -25.24 10.12
CA THR B 81 -10.04 -25.93 11.34
C THR B 81 -10.10 -25.03 12.56
N GLY B 82 -10.67 -23.83 12.44
CA GLY B 82 -10.72 -22.88 13.52
C GLY B 82 -9.56 -21.90 13.58
N ASN B 83 -8.68 -21.90 12.59
CA ASN B 83 -7.54 -21.00 12.55
C ASN B 83 -7.87 -19.87 11.59
N SER B 84 -8.17 -18.68 12.13
CA SER B 84 -8.47 -17.53 11.29
C SER B 84 -7.27 -16.61 11.13
N ALA B 85 -6.11 -17.00 11.68
CA ALA B 85 -4.89 -16.20 11.57
C ALA B 85 -4.11 -16.54 10.30
N HIS B 86 -3.86 -17.82 10.04
CA HIS B 86 -3.10 -18.18 8.84
C HIS B 86 -3.71 -19.42 8.21
N ALA B 87 -3.49 -19.54 6.89
CA ALA B 87 -3.85 -20.73 6.11
C ALA B 87 -2.57 -21.50 5.84
N SER B 88 -2.49 -22.74 6.33
CA SER B 88 -1.27 -23.55 6.21
C SER B 88 -1.61 -24.88 5.57
N LEU B 89 -0.86 -25.25 4.53
CA LEU B 89 -1.01 -26.52 3.81
C LEU B 89 0.28 -27.31 3.97
N LEU B 90 0.16 -28.58 4.38
CA LEU B 90 1.30 -29.47 4.59
C LEU B 90 1.28 -30.56 3.51
N LEU B 91 2.29 -30.54 2.64
CA LEU B 91 2.50 -31.60 1.66
C LEU B 91 3.53 -32.58 2.20
N ARG B 92 3.33 -33.86 1.91
CA ARG B 92 4.24 -34.89 2.38
C ARG B 92 4.57 -35.86 1.26
N SER B 93 5.83 -36.26 1.16
CA SER B 93 6.24 -37.38 0.32
C SER B 93 7.28 -38.16 1.10
N GLY B 94 6.93 -39.40 1.50
CA GLY B 94 7.80 -40.10 2.43
C GLY B 94 7.96 -39.29 3.71
N SER B 95 9.20 -39.12 4.14
CA SER B 95 9.45 -38.30 5.33
C SER B 95 9.55 -36.83 5.00
N LEU B 96 9.48 -36.48 3.73
CA LEU B 96 9.65 -35.10 3.33
C LEU B 96 8.35 -34.35 3.59
N SER B 97 8.43 -33.20 4.25
CA SER B 97 7.25 -32.41 4.62
C SER B 97 7.47 -30.94 4.26
N PHE B 98 6.65 -30.42 3.35
CA PHE B 98 6.63 -29.00 2.96
C PHE B 98 5.42 -28.31 3.57
N LEU B 99 5.65 -27.20 4.26
CA LEU B 99 4.56 -26.39 4.82
C LEU B 99 4.48 -25.06 4.07
N PHE B 100 3.28 -24.73 3.60
CA PHE B 100 3.02 -23.48 2.90
C PHE B 100 2.03 -22.68 3.73
N THR B 101 2.42 -21.46 4.13
CA THR B 101 1.61 -20.66 5.05
C THR B 101 1.41 -19.25 4.52
N ALA B 102 0.17 -18.77 4.56
CA ALA B 102 -0.12 -17.39 4.21
C ALA B 102 -0.98 -16.76 5.29
N PRO B 103 -0.83 -15.48 5.55
CA PRO B 103 -1.73 -14.83 6.51
C PRO B 103 -3.08 -14.49 5.88
N TYR B 104 -4.13 -14.61 6.70
CA TYR B 104 -5.41 -13.99 6.38
C TYR B 104 -5.32 -12.48 6.65
N ALA B 105 -6.16 -11.71 5.96
CA ALA B 105 -6.03 -10.25 6.03
C ALA B 105 -7.09 -9.55 6.86
N HIS B 106 -8.31 -10.07 6.90
CA HIS B 106 -9.43 -9.34 7.50
C HIS B 106 -10.20 -10.29 8.42
N GLY B 107 -10.65 -9.76 9.55
CA GLY B 107 -11.29 -10.62 10.54
C GLY B 107 -10.39 -11.70 11.08
N ALA B 108 -9.08 -11.56 10.90
CA ALA B 108 -8.12 -12.56 11.35
C ALA B 108 -7.87 -12.40 12.85
N ASP B 109 -8.00 -13.48 13.60
CA ASP B 109 -7.77 -13.44 15.04
C ASP B 109 -6.47 -14.18 15.32
N ALA B 110 -5.39 -13.43 15.55
CA ALA B 110 -4.06 -14.01 15.69
C ALA B 110 -4.03 -15.06 16.77
N ALA B 111 -4.92 -14.96 17.76
CA ALA B 111 -4.85 -15.91 18.86
C ALA B 111 -5.29 -17.31 18.46
N THR B 112 -5.84 -17.50 17.27
CA THR B 112 -6.25 -18.81 16.81
C THR B 112 -5.20 -19.49 15.95
N ALA B 113 -4.01 -18.90 15.83
CA ALA B 113 -2.95 -19.49 15.02
C ALA B 113 -2.52 -20.85 15.57
N ALA B 114 -2.40 -21.83 14.67
CA ALA B 114 -1.85 -23.11 15.06
C ALA B 114 -0.33 -23.05 15.22
N LEU B 115 0.32 -22.10 14.55
CA LEU B 115 1.74 -21.84 14.71
C LEU B 115 1.92 -20.60 15.56
N PRO B 116 2.28 -20.73 16.85
CA PRO B 116 2.33 -19.54 17.73
C PRO B 116 3.39 -18.55 17.32
N SER B 117 4.43 -18.99 16.61
CA SER B 117 5.43 -18.03 16.15
C SER B 117 4.96 -17.24 14.93
N PHE B 118 3.82 -17.59 14.34
CA PHE B 118 3.35 -16.86 13.17
C PHE B 118 3.01 -15.42 13.54
N SER B 119 3.38 -14.49 12.66
CA SER B 119 3.06 -13.08 12.83
C SER B 119 2.61 -12.53 11.50
N ALA B 120 1.35 -12.10 11.40
CA ALA B 120 0.83 -11.63 10.14
C ALA B 120 1.65 -10.48 9.58
N ALA B 121 2.07 -9.55 10.46
CA ALA B 121 2.83 -8.39 9.98
C ALA B 121 4.17 -8.81 9.41
N ALA B 122 4.87 -9.72 10.10
CA ALA B 122 6.17 -10.20 9.61
C ALA B 122 6.02 -11.01 8.32
N ALA B 123 4.95 -11.80 8.23
CA ALA B 123 4.72 -12.61 7.02
C ALA B 123 4.41 -11.75 5.81
N ARG B 124 3.62 -10.68 6.00
CA ARG B 124 3.36 -9.76 4.91
C ARG B 124 4.64 -9.07 4.44
N ARG B 125 5.45 -8.59 5.39
CA ARG B 125 6.74 -8.05 5.03
C ARG B 125 7.59 -9.07 4.29
N PHE B 126 7.59 -10.32 4.77
CA PHE B 126 8.41 -11.36 4.16
C PHE B 126 8.04 -11.58 2.70
N ALA B 127 6.75 -11.61 2.39
CA ALA B 127 6.32 -11.86 1.02
C ALA B 127 6.68 -10.68 0.11
N ALA B 128 6.51 -9.47 0.61
CA ALA B 128 6.92 -8.30 -0.16
C ALA B 128 8.43 -8.29 -0.39
N ASP B 129 9.21 -8.64 0.64
CA ASP B 129 10.67 -8.59 0.52
C ASP B 129 11.19 -9.68 -0.42
N HIS B 130 10.65 -10.89 -0.34
CA HIS B 130 11.30 -12.08 -0.92
C HIS B 130 10.49 -12.82 -1.97
N GLY B 131 9.17 -12.63 -2.04
CA GLY B 131 8.38 -13.54 -2.83
C GLY B 131 8.35 -14.93 -2.19
N LEU B 132 7.93 -15.90 -3.00
CA LEU B 132 7.88 -17.28 -2.53
C LEU B 132 9.26 -17.71 -2.05
N ALA B 133 9.39 -18.01 -0.76
CA ALA B 133 10.71 -18.30 -0.23
C ALA B 133 10.58 -19.07 1.08
N VAL B 134 11.66 -19.77 1.43
CA VAL B 134 11.69 -20.55 2.67
C VAL B 134 11.80 -19.61 3.86
N ARG B 135 10.91 -19.79 4.82
CA ARG B 135 10.96 -19.05 6.08
C ARG B 135 11.62 -19.83 7.20
N ALA B 136 11.31 -21.11 7.33
CA ALA B 136 11.78 -21.93 8.44
C ALA B 136 12.38 -23.22 7.93
N VAL B 137 13.57 -23.53 8.41
CA VAL B 137 14.15 -24.86 8.30
C VAL B 137 13.96 -25.51 9.66
N ALA B 138 13.16 -26.57 9.73
CA ALA B 138 12.78 -27.14 11.01
C ALA B 138 13.51 -28.46 11.24
N LEU B 139 14.14 -28.55 12.42
CA LEU B 139 14.79 -29.75 12.87
C LEU B 139 14.04 -30.34 14.05
N ARG B 140 13.89 -31.66 14.05
CA ARG B 140 13.42 -32.38 15.23
C ARG B 140 14.60 -32.56 16.18
N VAL B 141 14.44 -32.09 17.41
CA VAL B 141 15.50 -32.22 18.41
C VAL B 141 14.93 -33.03 19.58
N ALA B 142 15.79 -33.32 20.57
CA ALA B 142 15.32 -34.09 21.72
C ALA B 142 14.41 -33.26 22.61
N ASP B 143 14.72 -31.98 22.76
CA ASP B 143 13.92 -31.06 23.55
C ASP B 143 14.12 -29.66 22.99
N ALA B 144 13.04 -29.08 22.45
CA ALA B 144 13.14 -27.79 21.80
C ALA B 144 13.53 -26.68 22.76
N GLU B 145 13.14 -26.79 24.03
CA GLU B 145 13.54 -25.79 25.01
C GLU B 145 15.04 -25.84 25.26
N ASP B 146 15.58 -27.05 25.46
CA ASP B 146 17.02 -27.18 25.69
C ASP B 146 17.81 -26.76 24.45
N ALA B 147 17.36 -27.16 23.26
CA ALA B 147 18.05 -26.74 22.05
C ALA B 147 18.07 -25.21 21.93
N PHE B 148 16.97 -24.57 22.31
CA PHE B 148 16.91 -23.12 22.28
C PHE B 148 17.85 -22.49 23.29
N ARG B 149 17.79 -22.95 24.54
CA ARG B 149 18.63 -22.35 25.58
C ARG B 149 20.11 -22.49 25.24
N ALA B 150 20.53 -23.71 24.86
CA ALA B 150 21.92 -23.94 24.52
C ALA B 150 22.34 -23.14 23.29
N SER B 151 21.41 -22.89 22.36
CA SER B 151 21.75 -22.11 21.17
C SER B 151 22.02 -20.66 21.54
N VAL B 152 21.08 -20.00 22.22
CA VAL B 152 21.30 -18.58 22.51
C VAL B 152 22.44 -18.41 23.51
N ALA B 153 22.64 -19.38 24.41
CA ALA B 153 23.83 -19.32 25.26
C ALA B 153 25.11 -19.34 24.44
N ALA B 154 25.06 -19.91 23.23
CA ALA B 154 26.21 -19.94 22.32
C ALA B 154 26.12 -18.91 21.21
N GLY B 155 25.29 -17.88 21.38
CA GLY B 155 25.30 -16.75 20.47
C GLY B 155 24.11 -16.64 19.52
N ALA B 156 23.18 -17.59 19.54
CA ALA B 156 22.07 -17.56 18.60
C ALA B 156 21.18 -16.36 18.87
N ARG B 157 20.80 -15.67 17.81
CA ARG B 157 19.83 -14.59 17.91
C ARG B 157 18.46 -15.20 18.08
N PRO B 158 17.80 -15.01 19.23
CA PRO B 158 16.51 -15.66 19.45
C PRO B 158 15.46 -15.12 18.50
N ALA B 159 14.57 -16.01 18.04
CA ALA B 159 13.49 -15.59 17.16
C ALA B 159 12.12 -15.87 17.75
N PHE B 160 11.95 -16.97 18.48
CA PHE B 160 10.70 -17.24 19.18
C PHE B 160 11.01 -18.17 20.33
N GLY B 161 10.77 -17.71 21.56
CA GLY B 161 11.06 -18.50 22.73
C GLY B 161 10.25 -19.78 22.77
N PRO B 162 10.76 -20.79 23.48
CA PRO B 162 10.09 -22.09 23.47
C PRO B 162 8.69 -22.00 24.05
N VAL B 163 7.77 -22.75 23.44
CA VAL B 163 6.39 -22.82 23.86
C VAL B 163 5.94 -24.27 23.79
N ASP B 164 4.94 -24.60 24.57
CA ASP B 164 4.35 -25.93 24.52
C ASP B 164 3.12 -25.87 23.62
N LEU B 165 3.09 -26.76 22.62
CA LEU B 165 1.93 -26.86 21.74
C LEU B 165 0.92 -27.88 22.23
N GLY B 166 1.20 -28.55 23.33
CA GLY B 166 0.33 -29.60 23.81
C GLY B 166 0.76 -30.97 23.31
N ARG B 167 0.23 -32.00 23.97
CA ARG B 167 0.56 -33.39 23.67
C ARG B 167 2.07 -33.63 23.68
N GLY B 168 2.80 -32.85 24.48
CA GLY B 168 4.23 -33.00 24.59
C GLY B 168 5.05 -32.28 23.52
N PHE B 169 4.39 -31.62 22.56
CA PHE B 169 5.12 -30.92 21.51
C PHE B 169 5.66 -29.60 22.05
N ARG B 170 6.92 -29.32 21.75
CA ARG B 170 7.52 -28.02 22.03
C ARG B 170 8.06 -27.43 20.74
N LEU B 171 8.09 -26.10 20.67
CA LEU B 171 8.56 -25.38 19.50
C LEU B 171 9.38 -24.17 19.93
N ALA B 172 10.47 -23.91 19.21
CA ALA B 172 11.29 -22.73 19.43
C ALA B 172 11.97 -22.36 18.13
N GLU B 173 12.37 -21.10 18.01
CA GLU B 173 13.04 -20.64 16.80
C GLU B 173 14.20 -19.73 17.15
N VAL B 174 15.30 -19.86 16.40
CA VAL B 174 16.40 -18.91 16.43
C VAL B 174 16.67 -18.47 14.99
N GLU B 175 17.30 -17.31 14.83
CA GLU B 175 17.66 -16.82 13.50
C GLU B 175 18.77 -17.66 12.89
N LEU B 176 18.62 -18.02 11.61
CA LEU B 176 19.62 -18.82 10.90
C LEU B 176 20.51 -17.95 10.01
N TYR B 177 19.91 -17.28 9.04
CA TYR B 177 20.55 -16.26 8.22
C TYR B 177 19.43 -15.41 7.63
N GLY B 178 19.68 -14.12 7.45
CA GLY B 178 18.64 -13.21 6.99
C GLY B 178 17.34 -13.39 7.76
N ASP B 179 16.20 -13.44 7.04
CA ASP B 179 14.90 -13.71 7.63
C ASP B 179 14.56 -15.19 7.73
N VAL B 180 15.52 -16.08 7.54
CA VAL B 180 15.27 -17.51 7.69
C VAL B 180 15.57 -17.92 9.13
N VAL B 181 14.64 -18.65 9.73
CA VAL B 181 14.80 -19.14 11.09
C VAL B 181 15.11 -20.63 11.07
N LEU B 182 15.87 -21.06 12.07
CA LEU B 182 16.04 -22.46 12.39
C LEU B 182 15.03 -22.82 13.46
N ARG B 183 14.11 -23.71 13.14
CA ARG B 183 13.02 -24.07 14.03
C ARG B 183 13.34 -25.42 14.69
N TYR B 184 13.27 -25.45 16.02
CA TYR B 184 13.39 -26.69 16.78
C TYR B 184 12.01 -27.18 17.13
N VAL B 185 11.74 -28.46 16.91
CA VAL B 185 10.53 -29.08 17.41
C VAL B 185 10.91 -30.39 18.08
N SER B 186 10.17 -30.73 19.13
CA SER B 186 10.40 -31.95 19.88
C SER B 186 9.05 -32.50 20.32
N TYR B 187 9.00 -33.82 20.49
CA TYR B 187 7.79 -34.52 20.92
C TYR B 187 8.17 -35.97 21.22
N PRO B 188 7.40 -36.66 22.07
CA PRO B 188 7.71 -38.05 22.39
C PRO B 188 7.46 -38.96 21.19
N ASP B 189 8.17 -40.10 21.19
CA ASP B 189 8.07 -41.03 20.07
C ASP B 189 6.73 -41.74 20.03
N GLY B 190 5.97 -41.72 21.11
CA GLY B 190 4.59 -42.18 21.06
C GLY B 190 3.63 -41.23 20.37
N ALA B 191 4.11 -40.04 19.96
CA ALA B 191 3.28 -39.08 19.26
C ALA B 191 3.38 -39.24 17.74
N ALA B 192 4.58 -39.59 17.24
CA ALA B 192 4.90 -39.78 15.82
C ALA B 192 3.73 -39.88 14.86
N GLY B 193 2.67 -40.63 15.24
CA GLY B 193 1.49 -40.78 14.40
C GLY B 193 0.55 -39.59 14.34
N GLU B 194 0.86 -38.50 15.03
CA GLU B 194 0.11 -37.28 14.83
C GLU B 194 0.38 -36.72 13.44
N PRO B 195 -0.63 -36.13 12.78
CA PRO B 195 -0.43 -35.67 11.39
C PRO B 195 0.77 -34.76 11.19
N PHE B 196 0.97 -33.77 12.06
CA PHE B 196 2.07 -32.84 11.90
C PHE B 196 2.41 -32.16 13.21
N LEU B 197 1.67 -31.12 13.55
CA LEU B 197 1.75 -30.43 14.83
C LEU B 197 0.34 -30.27 15.36
N PRO B 198 0.18 -30.14 16.69
CA PRO B 198 -1.15 -29.87 17.25
C PRO B 198 -1.81 -28.67 16.59
N GLY B 199 -3.13 -28.78 16.37
CA GLY B 199 -3.88 -27.77 15.65
C GLY B 199 -4.04 -28.08 14.16
N PHE B 200 -3.23 -28.98 13.63
CA PHE B 200 -3.34 -29.40 12.24
C PHE B 200 -4.24 -30.62 12.14
N GLU B 201 -5.06 -30.64 11.11
CA GLU B 201 -5.99 -31.73 10.86
C GLU B 201 -5.51 -32.53 9.65
N GLY B 202 -5.56 -33.85 9.78
CA GLY B 202 -5.07 -34.71 8.71
C GLY B 202 -5.88 -34.56 7.43
N VAL B 203 -5.20 -34.76 6.31
CA VAL B 203 -5.83 -34.81 4.99
C VAL B 203 -5.50 -36.17 4.42
N ALA B 204 -6.54 -36.94 4.06
CA ALA B 204 -6.34 -38.33 3.69
C ALA B 204 -5.79 -38.48 2.27
N SER B 205 -6.27 -37.66 1.34
CA SER B 205 -5.90 -37.73 -0.07
C SER B 205 -6.06 -39.16 -0.55
N PRO B 206 -7.31 -39.55 -0.88
CA PRO B 206 -7.69 -40.98 -0.97
C PRO B 206 -6.66 -41.91 -1.61
N GLY B 207 -6.59 -41.94 -2.94
CA GLY B 207 -5.59 -42.77 -3.59
C GLY B 207 -4.46 -41.98 -4.21
N ALA B 208 -4.06 -40.91 -3.53
CA ALA B 208 -3.00 -40.06 -4.06
C ALA B 208 -1.64 -40.74 -3.91
N ALA B 209 -0.85 -40.71 -4.97
CA ALA B 209 0.44 -41.38 -5.00
C ALA B 209 1.56 -40.34 -5.10
N ASP B 210 2.67 -40.63 -4.43
CA ASP B 210 3.85 -39.78 -4.53
C ASP B 210 4.70 -40.22 -5.71
N TYR B 211 5.75 -39.46 -6.01
CA TYR B 211 6.68 -39.85 -7.07
C TYR B 211 7.99 -40.40 -6.53
N GLY B 212 8.02 -40.86 -5.28
CA GLY B 212 9.21 -41.51 -4.78
C GLY B 212 10.18 -40.63 -3.99
N LEU B 213 9.97 -39.31 -3.95
CA LEU B 213 10.81 -38.49 -3.07
C LEU B 213 10.61 -38.97 -1.64
N SER B 214 11.70 -39.10 -0.90
CA SER B 214 11.60 -39.73 0.40
C SER B 214 12.07 -38.87 1.57
N ARG B 215 12.99 -37.92 1.38
CA ARG B 215 13.47 -37.16 2.54
C ARG B 215 14.35 -36.01 2.07
N PHE B 216 14.54 -35.05 2.97
CA PHE B 216 15.43 -33.93 2.74
C PHE B 216 16.85 -34.41 2.85
N ASP B 217 17.67 -34.10 1.86
CA ASP B 217 19.09 -34.42 1.96
C ASP B 217 19.89 -33.25 2.51
N HIS B 218 19.74 -32.06 1.91
CA HIS B 218 20.42 -30.88 2.44
C HIS B 218 19.68 -29.64 1.97
N ILE B 219 19.89 -28.56 2.71
CA ILE B 219 19.26 -27.26 2.43
C ILE B 219 20.33 -26.21 2.51
N VAL B 220 20.42 -25.37 1.48
CA VAL B 220 21.58 -24.52 1.24
C VAL B 220 21.16 -23.06 1.33
N GLY B 221 21.92 -22.27 2.08
CA GLY B 221 21.70 -20.84 2.20
C GLY B 221 22.81 -20.09 1.49
N ASN B 222 22.43 -18.97 0.88
CA ASN B 222 23.37 -18.00 0.31
C ASN B 222 23.49 -16.82 1.24
N VAL B 223 24.73 -16.34 1.43
CA VAL B 223 25.00 -15.14 2.23
C VAL B 223 26.07 -14.32 1.54
N PRO B 224 26.13 -13.02 1.84
CA PRO B 224 27.19 -12.20 1.25
C PRO B 224 28.57 -12.56 1.76
N GLU B 225 28.70 -13.02 3.00
CA GLU B 225 30.00 -13.30 3.60
C GLU B 225 29.91 -14.62 4.35
N LEU B 226 30.64 -15.61 3.85
CA LEU B 226 30.59 -16.95 4.40
C LEU B 226 31.16 -17.02 5.81
N ALA B 227 32.35 -16.46 6.02
CA ALA B 227 33.06 -16.66 7.29
C ALA B 227 32.25 -16.20 8.49
N PRO B 228 31.69 -14.98 8.53
CA PRO B 228 30.87 -14.61 9.70
C PRO B 228 29.61 -15.44 9.85
N ALA B 229 28.91 -15.71 8.74
CA ALA B 229 27.67 -16.48 8.80
C ALA B 229 27.91 -17.88 9.34
N ALA B 230 28.99 -18.54 8.88
CA ALA B 230 29.29 -19.88 9.35
C ALA B 230 29.77 -19.86 10.80
N ALA B 231 30.58 -18.86 11.16
CA ALA B 231 31.03 -18.74 12.55
C ALA B 231 29.84 -18.60 13.51
N TYR B 232 28.87 -17.78 13.13
CA TYR B 232 27.67 -17.63 13.94
C TYR B 232 26.88 -18.93 14.00
N PHE B 233 26.62 -19.53 12.83
CA PHE B 233 25.74 -20.69 12.74
C PHE B 233 26.39 -21.93 13.36
N ALA B 234 27.62 -22.27 12.94
CA ALA B 234 28.31 -23.38 13.60
C ALA B 234 28.52 -23.08 15.08
N GLY B 235 28.71 -21.80 15.41
CA GLY B 235 28.93 -21.42 16.80
C GLY B 235 27.77 -21.80 17.71
N PHE B 236 26.54 -21.47 17.32
CA PHE B 236 25.46 -21.72 18.26
C PHE B 236 24.94 -23.15 18.21
N THR B 237 25.15 -23.87 17.10
CA THR B 237 24.65 -25.24 17.02
C THR B 237 25.66 -26.26 17.50
N GLY B 238 26.96 -25.98 17.32
CA GLY B 238 27.97 -27.00 17.41
C GLY B 238 28.04 -27.90 16.20
N PHE B 239 27.27 -27.61 15.14
CA PHE B 239 27.40 -28.37 13.91
C PHE B 239 28.83 -28.25 13.40
N HIS B 240 29.34 -29.32 12.80
CA HIS B 240 30.74 -29.40 12.42
C HIS B 240 30.89 -29.33 10.91
N GLU B 241 32.04 -28.80 10.48
CA GLU B 241 32.33 -28.70 9.06
C GLU B 241 32.44 -30.09 8.45
N PHE B 242 31.66 -30.33 7.40
CA PHE B 242 31.62 -31.62 6.72
C PHE B 242 32.37 -31.58 5.40
N ALA B 243 32.34 -30.46 4.69
CA ALA B 243 33.11 -30.28 3.47
C ALA B 243 33.23 -28.79 3.18
N GLU B 244 34.22 -28.46 2.35
CA GLU B 244 34.35 -27.11 1.82
C GLU B 244 34.76 -27.20 0.36
N PHE B 245 34.31 -26.20 -0.40
CA PHE B 245 34.46 -26.20 -1.86
C PHE B 245 34.69 -24.77 -2.34
N THR B 246 35.38 -24.68 -3.48
CA THR B 246 35.47 -23.44 -4.26
C THR B 246 35.07 -23.75 -5.69
N THR B 247 34.26 -22.87 -6.29
CA THR B 247 33.81 -23.06 -7.67
C THR B 247 34.74 -22.37 -8.68
N GLY B 256 31.29 -19.03 -9.81
CA GLY B 256 32.07 -18.56 -8.68
C GLY B 256 31.32 -18.57 -7.37
N LEU B 257 31.70 -19.47 -6.47
CA LEU B 257 31.15 -19.52 -5.13
C LEU B 257 32.15 -20.24 -4.23
N ASN B 258 32.17 -19.85 -2.96
CA ASN B 258 32.82 -20.62 -1.91
C ASN B 258 31.74 -21.19 -1.01
N SER B 259 31.90 -22.44 -0.60
CA SER B 259 30.86 -23.14 0.13
C SER B 259 31.44 -23.90 1.31
N MET B 260 30.62 -24.05 2.35
CA MET B 260 30.98 -24.82 3.54
C MET B 260 29.74 -25.59 3.96
N VAL B 261 29.89 -26.90 4.14
CA VAL B 261 28.81 -27.77 4.59
C VAL B 261 28.95 -27.96 6.09
N LEU B 262 27.87 -27.68 6.83
CA LEU B 262 27.78 -27.95 8.26
C LEU B 262 26.85 -29.14 8.47
N ALA B 263 27.17 -29.96 9.47
CA ALA B 263 26.45 -31.20 9.71
C ALA B 263 26.28 -31.42 11.21
N ASN B 264 25.21 -32.14 11.57
CA ASN B 264 25.04 -32.58 12.94
C ASN B 264 25.89 -33.83 13.19
N ASN B 265 25.83 -34.35 14.43
CA ASN B 265 26.69 -35.48 14.81
C ASN B 265 26.51 -36.67 13.86
N SER B 266 25.27 -37.13 13.68
CA SER B 266 25.04 -38.28 12.81
C SER B 266 25.21 -37.93 11.33
N GLU B 267 25.29 -36.64 10.99
CA GLU B 267 25.48 -36.17 9.61
C GLU B 267 24.30 -36.56 8.72
N ASN B 268 23.12 -36.67 9.30
CA ASN B 268 21.88 -36.76 8.53
C ASN B 268 21.18 -35.40 8.38
N VAL B 269 21.69 -34.35 9.02
CA VAL B 269 21.24 -32.99 8.79
C VAL B 269 22.42 -32.23 8.20
N LEU B 270 22.29 -31.82 6.94
CA LEU B 270 23.34 -31.13 6.19
C LEU B 270 22.84 -29.75 5.77
N LEU B 271 23.55 -28.72 6.23
CA LEU B 271 23.12 -27.33 6.00
C LEU B 271 24.31 -26.53 5.48
N PRO B 272 24.51 -26.50 4.17
CA PRO B 272 25.60 -25.72 3.58
C PRO B 272 25.28 -24.24 3.46
N LEU B 273 26.36 -23.45 3.35
CA LEU B 273 26.30 -22.01 3.13
C LEU B 273 27.21 -21.65 1.97
N ASN B 274 26.73 -20.75 1.10
CA ASN B 274 27.53 -20.23 0.00
C ASN B 274 27.72 -18.74 0.16
N GLU B 275 28.88 -18.25 -0.29
CA GLU B 275 29.08 -16.84 -0.57
C GLU B 275 29.50 -16.70 -2.02
N PRO B 276 29.30 -15.53 -2.61
CA PRO B 276 29.78 -15.33 -3.97
C PRO B 276 31.27 -15.07 -3.94
N VAL B 277 31.91 -15.29 -5.09
CA VAL B 277 33.30 -14.92 -5.27
C VAL B 277 33.32 -13.56 -5.96
N HIS B 278 33.91 -12.56 -5.28
CA HIS B 278 34.09 -11.23 -5.90
C HIS B 278 35.25 -11.24 -6.89
N SER B 284 27.51 -13.24 -11.09
CA SER B 284 27.56 -14.52 -10.41
C SER B 284 26.16 -15.01 -9.97
N GLN B 285 25.99 -16.33 -10.04
CA GLN B 285 24.71 -16.93 -9.68
C GLN B 285 24.35 -16.64 -8.23
N ILE B 286 25.35 -16.61 -7.34
CA ILE B 286 25.06 -16.33 -5.93
C ILE B 286 24.64 -14.87 -5.75
N GLN B 287 25.37 -13.93 -6.35
CA GLN B 287 24.99 -12.53 -6.19
C GLN B 287 23.64 -12.23 -6.82
N THR B 288 23.29 -12.91 -7.92
CA THR B 288 21.97 -12.71 -8.50
C THR B 288 20.88 -13.13 -7.52
N PHE B 289 21.10 -14.22 -6.80
CA PHE B 289 20.18 -14.62 -5.75
C PHE B 289 20.06 -13.52 -4.71
N LEU B 290 21.19 -13.06 -4.17
CA LEU B 290 21.13 -12.07 -3.10
C LEU B 290 20.43 -10.79 -3.57
N ASP B 291 20.71 -10.35 -4.79
CA ASP B 291 20.10 -9.13 -5.32
C ASP B 291 18.58 -9.26 -5.39
N HIS B 292 18.09 -10.36 -5.97
CA HIS B 292 16.66 -10.52 -6.18
C HIS B 292 15.91 -10.97 -4.93
N HIS B 293 16.58 -11.70 -4.04
CA HIS B 293 15.97 -12.08 -2.78
C HIS B 293 15.95 -10.94 -1.76
N GLY B 294 16.85 -9.97 -1.89
CA GLY B 294 16.95 -8.90 -0.93
C GLY B 294 17.82 -9.18 0.27
N GLY B 295 18.62 -10.25 0.24
CA GLY B 295 19.47 -10.59 1.35
C GLY B 295 19.71 -12.09 1.36
N PRO B 296 20.26 -12.60 2.45
CA PRO B 296 20.51 -14.04 2.56
C PRO B 296 19.20 -14.83 2.57
N GLY B 297 19.31 -16.10 2.20
CA GLY B 297 18.14 -16.95 2.21
C GLY B 297 18.47 -18.32 1.65
N VAL B 298 17.43 -19.16 1.58
CA VAL B 298 17.60 -20.52 1.09
C VAL B 298 17.68 -20.51 -0.43
N GLN B 299 18.80 -21.01 -0.97
CA GLN B 299 19.02 -21.10 -2.41
C GLN B 299 18.44 -22.39 -2.99
N HIS B 300 18.73 -23.53 -2.36
CA HIS B 300 18.12 -24.74 -2.87
C HIS B 300 17.91 -25.74 -1.76
N MET B 301 16.96 -26.64 -2.01
CA MET B 301 16.67 -27.78 -1.16
C MET B 301 16.84 -29.03 -2.00
N ALA B 302 17.64 -29.96 -1.52
CA ALA B 302 17.92 -31.21 -2.22
C ALA B 302 17.02 -32.29 -1.63
N LEU B 303 16.25 -32.94 -2.51
CA LEU B 303 15.23 -33.91 -2.14
C LEU B 303 15.67 -35.24 -2.71
N ALA B 304 15.81 -36.24 -1.84
CA ALA B 304 16.37 -37.53 -2.24
C ALA B 304 15.25 -38.52 -2.55
N SER B 305 15.53 -39.39 -3.52
CA SER B 305 14.68 -40.50 -3.90
C SER B 305 15.53 -41.76 -3.90
N ASP B 306 14.91 -42.90 -3.61
CA ASP B 306 15.63 -44.15 -3.78
C ASP B 306 15.68 -44.62 -5.23
N ASP B 307 14.91 -43.99 -6.11
CA ASP B 307 14.96 -44.30 -7.54
C ASP B 307 14.75 -42.97 -8.27
N VAL B 308 15.83 -42.20 -8.42
CA VAL B 308 15.68 -40.82 -8.91
C VAL B 308 15.26 -40.80 -10.38
N LEU B 309 15.68 -41.79 -11.18
CA LEU B 309 15.29 -41.77 -12.59
C LEU B 309 13.79 -42.02 -12.75
N ARG B 310 13.23 -42.92 -11.95
CA ARG B 310 11.78 -43.11 -11.98
C ARG B 310 11.07 -41.87 -11.47
N THR B 311 11.56 -41.30 -10.35
CA THR B 311 10.99 -40.07 -9.83
C THR B 311 11.01 -38.96 -10.88
N LEU B 312 12.16 -38.76 -11.54
CA LEU B 312 12.29 -37.67 -12.50
C LEU B 312 11.42 -37.88 -13.72
N ARG B 313 11.22 -39.14 -14.14
CA ARG B 313 10.32 -39.39 -15.24
C ARG B 313 8.93 -38.85 -14.94
N GLU B 314 8.45 -39.07 -13.71
CA GLU B 314 7.13 -38.57 -13.33
C GLU B 314 7.11 -37.05 -13.20
N MET B 315 8.17 -36.46 -12.64
CA MET B 315 8.20 -35.00 -12.51
C MET B 315 8.22 -34.33 -13.88
N GLN B 316 9.08 -34.83 -14.78
CA GLN B 316 9.19 -34.20 -16.08
C GLN B 316 7.93 -34.40 -16.92
N ALA B 317 7.17 -35.47 -16.66
CA ALA B 317 5.89 -35.61 -17.35
C ALA B 317 4.92 -34.48 -16.97
N ARG B 318 5.16 -33.78 -15.85
CA ARG B 318 4.27 -32.70 -15.41
C ARG B 318 4.73 -31.32 -15.88
N SER B 319 5.91 -31.22 -16.48
CA SER B 319 6.50 -29.91 -16.75
C SER B 319 5.63 -29.09 -17.69
N ALA B 320 5.13 -29.71 -18.77
CA ALA B 320 4.46 -28.94 -19.82
C ALA B 320 3.17 -28.31 -19.35
N MET B 321 2.50 -28.90 -18.37
CA MET B 321 1.19 -28.43 -17.93
C MET B 321 1.27 -27.83 -16.53
N GLY B 322 2.37 -27.12 -16.25
CA GLY B 322 2.49 -26.31 -15.06
C GLY B 322 3.43 -26.83 -14.00
N GLY B 323 4.04 -28.00 -14.18
CA GLY B 323 5.03 -28.50 -13.24
C GLY B 323 6.34 -27.72 -13.32
N PHE B 324 7.43 -28.31 -12.79
CA PHE B 324 8.72 -27.64 -12.75
C PHE B 324 9.54 -27.98 -13.98
N GLU B 325 10.30 -27.01 -14.46
CA GLU B 325 11.24 -27.25 -15.55
C GLU B 325 12.61 -27.54 -14.97
N PHE B 326 13.43 -28.28 -15.72
CA PHE B 326 14.75 -28.69 -15.25
C PHE B 326 15.81 -28.07 -16.13
N MET B 327 17.03 -27.98 -15.58
CA MET B 327 18.17 -27.56 -16.38
C MET B 327 18.37 -28.54 -17.54
N ALA B 328 18.64 -28.01 -18.72
CA ALA B 328 18.72 -28.82 -19.93
C ALA B 328 19.83 -29.87 -19.81
N PRO B 329 19.67 -31.02 -20.45
CA PRO B 329 20.69 -32.06 -20.38
C PRO B 329 22.00 -31.59 -20.95
N PRO B 330 23.11 -31.94 -20.31
CA PRO B 330 24.42 -31.66 -20.92
C PRO B 330 24.55 -32.42 -22.23
N THR B 331 25.54 -32.02 -23.04
CA THR B 331 25.73 -32.62 -24.35
C THR B 331 26.32 -34.04 -24.21
N SER B 332 26.27 -34.79 -25.30
CA SER B 332 26.58 -36.22 -25.24
C SER B 332 28.01 -36.49 -24.77
N ASP B 333 28.94 -35.55 -25.02
CA ASP B 333 30.30 -35.78 -24.57
C ASP B 333 30.39 -35.84 -23.05
N TYR B 334 29.53 -35.11 -22.34
CA TYR B 334 29.48 -35.23 -20.89
C TYR B 334 29.18 -36.67 -20.46
N TYR B 335 28.28 -37.34 -21.16
CA TYR B 335 27.91 -38.68 -20.75
C TYR B 335 28.97 -39.71 -21.12
N ASP B 336 29.80 -39.44 -22.14
CA ASP B 336 30.98 -40.26 -22.33
C ASP B 336 31.88 -40.18 -21.11
N GLY B 337 31.97 -39.00 -20.51
CA GLY B 337 32.72 -38.85 -19.28
C GLY B 337 32.13 -39.64 -18.13
N VAL B 338 30.80 -39.66 -18.02
CA VAL B 338 30.16 -40.46 -16.99
C VAL B 338 30.53 -41.93 -17.15
N ARG B 339 30.53 -42.42 -18.39
CA ARG B 339 30.89 -43.81 -18.65
C ARG B 339 32.32 -44.08 -18.18
N ARG B 340 33.23 -43.12 -18.41
CA ARG B 340 34.60 -43.30 -17.95
C ARG B 340 34.69 -43.31 -16.42
N ARG B 341 33.89 -42.46 -15.77
CA ARG B 341 34.03 -42.26 -14.33
C ARG B 341 33.15 -43.17 -13.48
N ALA B 342 32.05 -43.68 -14.03
CA ALA B 342 31.04 -44.36 -13.20
C ALA B 342 30.57 -45.66 -13.81
N GLY B 343 31.33 -46.25 -14.73
CA GLY B 343 31.02 -47.55 -15.31
C GLY B 343 31.16 -48.72 -14.38
N ASP B 344 31.67 -48.50 -13.17
CA ASP B 344 31.69 -49.52 -12.14
C ASP B 344 30.48 -49.44 -11.23
N VAL B 345 29.60 -48.46 -11.43
CA VAL B 345 28.45 -48.31 -10.56
C VAL B 345 27.15 -48.30 -11.36
N LEU B 346 27.13 -47.59 -12.49
CA LEU B 346 25.93 -47.49 -13.31
C LEU B 346 26.06 -48.38 -14.54
N THR B 347 24.94 -48.98 -14.94
CA THR B 347 24.86 -49.68 -16.20
C THR B 347 24.76 -48.71 -17.37
N GLU B 348 25.02 -49.24 -18.57
CA GLU B 348 24.83 -48.45 -19.79
C GLU B 348 23.40 -47.93 -19.90
N ALA B 349 22.42 -48.76 -19.53
CA ALA B 349 21.03 -48.32 -19.59
C ALA B 349 20.79 -47.14 -18.65
N GLN B 350 21.31 -47.21 -17.43
CA GLN B 350 21.15 -46.09 -16.50
C GLN B 350 21.79 -44.83 -17.05
N ILE B 351 22.97 -44.95 -17.65
CA ILE B 351 23.67 -43.78 -18.17
C ILE B 351 22.89 -43.16 -19.32
N LYS B 352 22.33 -44.01 -20.19
CA LYS B 352 21.49 -43.49 -21.27
C LYS B 352 20.24 -42.79 -20.74
N GLU B 353 19.65 -43.33 -19.67
CA GLU B 353 18.47 -42.68 -19.09
C GLU B 353 18.85 -41.38 -18.40
N CYS B 354 20.02 -41.36 -17.72
CA CYS B 354 20.53 -40.11 -17.17
C CYS B 354 20.60 -39.05 -18.26
N GLN B 355 21.18 -39.39 -19.41
CA GLN B 355 21.30 -38.44 -20.51
C GLN B 355 19.92 -37.99 -20.98
N GLU B 356 18.99 -38.93 -21.14
CA GLU B 356 17.65 -38.56 -21.58
C GLU B 356 17.00 -37.56 -20.62
N LEU B 357 17.18 -37.76 -19.32
CA LEU B 357 16.56 -36.91 -18.32
C LEU B 357 17.37 -35.66 -18.01
N GLY B 358 18.66 -35.65 -18.32
CA GLY B 358 19.55 -34.57 -17.96
C GLY B 358 20.21 -34.68 -16.61
N VAL B 359 20.27 -35.86 -16.01
CA VAL B 359 20.83 -35.92 -14.67
C VAL B 359 22.35 -35.99 -14.76
N LEU B 360 22.98 -35.38 -13.77
CA LEU B 360 24.43 -35.30 -13.62
C LEU B 360 24.87 -36.38 -12.66
N VAL B 361 26.09 -36.85 -12.87
CA VAL B 361 26.66 -37.93 -12.10
C VAL B 361 28.01 -37.45 -11.60
N ASP B 362 28.21 -37.49 -10.29
CA ASP B 362 29.49 -37.17 -9.70
C ASP B 362 29.84 -38.26 -8.70
N ARG B 363 31.05 -38.22 -8.19
CA ARG B 363 31.48 -39.29 -7.31
C ARG B 363 32.58 -38.77 -6.38
N ASP B 364 32.61 -39.33 -5.17
CA ASP B 364 33.69 -39.09 -4.22
C ASP B 364 34.37 -40.41 -3.88
N ASP B 365 34.97 -40.49 -2.69
CA ASP B 365 35.52 -41.75 -2.21
C ASP B 365 34.42 -42.78 -2.04
N GLN B 366 34.29 -43.69 -3.02
CA GLN B 366 33.40 -44.85 -2.93
C GLN B 366 31.94 -44.47 -2.69
N GLY B 367 31.50 -43.34 -3.25
CA GLY B 367 30.08 -43.06 -3.35
C GLY B 367 29.78 -42.32 -4.64
N VAL B 368 28.55 -42.48 -5.13
CA VAL B 368 28.09 -41.84 -6.37
C VAL B 368 26.86 -40.99 -6.08
N LEU B 369 26.87 -39.76 -6.59
CA LEU B 369 25.71 -38.87 -6.51
C LEU B 369 25.10 -38.71 -7.90
N LEU B 370 23.79 -38.91 -7.98
CA LEU B 370 22.99 -38.52 -9.14
C LEU B 370 22.18 -37.30 -8.73
N GLN B 371 22.27 -36.23 -9.51
CA GLN B 371 21.60 -34.99 -9.16
C GLN B 371 21.11 -34.32 -10.44
N ILE B 372 20.01 -33.59 -10.31
CA ILE B 372 19.55 -32.67 -11.34
C ILE B 372 18.92 -31.48 -10.62
N PHE B 373 18.99 -30.30 -11.25
CA PHE B 373 18.44 -29.07 -10.69
C PHE B 373 17.24 -28.58 -11.49
N THR B 374 16.24 -28.06 -10.80
CA THR B 374 15.17 -27.35 -11.47
C THR B 374 15.61 -25.94 -11.82
N LYS B 375 14.89 -25.32 -12.76
CA LYS B 375 14.87 -23.87 -12.88
C LYS B 375 14.29 -23.27 -11.61
N PRO B 376 14.43 -21.97 -11.35
CA PRO B 376 13.83 -21.40 -10.14
C PRO B 376 12.34 -21.74 -10.06
N VAL B 377 11.88 -22.03 -8.83
CA VAL B 377 10.52 -22.54 -8.64
C VAL B 377 9.48 -21.44 -8.56
N GLY B 378 9.89 -20.18 -8.43
CA GLY B 378 8.97 -19.05 -8.45
C GLY B 378 9.37 -18.01 -9.48
N ASP B 379 8.81 -16.80 -9.42
CA ASP B 379 9.10 -15.79 -10.45
C ASP B 379 10.56 -15.35 -10.41
N ARG B 380 11.12 -15.18 -9.22
CA ARG B 380 12.45 -14.61 -9.06
C ARG B 380 13.51 -15.68 -9.26
N PRO B 381 14.69 -15.28 -9.77
CA PRO B 381 15.83 -16.19 -9.95
C PRO B 381 16.51 -16.50 -8.62
N THR B 382 15.78 -17.12 -7.71
CA THR B 382 16.24 -17.29 -6.35
C THR B 382 16.21 -18.76 -5.97
N LEU B 383 15.11 -19.20 -5.37
CA LEU B 383 15.00 -20.58 -4.90
C LEU B 383 14.86 -21.56 -6.06
N PHE B 384 15.61 -22.66 -6.00
CA PHE B 384 15.40 -23.78 -6.91
C PHE B 384 15.53 -25.09 -6.15
N LEU B 385 15.30 -26.20 -6.84
CA LEU B 385 15.27 -27.51 -6.24
C LEU B 385 16.37 -28.39 -6.84
N GLU B 386 16.84 -29.35 -6.04
CA GLU B 386 17.78 -30.37 -6.48
C GLU B 386 17.19 -31.75 -6.16
N ILE B 387 17.11 -32.62 -7.16
CA ILE B 387 16.53 -33.95 -6.99
C ILE B 387 17.67 -34.95 -7.13
N ILE B 388 17.84 -35.83 -6.14
CA ILE B 388 19.05 -36.66 -6.07
C ILE B 388 18.76 -38.11 -5.72
N GLN B 389 19.78 -38.94 -5.94
CA GLN B 389 19.86 -40.29 -5.40
C GLN B 389 21.33 -40.51 -5.08
N ARG B 390 21.61 -41.15 -3.93
CA ARG B 390 22.97 -41.46 -3.49
C ARG B 390 23.15 -42.97 -3.51
N ILE B 391 24.31 -43.42 -4.01
CA ILE B 391 24.55 -44.84 -4.25
C ILE B 391 25.87 -45.21 -3.59
N GLY B 392 25.81 -46.16 -2.67
CA GLY B 392 26.99 -46.67 -2.00
C GLY B 392 27.00 -46.30 -0.53
N CYS B 393 28.20 -46.38 0.06
CA CYS B 393 28.43 -46.00 1.46
C CYS B 393 27.48 -46.71 2.41
N MET B 394 27.28 -48.00 2.19
CA MET B 394 26.44 -48.81 3.06
C MET B 394 27.35 -49.49 4.08
N GLU B 395 27.34 -48.98 5.31
CA GLU B 395 28.17 -49.53 6.38
C GLU B 395 27.27 -50.08 7.47
N TYR B 403 21.81 -48.88 6.99
CA TYR B 403 21.73 -47.46 6.70
C TYR B 403 22.89 -46.97 5.82
N GLN B 404 22.73 -45.78 5.25
CA GLN B 404 23.70 -45.19 4.34
C GLN B 404 24.37 -44.00 5.02
N LYS B 405 25.71 -43.96 4.97
CA LYS B 405 26.45 -42.84 5.54
C LYS B 405 26.04 -41.53 4.86
N GLY B 406 25.92 -40.48 5.67
CA GLY B 406 25.43 -39.21 5.15
C GLY B 406 26.38 -38.59 4.15
N GLY B 407 25.80 -37.90 3.16
CA GLY B 407 26.61 -37.21 2.18
C GLY B 407 27.33 -38.10 1.19
N CYS B 408 26.90 -39.36 1.06
CA CYS B 408 27.51 -40.32 0.16
C CYS B 408 27.57 -39.86 -1.29
N GLY B 409 28.78 -39.63 -1.81
CA GLY B 409 28.97 -39.20 -3.17
C GLY B 409 29.17 -37.70 -3.34
N GLY B 410 29.04 -36.92 -2.27
CA GLY B 410 29.35 -35.50 -2.33
C GLY B 410 28.14 -34.63 -2.63
N PHE B 411 28.41 -33.45 -3.20
CA PHE B 411 27.38 -32.48 -3.51
C PHE B 411 27.42 -32.03 -4.97
N GLY B 412 28.24 -32.67 -5.79
CA GLY B 412 28.33 -32.36 -7.19
C GLY B 412 29.45 -31.40 -7.54
N LYS B 413 30.49 -31.31 -6.71
CA LYS B 413 31.62 -30.41 -6.97
C LYS B 413 32.26 -30.68 -8.33
N GLY B 414 32.26 -31.93 -8.77
CA GLY B 414 32.82 -32.23 -10.08
C GLY B 414 32.06 -31.54 -11.21
N ASN B 415 30.74 -31.44 -11.07
CA ASN B 415 29.83 -31.11 -12.16
C ASN B 415 29.80 -29.64 -12.57
N PHE B 416 30.81 -28.85 -12.16
CA PHE B 416 30.83 -27.46 -12.60
C PHE B 416 31.46 -27.29 -13.98
N SER B 417 32.03 -28.34 -14.55
CA SER B 417 32.40 -28.36 -15.96
C SER B 417 31.24 -28.77 -16.86
N GLN B 418 30.14 -29.25 -16.29
CA GLN B 418 28.92 -29.54 -17.03
C GLN B 418 27.75 -29.82 -16.09
N PHE C 36 36.82 8.00 21.99
CA PHE C 36 37.28 7.04 20.99
C PHE C 36 36.40 7.08 19.74
N ASN C 37 37.06 7.32 18.61
CA ASN C 37 36.41 7.32 17.30
C ASN C 37 37.15 6.31 16.43
N PRO C 38 36.61 5.11 16.23
CA PRO C 38 37.29 4.13 15.37
C PRO C 38 37.32 4.54 13.91
N ARG C 39 36.59 5.58 13.51
CA ARG C 39 36.48 5.99 12.11
C ARG C 39 36.24 4.77 11.22
N SER C 40 35.16 4.07 11.52
CA SER C 40 34.91 2.77 10.94
C SER C 40 33.86 2.80 9.84
N ASP C 41 33.55 3.98 9.29
CA ASP C 41 32.54 4.08 8.24
C ASP C 41 32.88 3.15 7.09
N ARG C 42 31.88 2.37 6.64
CA ARG C 42 32.08 1.48 5.50
C ARG C 42 32.12 2.22 4.17
N PHE C 43 31.73 3.49 4.15
CA PHE C 43 31.72 4.28 2.94
C PHE C 43 31.82 5.75 3.34
N HIS C 44 32.37 6.57 2.46
CA HIS C 44 32.62 7.95 2.81
C HIS C 44 31.30 8.71 2.88
N THR C 45 30.99 9.22 4.06
CA THR C 45 29.71 9.86 4.36
C THR C 45 29.97 11.35 4.59
N LEU C 46 29.48 12.20 3.69
CA LEU C 46 29.87 13.60 3.70
C LEU C 46 29.09 14.42 4.72
N ALA C 47 27.76 14.26 4.77
CA ALA C 47 26.92 15.17 5.56
C ALA C 47 25.47 14.76 5.41
N PHE C 48 24.62 15.29 6.28
CA PHE C 48 23.18 15.27 6.04
C PHE C 48 22.91 15.96 4.71
N HIS C 49 21.92 15.45 3.96
CA HIS C 49 21.53 16.12 2.73
C HIS C 49 20.10 16.64 2.78
N HIS C 50 19.14 15.82 3.17
CA HIS C 50 17.77 16.28 3.32
C HIS C 50 17.01 15.21 4.11
N VAL C 51 15.79 15.55 4.47
CA VAL C 51 14.85 14.60 5.04
C VAL C 51 13.56 14.69 4.25
N GLU C 52 12.96 13.55 3.96
CA GLU C 52 11.72 13.56 3.20
C GLU C 52 10.58 13.05 4.07
N LEU C 53 9.47 13.77 4.03
CA LEU C 53 8.23 13.36 4.67
C LEU C 53 7.26 12.96 3.57
N TRP C 54 6.76 11.74 3.64
CA TRP C 54 5.70 11.29 2.76
C TRP C 54 4.39 11.77 3.37
N CYS C 55 3.67 12.61 2.65
CA CYS C 55 2.56 13.36 3.23
C CYS C 55 1.23 12.96 2.63
N ALA C 56 0.19 13.20 3.43
CA ALA C 56 -1.17 13.18 2.92
C ALA C 56 -1.37 14.26 1.87
N ASP C 57 -0.94 15.48 2.18
CA ASP C 57 -1.00 16.61 1.26
C ASP C 57 0.29 17.39 1.43
N ALA C 58 1.09 17.45 0.36
CA ALA C 58 2.39 18.11 0.44
C ALA C 58 2.25 19.61 0.60
N ALA C 59 1.36 20.23 -0.17
CA ALA C 59 1.11 21.66 -0.04
C ALA C 59 0.83 22.05 1.41
N SER C 60 -0.04 21.28 2.08
CA SER C 60 -0.45 21.58 3.45
C SER C 60 0.72 21.47 4.41
N ALA C 61 1.46 20.36 4.35
CA ALA C 61 2.55 20.17 5.30
C ALA C 61 3.69 21.16 5.03
N ALA C 62 4.08 21.31 3.77
CA ALA C 62 5.16 22.24 3.46
C ALA C 62 4.76 23.68 3.77
N GLY C 63 3.48 24.02 3.57
CA GLY C 63 3.04 25.36 3.89
C GLY C 63 3.15 25.66 5.37
N ARG C 64 2.66 24.73 6.20
CA ARG C 64 2.71 24.96 7.64
C ARG C 64 4.16 24.96 8.15
N PHE C 65 4.98 24.03 7.65
CA PHE C 65 6.37 24.00 8.08
C PHE C 65 7.12 25.25 7.63
N SER C 66 6.81 25.77 6.44
CA SER C 66 7.51 26.97 5.98
C SER C 66 7.23 28.16 6.89
N PHE C 67 5.95 28.34 7.24
CA PHE C 67 5.53 29.39 8.16
C PHE C 67 6.13 29.17 9.55
N GLY C 68 6.03 27.96 10.06
CA GLY C 68 6.43 27.67 11.43
C GLY C 68 7.93 27.67 11.65
N LEU C 69 8.71 27.31 10.63
CA LEU C 69 10.17 27.30 10.79
C LEU C 69 10.84 28.53 10.21
N GLY C 70 10.13 29.34 9.43
CA GLY C 70 10.79 30.37 8.65
C GLY C 70 11.74 29.75 7.65
N ALA C 71 11.28 28.72 6.95
CA ALA C 71 12.07 28.07 5.90
C ALA C 71 11.36 28.25 4.57
N PRO C 72 11.84 29.15 3.72
CA PRO C 72 11.12 29.44 2.47
C PRO C 72 11.16 28.28 1.50
N LEU C 73 10.13 28.22 0.66
CA LEU C 73 10.11 27.23 -0.41
C LEU C 73 11.29 27.50 -1.34
N ALA C 74 12.06 26.44 -1.65
CA ALA C 74 13.26 26.63 -2.46
C ALA C 74 13.26 25.85 -3.77
N ALA C 75 12.41 24.83 -3.91
CA ALA C 75 12.37 24.04 -5.12
C ALA C 75 11.08 23.23 -5.14
N ARG C 76 10.67 22.81 -6.33
CA ARG C 76 9.50 21.97 -6.43
C ARG C 76 9.60 21.04 -7.64
N SER C 77 8.84 19.96 -7.58
CA SER C 77 8.67 19.05 -8.70
C SER C 77 7.25 18.53 -8.61
N ASP C 78 6.40 18.96 -9.54
CA ASP C 78 4.97 18.68 -9.43
C ASP C 78 4.35 18.88 -10.80
N LEU C 79 3.01 18.90 -10.84
CA LEU C 79 2.29 19.11 -12.10
C LEU C 79 2.84 20.31 -12.85
N SER C 80 3.11 21.40 -12.14
CA SER C 80 3.61 22.61 -12.79
C SER C 80 5.01 22.46 -13.38
N THR C 81 5.75 21.40 -13.04
CA THR C 81 7.06 21.18 -13.65
C THR C 81 7.09 19.97 -14.58
N GLY C 82 5.95 19.32 -14.81
CA GLY C 82 5.89 18.15 -15.66
C GLY C 82 5.91 16.82 -14.92
N ASN C 83 5.88 16.85 -13.60
CA ASN C 83 5.82 15.65 -12.77
C ASN C 83 4.35 15.42 -12.44
N SER C 84 3.73 14.44 -13.10
CA SER C 84 2.37 14.05 -12.78
C SER C 84 2.33 12.85 -11.84
N ALA C 85 3.47 12.38 -11.36
CA ALA C 85 3.51 11.23 -10.46
C ALA C 85 3.35 11.62 -9.00
N HIS C 86 4.02 12.70 -8.57
CA HIS C 86 3.94 13.09 -7.17
C HIS C 86 4.20 14.58 -7.06
N ALA C 87 3.61 15.19 -6.03
CA ALA C 87 3.82 16.60 -5.74
C ALA C 87 4.89 16.68 -4.67
N SER C 88 6.00 17.33 -5.00
CA SER C 88 7.12 17.46 -4.06
C SER C 88 7.44 18.94 -3.89
N LEU C 89 7.60 19.37 -2.64
CA LEU C 89 8.02 20.73 -2.32
C LEU C 89 9.21 20.69 -1.37
N LEU C 90 10.25 21.47 -1.69
CA LEU C 90 11.48 21.51 -0.93
C LEU C 90 11.57 22.85 -0.19
N LEU C 91 11.55 22.80 1.14
CA LEU C 91 11.84 23.98 1.94
C LEU C 91 13.31 23.99 2.32
N ARG C 92 13.87 25.18 2.48
CA ARG C 92 15.27 25.29 2.83
C ARG C 92 15.49 26.47 3.76
N SER C 93 16.32 26.26 4.77
CA SER C 93 16.81 27.30 5.66
C SER C 93 18.28 27.01 5.94
N GLY C 94 19.18 27.88 5.50
CA GLY C 94 20.58 27.53 5.57
C GLY C 94 20.85 26.24 4.79
N SER C 95 21.52 25.29 5.42
CA SER C 95 21.77 23.99 4.79
C SER C 95 20.67 22.97 5.08
N LEU C 96 19.70 23.35 5.91
CA LEU C 96 18.56 22.49 6.22
C LEU C 96 17.65 22.36 5.01
N SER C 97 17.32 21.12 4.63
CA SER C 97 16.44 20.86 3.48
C SER C 97 15.35 19.87 3.89
N PHE C 98 14.10 20.31 3.80
CA PHE C 98 12.92 19.49 4.08
C PHE C 98 12.17 19.22 2.79
N LEU C 99 11.94 17.95 2.49
CA LEU C 99 11.20 17.57 1.30
C LEU C 99 9.86 16.97 1.73
N PHE C 100 8.77 17.52 1.20
CA PHE C 100 7.41 17.07 1.46
C PHE C 100 6.85 16.54 0.15
N THR C 101 6.43 15.28 0.15
CA THR C 101 6.04 14.59 -1.07
C THR C 101 4.71 13.90 -0.84
N ALA C 102 3.82 14.00 -1.82
CA ALA C 102 2.53 13.34 -1.73
C ALA C 102 2.18 12.80 -3.11
N PRO C 103 1.44 11.71 -3.19
CA PRO C 103 1.07 11.17 -4.50
C PRO C 103 -0.12 11.93 -5.07
N TYR C 104 -0.14 12.04 -6.40
CA TYR C 104 -1.40 12.32 -7.07
C TYR C 104 -2.21 11.01 -7.11
N ALA C 105 -3.43 11.02 -7.64
CA ALA C 105 -4.20 9.78 -7.61
C ALA C 105 -4.55 9.24 -8.98
N HIS C 106 -5.05 10.08 -9.88
CA HIS C 106 -5.51 9.66 -11.18
C HIS C 106 -4.65 10.33 -12.24
N GLY C 107 -4.51 9.67 -13.39
CA GLY C 107 -3.73 10.21 -14.48
C GLY C 107 -2.25 10.33 -14.19
N ALA C 108 -1.75 9.59 -13.21
CA ALA C 108 -0.36 9.68 -12.80
C ALA C 108 0.43 8.59 -13.50
N ASP C 109 1.38 8.98 -14.35
CA ASP C 109 2.30 8.03 -14.96
C ASP C 109 3.67 8.20 -14.30
N ALA C 110 4.17 7.11 -13.71
CA ALA C 110 5.33 7.15 -12.82
C ALA C 110 6.62 7.56 -13.52
N ALA C 111 6.66 7.59 -14.85
CA ALA C 111 7.90 7.96 -15.53
C ALA C 111 8.27 9.41 -15.30
N THR C 112 7.31 10.25 -14.87
CA THR C 112 7.55 11.66 -14.64
C THR C 112 8.01 11.96 -13.23
N ALA C 113 8.21 10.93 -12.40
CA ALA C 113 8.60 11.13 -11.02
C ALA C 113 10.05 11.61 -10.95
N ALA C 114 10.29 12.71 -10.24
CA ALA C 114 11.65 13.17 -10.03
C ALA C 114 12.40 12.32 -9.02
N LEU C 115 11.68 11.65 -8.10
CA LEU C 115 12.24 10.66 -7.20
C LEU C 115 11.90 9.29 -7.74
N PRO C 116 12.82 8.60 -8.44
CA PRO C 116 12.49 7.27 -8.98
C PRO C 116 12.04 6.27 -7.93
N SER C 117 12.37 6.47 -6.65
CA SER C 117 11.95 5.52 -5.63
C SER C 117 10.53 5.79 -5.14
N PHE C 118 9.91 6.88 -5.58
CA PHE C 118 8.56 7.16 -5.13
C PHE C 118 7.59 6.10 -5.62
N SER C 119 6.60 5.78 -4.78
CA SER C 119 5.52 4.87 -5.15
C SER C 119 4.22 5.41 -4.58
N ALA C 120 3.26 5.71 -5.45
CA ALA C 120 2.01 6.31 -4.99
C ALA C 120 1.34 5.40 -3.96
N ALA C 121 1.27 4.09 -4.24
CA ALA C 121 0.58 3.16 -3.35
C ALA C 121 1.24 3.12 -1.98
N ALA C 122 2.59 3.05 -1.96
CA ALA C 122 3.28 3.04 -0.68
C ALA C 122 3.07 4.35 0.08
N ALA C 123 3.05 5.48 -0.63
CA ALA C 123 2.95 6.77 0.04
C ALA C 123 1.56 6.98 0.66
N ARG C 124 0.50 6.52 -0.01
CA ARG C 124 -0.84 6.56 0.58
C ARG C 124 -0.92 5.76 1.85
N ARG C 125 -0.46 4.50 1.78
CA ARG C 125 -0.43 3.63 2.94
C ARG C 125 0.36 4.26 4.07
N PHE C 126 1.49 4.90 3.73
CA PHE C 126 2.36 5.50 4.74
C PHE C 126 1.64 6.63 5.48
N ALA C 127 0.96 7.52 4.75
CA ALA C 127 0.20 8.59 5.39
C ALA C 127 -0.90 8.03 6.27
N ALA C 128 -1.58 6.98 5.81
CA ALA C 128 -2.62 6.35 6.63
C ALA C 128 -2.02 5.67 7.86
N ASP C 129 -0.86 5.03 7.72
CA ASP C 129 -0.25 4.30 8.83
C ASP C 129 0.22 5.25 9.95
N HIS C 130 0.68 6.45 9.60
CA HIS C 130 1.41 7.31 10.53
C HIS C 130 0.85 8.71 10.71
N GLY C 131 0.13 9.26 9.75
CA GLY C 131 0.00 10.69 9.78
C GLY C 131 1.33 11.28 9.34
N LEU C 132 1.54 12.55 9.66
CA LEU C 132 2.76 13.23 9.26
C LEU C 132 3.98 12.51 9.82
N ALA C 133 4.87 12.08 8.93
CA ALA C 133 5.98 11.27 9.40
C ALA C 133 7.15 11.34 8.42
N VAL C 134 8.33 11.14 8.97
CA VAL C 134 9.54 11.10 8.16
C VAL C 134 9.65 9.77 7.45
N ARG C 135 9.72 9.82 6.12
CA ARG C 135 9.94 8.62 5.31
C ARG C 135 11.43 8.37 5.05
N ALA C 136 12.23 9.41 4.78
CA ALA C 136 13.61 9.19 4.38
C ALA C 136 14.54 10.16 5.10
N VAL C 137 15.62 9.62 5.65
CA VAL C 137 16.76 10.40 6.11
C VAL C 137 17.85 10.27 5.04
N ALA C 138 18.18 11.36 4.35
CA ALA C 138 19.10 11.33 3.23
C ALA C 138 20.48 11.86 3.60
N LEU C 139 21.51 11.10 3.27
CA LEU C 139 22.90 11.49 3.48
C LEU C 139 23.58 11.71 2.14
N ARG C 140 24.37 12.77 2.05
CA ARG C 140 25.30 12.87 0.94
C ARG C 140 26.48 11.95 1.20
N VAL C 141 26.80 11.09 0.23
CA VAL C 141 27.94 10.20 0.30
C VAL C 141 28.82 10.44 -0.92
N ALA C 142 30.04 9.89 -0.87
CA ALA C 142 30.96 10.07 -1.99
C ALA C 142 30.47 9.38 -3.25
N ASP C 143 29.77 8.25 -3.10
CA ASP C 143 29.45 7.37 -4.21
C ASP C 143 28.26 6.52 -3.76
N ALA C 144 27.05 6.88 -4.23
CA ALA C 144 25.84 6.24 -3.74
C ALA C 144 25.78 4.76 -4.10
N GLU C 145 26.38 4.36 -5.24
CA GLU C 145 26.40 2.95 -5.61
C GLU C 145 27.30 2.16 -4.66
N ASP C 146 28.49 2.69 -4.35
CA ASP C 146 29.37 2.03 -3.40
C ASP C 146 28.75 1.96 -2.01
N ALA C 147 28.15 3.06 -1.57
CA ALA C 147 27.48 3.07 -0.27
C ALA C 147 26.39 2.01 -0.23
N PHE C 148 25.58 1.92 -1.29
CA PHE C 148 24.54 0.90 -1.31
C PHE C 148 25.17 -0.51 -1.27
N ARG C 149 26.17 -0.75 -2.11
CA ARG C 149 26.74 -2.10 -2.18
C ARG C 149 27.40 -2.51 -0.87
N ALA C 150 28.23 -1.63 -0.29
CA ALA C 150 28.85 -1.93 1.00
C ALA C 150 27.81 -2.13 2.10
N SER C 151 26.76 -1.30 2.14
CA SER C 151 25.72 -1.44 3.15
C SER C 151 25.04 -2.81 3.06
N VAL C 152 24.60 -3.18 1.86
CA VAL C 152 23.85 -4.43 1.70
C VAL C 152 24.75 -5.64 1.98
N ALA C 153 26.02 -5.56 1.60
CA ALA C 153 26.93 -6.66 1.89
C ALA C 153 27.16 -6.79 3.39
N ALA C 154 27.02 -5.70 4.14
CA ALA C 154 27.15 -5.72 5.58
C ALA C 154 25.81 -5.87 6.28
N GLY C 155 24.78 -6.31 5.58
CA GLY C 155 23.51 -6.66 6.19
C GLY C 155 22.35 -5.74 5.94
N ALA C 156 22.52 -4.59 5.28
CA ALA C 156 21.38 -3.69 5.09
C ALA C 156 20.32 -4.36 4.22
N ARG C 157 19.05 -4.09 4.54
CA ARG C 157 17.95 -4.52 3.70
C ARG C 157 17.79 -3.54 2.55
N PRO C 158 17.97 -3.97 1.29
CA PRO C 158 17.86 -3.03 0.17
C PRO C 158 16.44 -2.52 0.01
N ALA C 159 16.33 -1.21 -0.22
CA ALA C 159 15.03 -0.59 -0.46
C ALA C 159 14.86 -0.07 -1.87
N PHE C 160 15.90 0.52 -2.44
CA PHE C 160 15.88 0.97 -3.82
C PHE C 160 17.31 0.95 -4.33
N GLY C 161 17.56 0.15 -5.37
CA GLY C 161 18.89 -0.01 -5.91
C GLY C 161 19.38 1.29 -6.53
N PRO C 162 20.68 1.42 -6.71
CA PRO C 162 21.25 2.71 -7.15
C PRO C 162 20.77 3.09 -8.55
N VAL C 163 20.37 4.36 -8.72
CA VAL C 163 19.92 4.84 -10.01
C VAL C 163 20.68 6.09 -10.40
N ASP C 164 20.80 6.30 -11.71
CA ASP C 164 21.34 7.52 -12.28
C ASP C 164 20.22 8.55 -12.35
N LEU C 165 20.39 9.70 -11.67
CA LEU C 165 19.40 10.76 -11.77
C LEU C 165 19.72 11.74 -12.88
N GLY C 166 20.89 11.65 -13.48
CA GLY C 166 21.34 12.61 -14.47
C GLY C 166 22.33 13.61 -13.89
N ARG C 167 23.23 14.09 -14.74
CA ARG C 167 24.22 15.11 -14.40
C ARG C 167 25.09 14.71 -13.21
N GLY C 168 25.39 13.41 -13.10
CA GLY C 168 26.27 12.90 -12.07
C GLY C 168 25.60 12.59 -10.74
N PHE C 169 24.30 12.82 -10.63
CA PHE C 169 23.58 12.49 -9.41
C PHE C 169 23.27 11.00 -9.38
N ARG C 170 23.52 10.36 -8.24
CA ARG C 170 23.08 9.00 -7.98
C ARG C 170 22.30 8.93 -6.68
N LEU C 171 21.34 8.01 -6.63
CA LEU C 171 20.48 7.81 -5.48
C LEU C 171 20.33 6.32 -5.23
N ALA C 172 20.34 5.94 -3.95
CA ALA C 172 20.07 4.58 -3.51
C ALA C 172 19.41 4.65 -2.13
N GLU C 173 18.69 3.59 -1.76
CA GLU C 173 18.01 3.55 -0.46
C GLU C 173 18.13 2.16 0.17
N VAL C 174 18.27 2.15 1.50
CA VAL C 174 18.25 0.92 2.29
C VAL C 174 17.38 1.17 3.50
N GLU C 175 16.89 0.08 4.11
CA GLU C 175 16.01 0.24 5.26
C GLU C 175 16.79 0.69 6.49
N LEU C 176 16.28 1.72 7.17
CA LEU C 176 16.91 2.21 8.39
C LEU C 176 16.27 1.60 9.64
N TYR C 177 14.99 1.89 9.87
CA TYR C 177 14.22 1.19 10.88
C TYR C 177 12.75 1.27 10.50
N GLY C 178 12.01 0.16 10.67
CA GLY C 178 10.61 0.18 10.28
C GLY C 178 10.46 0.52 8.81
N ASP C 179 9.60 1.49 8.53
CA ASP C 179 9.28 1.97 7.20
C ASP C 179 10.11 3.19 6.78
N VAL C 180 11.13 3.53 7.56
CA VAL C 180 12.00 4.68 7.28
C VAL C 180 13.21 4.17 6.51
N VAL C 181 13.57 4.86 5.44
CA VAL C 181 14.74 4.47 4.66
C VAL C 181 15.87 5.46 4.92
N LEU C 182 17.09 4.93 4.85
CA LEU C 182 18.29 5.75 4.73
C LEU C 182 18.61 5.92 3.25
N ARG C 183 18.56 7.16 2.78
CA ARG C 183 18.79 7.51 1.38
C ARG C 183 20.22 8.01 1.21
N TYR C 184 20.92 7.46 0.21
CA TYR C 184 22.25 7.88 -0.18
C TYR C 184 22.14 8.67 -1.47
N VAL C 185 22.73 9.87 -1.50
CA VAL C 185 22.84 10.64 -2.73
C VAL C 185 24.29 11.05 -2.91
N SER C 186 24.79 10.94 -4.13
CA SER C 186 26.12 11.43 -4.46
C SER C 186 26.03 12.29 -5.72
N TYR C 187 26.92 13.27 -5.80
CA TYR C 187 26.94 14.17 -6.95
C TYR C 187 28.23 14.98 -6.92
N PRO C 188 28.69 15.49 -8.06
CA PRO C 188 29.98 16.17 -8.07
C PRO C 188 29.88 17.56 -7.46
N ASP C 189 31.00 18.01 -6.88
CA ASP C 189 31.06 19.34 -6.28
C ASP C 189 30.71 20.42 -7.28
N GLY C 190 31.00 20.19 -8.57
CA GLY C 190 30.55 21.12 -9.59
C GLY C 190 29.05 21.28 -9.66
N ALA C 191 28.31 20.30 -9.13
CA ALA C 191 26.85 20.30 -9.09
C ALA C 191 26.29 20.95 -7.83
N ALA C 192 27.12 21.69 -7.08
CA ALA C 192 26.67 22.35 -5.86
C ALA C 192 25.65 23.43 -6.13
N GLY C 193 25.54 23.90 -7.37
CA GLY C 193 24.68 25.02 -7.71
C GLY C 193 23.26 24.63 -8.02
N GLU C 194 23.05 23.40 -8.46
CA GLU C 194 21.71 22.95 -8.80
C GLU C 194 20.81 23.05 -7.57
N PRO C 195 19.52 23.33 -7.77
CA PRO C 195 18.65 23.64 -6.63
C PRO C 195 18.57 22.52 -5.60
N PHE C 196 18.51 21.26 -6.06
CA PHE C 196 18.34 20.15 -5.12
C PHE C 196 18.71 18.81 -5.75
N LEU C 197 17.89 18.34 -6.68
CA LEU C 197 18.07 17.10 -7.42
C LEU C 197 17.55 17.35 -8.83
N PRO C 198 18.09 16.65 -9.83
CA PRO C 198 17.55 16.80 -11.20
C PRO C 198 16.04 16.61 -11.23
N GLY C 199 15.36 17.48 -11.98
CA GLY C 199 13.93 17.46 -12.12
C GLY C 199 13.21 18.45 -11.24
N PHE C 200 13.89 19.02 -10.25
CA PHE C 200 13.32 20.03 -9.38
C PHE C 200 13.56 21.41 -9.93
N GLU C 201 12.49 22.18 -10.07
CA GLU C 201 12.58 23.57 -10.47
C GLU C 201 12.96 24.41 -9.26
N GLY C 202 13.97 25.26 -9.41
CA GLY C 202 14.33 26.16 -8.34
C GLY C 202 13.27 27.22 -8.11
N VAL C 203 13.14 27.63 -6.85
CA VAL C 203 12.18 28.64 -6.43
C VAL C 203 12.94 29.73 -5.68
N ALA C 204 12.88 30.96 -6.18
CA ALA C 204 13.59 32.07 -5.55
C ALA C 204 13.09 32.29 -4.13
N SER C 205 14.02 32.54 -3.21
CA SER C 205 13.70 32.86 -1.83
C SER C 205 13.68 34.38 -1.71
N PRO C 206 12.53 35.01 -1.75
CA PRO C 206 12.47 36.44 -2.04
C PRO C 206 12.22 37.32 -0.81
N GLY C 207 11.00 37.84 -0.73
CA GLY C 207 10.45 38.38 0.51
C GLY C 207 10.16 37.26 1.47
N ALA C 208 11.25 36.60 1.85
CA ALA C 208 11.21 35.35 2.61
C ALA C 208 12.60 35.13 3.18
N ALA C 209 13.02 36.03 4.06
CA ALA C 209 14.15 35.73 4.92
C ALA C 209 13.78 34.60 5.86
N ASP C 210 14.79 33.88 6.31
CA ASP C 210 14.54 32.74 7.17
C ASP C 210 14.60 33.18 8.62
N TYR C 211 14.37 32.24 9.53
CA TYR C 211 14.43 32.48 10.96
C TYR C 211 15.75 32.05 11.58
N GLY C 212 16.76 31.76 10.77
CA GLY C 212 18.06 31.44 11.31
C GLY C 212 18.36 29.97 11.48
N LEU C 213 17.39 29.06 11.32
CA LEU C 213 17.74 27.65 11.29
C LEU C 213 18.76 27.38 10.19
N SER C 214 19.80 26.61 10.50
CA SER C 214 20.93 26.55 9.60
C SER C 214 21.33 25.12 9.16
N ARG C 215 21.08 24.11 10.00
CA ARG C 215 21.51 22.76 9.63
C ARG C 215 20.79 21.73 10.48
N PHE C 216 20.74 20.50 9.95
CA PHE C 216 20.35 19.35 10.76
C PHE C 216 21.48 19.03 11.74
N ASP C 217 21.13 18.82 12.99
CA ASP C 217 22.11 18.41 13.98
C ASP C 217 22.04 16.91 14.25
N HIS C 218 20.87 16.39 14.59
CA HIS C 218 20.70 14.95 14.70
C HIS C 218 19.25 14.58 14.42
N ILE C 219 19.03 13.30 14.15
CA ILE C 219 17.70 12.78 13.81
C ILE C 219 17.56 11.44 14.52
N VAL C 220 16.52 11.31 15.35
CA VAL C 220 16.42 10.24 16.35
C VAL C 220 15.28 9.30 15.98
N GLY C 221 15.57 8.00 16.00
CA GLY C 221 14.55 6.95 15.81
C GLY C 221 14.23 6.27 17.08
N ASN C 222 12.95 5.93 17.28
CA ASN C 222 12.49 5.10 18.38
C ASN C 222 12.33 3.67 17.84
N VAL C 223 12.79 2.69 18.59
CA VAL C 223 12.62 1.30 18.20
C VAL C 223 12.20 0.50 19.41
N PRO C 224 11.61 -0.69 19.21
CA PRO C 224 11.21 -1.49 20.37
C PRO C 224 12.40 -2.13 21.08
N GLU C 225 13.47 -2.46 20.34
CA GLU C 225 14.62 -3.16 20.90
C GLU C 225 15.88 -2.48 20.39
N LEU C 226 16.61 -1.80 21.28
CA LEU C 226 17.77 -1.02 20.87
C LEU C 226 18.91 -1.91 20.36
N ALA C 227 19.24 -2.98 21.08
CA ALA C 227 20.42 -3.75 20.71
C ALA C 227 20.32 -4.34 19.31
N PRO C 228 19.25 -5.04 18.91
CA PRO C 228 19.17 -5.50 17.52
C PRO C 228 19.11 -4.37 16.49
N ALA C 229 18.37 -3.31 16.80
CA ALA C 229 18.30 -2.17 15.88
C ALA C 229 19.68 -1.55 15.69
N ALA C 230 20.43 -1.38 16.78
CA ALA C 230 21.78 -0.83 16.70
C ALA C 230 22.71 -1.76 15.95
N ALA C 231 22.65 -3.06 16.22
CA ALA C 231 23.57 -4.00 15.55
C ALA C 231 23.30 -4.07 14.06
N TYR C 232 22.04 -3.89 13.67
CA TYR C 232 21.71 -3.83 12.25
C TYR C 232 22.27 -2.57 11.60
N PHE C 233 21.92 -1.40 12.15
CA PHE C 233 22.22 -0.10 11.55
C PHE C 233 23.71 0.24 11.65
N ALA C 234 24.28 0.16 12.84
CA ALA C 234 25.72 0.38 12.96
C ALA C 234 26.49 -0.69 12.18
N GLY C 235 25.95 -1.91 12.14
CA GLY C 235 26.61 -2.98 11.42
C GLY C 235 26.73 -2.71 9.92
N PHE C 236 25.69 -2.14 9.32
CA PHE C 236 25.77 -1.97 7.88
C PHE C 236 26.40 -0.64 7.46
N THR C 237 26.39 0.38 8.31
CA THR C 237 27.06 1.66 8.00
C THR C 237 28.53 1.70 8.43
N GLY C 238 28.89 1.00 9.49
CA GLY C 238 30.14 1.29 10.17
C GLY C 238 30.10 2.52 11.05
N PHE C 239 28.93 3.13 11.25
CA PHE C 239 28.85 4.25 12.17
C PHE C 239 29.18 3.77 13.57
N HIS C 240 29.85 4.63 14.33
CA HIS C 240 30.40 4.27 15.62
C HIS C 240 29.58 4.90 16.74
N GLU C 241 29.67 4.27 17.90
CA GLU C 241 28.97 4.75 19.06
C GLU C 241 29.60 6.05 19.55
N PHE C 242 28.79 7.10 19.64
CA PHE C 242 29.21 8.42 20.07
C PHE C 242 28.88 8.67 21.54
N ALA C 243 27.75 8.14 22.00
CA ALA C 243 27.28 8.39 23.36
C ALA C 243 26.23 7.35 23.70
N GLU C 244 26.06 7.13 24.99
CA GLU C 244 25.12 6.18 25.56
C GLU C 244 24.59 6.77 26.85
N PHE C 245 23.28 6.62 27.08
CA PHE C 245 22.76 6.86 28.41
C PHE C 245 21.37 6.27 28.58
N THR C 246 20.96 6.19 29.84
CA THR C 246 19.64 5.79 30.29
C THR C 246 19.00 6.94 31.07
N THR C 247 17.67 6.99 31.02
CA THR C 247 16.92 7.92 31.86
C THR C 247 15.98 7.17 32.80
N SER C 255 9.44 6.07 34.34
CA SER C 255 9.38 5.96 32.88
C SER C 255 10.70 5.41 32.33
N GLY C 256 11.41 6.21 31.54
CA GLY C 256 12.80 5.98 31.19
C GLY C 256 12.99 5.52 29.75
N LEU C 257 14.15 5.86 29.19
CA LEU C 257 14.57 5.37 27.88
C LEU C 257 16.04 4.96 27.94
N ASN C 258 16.43 4.15 26.96
CA ASN C 258 17.82 3.83 26.68
C ASN C 258 18.14 4.35 25.29
N SER C 259 19.26 5.07 25.16
CA SER C 259 19.59 5.70 23.90
C SER C 259 21.04 5.40 23.52
N MET C 260 21.26 5.27 22.23
CA MET C 260 22.60 5.17 21.68
C MET C 260 22.71 6.15 20.53
N VAL C 261 23.76 6.98 20.53
CA VAL C 261 24.02 7.92 19.44
C VAL C 261 25.05 7.28 18.52
N LEU C 262 24.70 7.17 17.24
CA LEU C 262 25.61 6.66 16.21
C LEU C 262 26.07 7.82 15.35
N ALA C 263 27.32 7.74 14.88
CA ALA C 263 27.95 8.84 14.17
C ALA C 263 28.85 8.35 13.05
N ASN C 264 28.97 9.19 12.02
CA ASN C 264 29.92 8.96 10.93
C ASN C 264 31.31 9.40 11.38
N ASN C 265 32.30 9.17 10.49
CA ASN C 265 33.70 9.38 10.86
C ASN C 265 33.92 10.79 11.38
N SER C 266 33.47 11.80 10.63
CA SER C 266 33.68 13.18 11.05
C SER C 266 32.73 13.62 12.15
N GLU C 267 31.72 12.79 12.46
CA GLU C 267 30.72 13.05 13.49
C GLU C 267 29.87 14.28 13.18
N ASN C 268 29.72 14.60 11.90
CA ASN C 268 28.74 15.61 11.52
C ASN C 268 27.40 14.99 11.15
N VAL C 269 27.33 13.67 11.08
CA VAL C 269 26.08 12.93 10.94
C VAL C 269 25.86 12.18 12.25
N LEU C 270 24.75 12.49 12.92
CA LEU C 270 24.44 11.97 14.25
C LEU C 270 23.04 11.38 14.22
N LEU C 271 22.93 10.08 14.48
CA LEU C 271 21.68 9.34 14.28
C LEU C 271 21.42 8.46 15.50
N PRO C 272 20.83 9.03 16.54
CA PRO C 272 20.55 8.25 17.75
C PRO C 272 19.33 7.34 17.58
N LEU C 273 19.27 6.35 18.47
CA LEU C 273 18.15 5.43 18.57
C LEU C 273 17.76 5.29 20.03
N ASN C 274 16.45 5.20 20.28
CA ASN C 274 15.87 5.06 21.61
C ASN C 274 15.10 3.75 21.70
N GLU C 275 15.15 3.10 22.85
CA GLU C 275 14.20 2.05 23.19
C GLU C 275 13.51 2.39 24.50
N PRO C 276 12.35 1.80 24.77
CA PRO C 276 11.78 1.92 26.12
C PRO C 276 12.63 1.17 27.12
N VAL C 277 12.69 1.70 28.33
CA VAL C 277 13.26 0.93 29.44
C VAL C 277 12.27 -0.16 29.80
N HIS C 278 12.74 -1.41 29.80
CA HIS C 278 11.88 -2.54 30.08
C HIS C 278 11.99 -2.91 31.55
N GLY C 279 10.90 -3.40 32.11
CA GLY C 279 10.90 -3.95 33.44
C GLY C 279 10.35 -3.05 34.52
N THR C 280 10.35 -1.74 34.32
CA THR C 280 9.62 -0.90 35.26
C THR C 280 8.13 -1.04 34.98
N LYS C 281 7.32 -0.77 35.99
CA LYS C 281 5.86 -0.78 35.81
C LYS C 281 5.35 0.64 35.68
N ARG C 282 6.01 1.43 34.84
CA ARG C 282 5.66 2.82 34.60
C ARG C 282 5.35 3.02 33.11
N ARG C 283 4.62 4.09 32.82
CA ARG C 283 4.39 4.47 31.43
C ARG C 283 5.71 4.89 30.76
N SER C 284 5.77 4.73 29.45
CA SER C 284 6.97 5.01 28.66
C SER C 284 6.63 5.94 27.51
N GLN C 285 7.28 7.11 27.47
CA GLN C 285 7.14 8.02 26.33
C GLN C 285 7.52 7.33 25.02
N ILE C 286 8.53 6.46 25.04
CA ILE C 286 8.94 5.75 23.83
C ILE C 286 7.90 4.71 23.43
N GLN C 287 7.36 3.96 24.38
CA GLN C 287 6.33 2.97 24.05
C GLN C 287 5.07 3.65 23.53
N THR C 288 4.72 4.82 24.07
CA THR C 288 3.55 5.54 23.57
C THR C 288 3.75 5.95 22.12
N PHE C 289 4.96 6.40 21.77
CA PHE C 289 5.28 6.68 20.39
C PHE C 289 5.03 5.45 19.52
N LEU C 290 5.70 4.33 19.84
CA LEU C 290 5.58 3.13 19.03
C LEU C 290 4.12 2.73 18.83
N ASP C 291 3.33 2.78 19.90
CA ASP C 291 1.92 2.38 19.81
C ASP C 291 1.15 3.27 18.83
N HIS C 292 1.23 4.59 19.02
CA HIS C 292 0.45 5.49 18.16
C HIS C 292 1.00 5.51 16.75
N HIS C 293 2.32 5.44 16.61
CA HIS C 293 2.93 5.47 15.28
C HIS C 293 2.68 4.18 14.51
N GLY C 294 2.53 3.06 15.19
CA GLY C 294 2.36 1.79 14.53
C GLY C 294 3.64 1.06 14.20
N GLY C 295 4.75 1.40 14.85
CA GLY C 295 6.03 0.76 14.64
C GLY C 295 7.20 1.71 14.88
N PRO C 296 8.42 1.28 14.53
CA PRO C 296 9.58 2.17 14.66
C PRO C 296 9.42 3.39 13.77
N GLY C 297 10.11 4.46 14.15
CA GLY C 297 10.01 5.68 13.34
C GLY C 297 10.83 6.81 13.93
N VAL C 298 10.95 7.87 13.13
CA VAL C 298 11.67 9.07 13.56
C VAL C 298 10.85 9.74 14.65
N GLN C 299 11.47 9.91 15.82
CA GLN C 299 10.87 10.57 16.97
C GLN C 299 11.07 12.09 16.91
N HIS C 300 12.30 12.54 16.69
CA HIS C 300 12.49 13.97 16.54
C HIS C 300 13.68 14.27 15.65
N MET C 301 13.68 15.50 15.13
CA MET C 301 14.77 16.06 14.37
C MET C 301 15.19 17.33 15.09
N ALA C 302 16.49 17.46 15.32
CA ALA C 302 17.05 18.64 15.97
C ALA C 302 17.60 19.55 14.89
N LEU C 303 17.14 20.79 14.90
CA LEU C 303 17.50 21.82 13.93
C LEU C 303 18.31 22.88 14.66
N ALA C 304 19.54 23.11 14.19
CA ALA C 304 20.43 24.07 14.84
C ALA C 304 20.31 25.45 14.22
N SER C 305 20.51 26.46 15.07
CA SER C 305 20.62 27.85 14.70
C SER C 305 21.87 28.43 15.37
N ASP C 306 22.46 29.45 14.74
CA ASP C 306 23.57 30.15 15.38
C ASP C 306 23.12 31.21 16.38
N ASP C 307 21.81 31.52 16.43
CA ASP C 307 21.24 32.45 17.40
C ASP C 307 19.83 31.92 17.72
N VAL C 308 19.78 30.86 18.53
CA VAL C 308 18.51 30.18 18.78
C VAL C 308 17.53 31.08 19.49
N LEU C 309 18.01 32.01 20.33
CA LEU C 309 17.08 32.88 21.04
C LEU C 309 16.34 33.78 20.07
N ARG C 310 17.04 34.34 19.09
CA ARG C 310 16.39 35.11 18.04
C ARG C 310 15.46 34.23 17.21
N THR C 311 15.98 33.08 16.77
CA THR C 311 15.17 32.13 16.01
C THR C 311 13.87 31.80 16.73
N LEU C 312 13.96 31.50 18.03
CA LEU C 312 12.79 31.06 18.79
C LEU C 312 11.79 32.19 19.01
N ARG C 313 12.28 33.43 19.14
CA ARG C 313 11.35 34.55 19.20
C ARG C 313 10.48 34.61 17.94
N GLU C 314 11.09 34.37 16.79
CA GLU C 314 10.34 34.42 15.54
C GLU C 314 9.39 33.22 15.41
N MET C 315 9.88 32.01 15.69
CA MET C 315 9.00 30.84 15.63
C MET C 315 7.84 30.96 16.63
N GLN C 316 8.12 31.45 17.83
CA GLN C 316 7.06 31.50 18.81
C GLN C 316 6.00 32.55 18.48
N ALA C 317 6.35 33.58 17.70
CA ALA C 317 5.34 34.55 17.28
C ALA C 317 4.40 33.99 16.23
N ARG C 318 4.70 32.84 15.64
CA ARG C 318 3.85 32.18 14.65
C ARG C 318 2.98 31.09 15.28
N SER C 319 3.25 30.71 16.52
CA SER C 319 2.63 29.54 17.13
C SER C 319 1.11 29.61 17.07
N ALA C 320 0.53 30.73 17.50
CA ALA C 320 -0.92 30.79 17.72
C ALA C 320 -1.71 30.71 16.42
N MET C 321 -1.12 31.08 15.28
CA MET C 321 -1.83 31.11 14.02
C MET C 321 -1.46 29.94 13.11
N GLY C 322 -0.98 28.83 13.67
CA GLY C 322 -0.71 27.65 12.88
C GLY C 322 0.75 27.24 12.84
N GLY C 323 1.64 28.01 13.45
CA GLY C 323 3.00 27.57 13.65
C GLY C 323 3.07 26.45 14.68
N PHE C 324 4.23 26.26 15.29
CA PHE C 324 4.43 25.17 16.23
C PHE C 324 4.38 25.69 17.65
N GLU C 325 3.62 25.00 18.50
CA GLU C 325 3.66 25.22 19.93
C GLU C 325 4.90 24.57 20.52
N PHE C 326 5.35 25.10 21.64
CA PHE C 326 6.53 24.61 22.34
C PHE C 326 6.17 24.14 23.74
N MET C 327 6.96 23.20 24.25
CA MET C 327 6.82 22.80 25.64
C MET C 327 6.96 24.01 26.55
N ALA C 328 6.03 24.12 27.51
CA ALA C 328 5.96 25.26 28.40
C ALA C 328 7.28 25.48 29.14
N PRO C 329 7.63 26.72 29.45
CA PRO C 329 8.89 26.99 30.16
C PRO C 329 8.90 26.35 31.54
N PRO C 330 10.04 25.83 31.97
CA PRO C 330 10.20 25.44 33.39
C PRO C 330 10.04 26.65 34.30
N THR C 331 9.93 26.38 35.60
CA THR C 331 9.79 27.45 36.59
C THR C 331 11.10 28.19 36.79
N SER C 332 11.00 29.34 37.47
CA SER C 332 12.20 30.15 37.74
C SER C 332 13.25 29.41 38.57
N ASP C 333 12.84 28.40 39.35
CA ASP C 333 13.82 27.62 40.10
C ASP C 333 14.75 26.86 39.16
N TYR C 334 14.21 26.34 38.05
CA TYR C 334 15.05 25.68 37.07
C TYR C 334 16.13 26.63 36.55
N TYR C 335 15.77 27.89 36.31
CA TYR C 335 16.71 28.83 35.72
C TYR C 335 17.70 29.38 36.76
N ASP C 336 17.34 29.39 38.04
CA ASP C 336 18.38 29.61 39.04
C ASP C 336 19.41 28.50 39.00
N GLY C 337 18.99 27.28 38.68
CA GLY C 337 19.94 26.20 38.47
C GLY C 337 20.81 26.42 37.26
N VAL C 338 20.24 26.96 36.18
CA VAL C 338 21.01 27.30 34.99
C VAL C 338 22.13 28.29 35.34
N ARG C 339 21.81 29.28 36.18
CA ARG C 339 22.82 30.24 36.58
C ARG C 339 23.98 29.58 37.30
N ARG C 340 23.69 28.64 38.19
CA ARG C 340 24.76 27.90 38.88
C ARG C 340 25.55 27.04 37.91
N ARG C 341 24.87 26.31 37.03
CA ARG C 341 25.55 25.36 36.16
C ARG C 341 26.22 26.02 34.97
N ALA C 342 25.71 27.18 34.50
CA ALA C 342 26.21 27.70 33.23
C ALA C 342 26.36 29.22 33.24
N GLY C 343 26.39 29.86 34.41
CA GLY C 343 26.56 31.29 34.46
C GLY C 343 27.92 31.79 34.02
N ASP C 344 28.90 30.89 33.90
CA ASP C 344 30.21 31.29 33.41
C ASP C 344 30.26 31.38 31.88
N VAL C 345 29.28 30.84 31.18
CA VAL C 345 29.24 30.89 29.74
C VAL C 345 28.10 31.78 29.24
N LEU C 346 26.90 31.64 29.81
CA LEU C 346 25.74 32.45 29.43
C LEU C 346 25.65 33.66 30.34
N THR C 347 25.37 34.82 29.75
CA THR C 347 25.12 36.02 30.55
C THR C 347 23.76 35.95 31.24
N GLU C 348 23.60 36.81 32.24
CA GLU C 348 22.31 36.95 32.92
C GLU C 348 21.21 37.29 31.92
N ALA C 349 21.49 38.21 30.99
CA ALA C 349 20.51 38.58 29.98
C ALA C 349 20.11 37.37 29.12
N GLN C 350 21.09 36.56 28.71
CA GLN C 350 20.79 35.35 27.96
C GLN C 350 19.93 34.39 28.76
N ILE C 351 20.20 34.25 30.06
CA ILE C 351 19.42 33.30 30.85
C ILE C 351 18.02 33.84 31.08
N LYS C 352 17.90 35.15 31.32
CA LYS C 352 16.58 35.74 31.42
C LYS C 352 15.77 35.50 30.15
N GLU C 353 16.39 35.60 28.99
CA GLU C 353 15.66 35.33 27.76
C GLU C 353 15.36 33.83 27.61
N CYS C 354 16.29 32.97 28.03
CA CYS C 354 16.02 31.53 28.04
C CYS C 354 14.75 31.22 28.80
N GLN C 355 14.58 31.84 29.97
CA GLN C 355 13.37 31.57 30.76
C GLN C 355 12.12 32.08 30.06
N GLU C 356 12.19 33.27 29.45
CA GLU C 356 11.03 33.81 28.76
C GLU C 356 10.57 32.88 27.64
N LEU C 357 11.52 32.29 26.90
CA LEU C 357 11.19 31.42 25.79
C LEU C 357 11.00 29.96 26.21
N GLY C 358 11.51 29.57 27.36
CA GLY C 358 11.43 28.19 27.78
C GLY C 358 12.54 27.29 27.28
N VAL C 359 13.67 27.85 26.82
CA VAL C 359 14.75 26.97 26.35
C VAL C 359 15.47 26.37 27.56
N LEU C 360 15.90 25.13 27.38
CA LEU C 360 16.62 24.37 28.38
C LEU C 360 18.11 24.42 28.10
N VAL C 361 18.90 24.27 29.16
CA VAL C 361 20.35 24.47 29.07
C VAL C 361 21.03 23.28 29.72
N ASP C 362 21.89 22.61 28.96
CA ASP C 362 22.73 21.54 29.49
C ASP C 362 24.18 21.82 29.10
N ARG C 363 25.08 21.13 29.78
CA ARG C 363 26.51 21.38 29.61
C ARG C 363 27.26 20.08 29.90
N ASP C 364 28.36 19.88 29.19
CA ASP C 364 29.25 18.76 29.46
C ASP C 364 30.67 19.32 29.50
N ASP C 365 31.68 18.43 29.43
CA ASP C 365 33.05 18.88 29.53
C ASP C 365 33.45 19.79 28.37
N GLN C 366 32.83 19.63 27.21
CA GLN C 366 33.25 20.38 26.04
C GLN C 366 32.48 21.70 25.85
N GLY C 367 31.16 21.71 26.06
CA GLY C 367 30.43 22.93 25.74
C GLY C 367 29.04 22.95 26.31
N VAL C 368 28.23 23.88 25.79
CA VAL C 368 26.90 24.16 26.32
C VAL C 368 25.86 23.93 25.22
N LEU C 369 24.76 23.28 25.58
CA LEU C 369 23.66 23.01 24.66
C LEU C 369 22.44 23.81 25.12
N LEU C 370 21.92 24.65 24.22
CA LEU C 370 20.60 25.24 24.39
C LEU C 370 19.63 24.45 23.54
N GLN C 371 18.54 23.99 24.14
CA GLN C 371 17.59 23.17 23.40
C GLN C 371 16.18 23.49 23.87
N ILE C 372 15.23 23.36 22.94
CA ILE C 372 13.82 23.39 23.28
C ILE C 372 13.09 22.43 22.36
N PHE C 373 11.97 21.91 22.83
CA PHE C 373 11.18 20.94 22.08
C PHE C 373 9.82 21.53 21.75
N THR C 374 9.37 21.30 20.52
CA THR C 374 7.99 21.58 20.16
C THR C 374 7.08 20.50 20.72
N LYS C 375 5.80 20.86 20.86
CA LYS C 375 4.79 19.84 20.98
C LYS C 375 4.75 19.05 19.67
N PRO C 376 4.11 17.87 19.65
CA PRO C 376 4.02 17.09 18.41
C PRO C 376 3.55 17.94 17.23
N VAL C 377 4.18 17.69 16.07
CA VAL C 377 3.93 18.51 14.88
C VAL C 377 2.87 17.90 13.96
N GLY C 378 2.38 16.69 14.26
CA GLY C 378 1.27 16.10 13.53
C GLY C 378 0.07 15.86 14.42
N ASP C 379 -0.85 14.98 14.02
CA ASP C 379 -2.03 14.72 14.84
C ASP C 379 -1.71 13.83 16.03
N ARG C 380 -0.77 12.87 15.87
CA ARG C 380 -0.50 11.88 16.89
C ARG C 380 0.63 12.35 17.81
N PRO C 381 0.64 11.87 19.04
CA PRO C 381 1.75 12.23 19.93
C PRO C 381 3.04 11.50 19.55
N THR C 382 3.52 11.73 18.34
CA THR C 382 4.68 11.01 17.82
C THR C 382 5.82 11.95 17.46
N LEU C 383 5.89 12.38 16.21
CA LEU C 383 7.00 13.23 15.76
C LEU C 383 6.93 14.61 16.40
N PHE C 384 8.09 15.09 16.87
CA PHE C 384 8.25 16.46 17.34
C PHE C 384 9.62 16.98 16.89
N LEU C 385 9.86 18.26 17.13
CA LEU C 385 11.07 18.94 16.71
C LEU C 385 11.84 19.41 17.94
N GLU C 386 13.17 19.50 17.79
CA GLU C 386 14.05 20.14 18.76
C GLU C 386 14.78 21.28 18.07
N ILE C 387 14.81 22.45 18.70
CA ILE C 387 15.52 23.62 18.19
C ILE C 387 16.68 23.89 19.13
N ILE C 388 17.89 24.07 18.58
CA ILE C 388 19.07 24.09 19.43
C ILE C 388 20.09 25.14 18.99
N GLN C 389 20.98 25.47 19.93
CA GLN C 389 22.27 26.10 19.66
C GLN C 389 23.30 25.42 20.53
N ARG C 390 24.50 25.21 19.97
CA ARG C 390 25.65 24.67 20.71
C ARG C 390 26.71 25.74 20.81
N ILE C 391 27.29 25.90 22.00
CA ILE C 391 28.32 26.90 22.25
C ILE C 391 29.60 26.20 22.71
N GLY C 392 30.67 26.36 21.95
CA GLY C 392 31.99 25.85 22.28
C GLY C 392 32.57 24.96 21.20
N CYS C 393 33.61 24.22 21.58
CA CYS C 393 34.25 23.20 20.72
C CYS C 393 34.59 23.75 19.33
N MET C 394 35.05 24.99 19.27
CA MET C 394 35.44 25.58 18.00
C MET C 394 36.88 25.18 17.66
N GLU C 395 37.08 24.80 16.40
CA GLU C 395 38.39 24.44 15.89
C GLU C 395 38.51 24.95 14.46
N ARG C 396 39.73 24.88 13.93
CA ARG C 396 39.99 25.25 12.53
C ARG C 396 40.39 24.00 11.75
N ASP C 397 39.89 23.91 10.52
CA ASP C 397 40.01 22.71 9.69
C ASP C 397 41.44 22.21 9.53
N GLU C 398 42.02 22.54 8.36
CA GLU C 398 43.43 22.29 8.01
C GLU C 398 43.93 23.37 7.12
N LYS C 399 43.12 23.70 6.13
CA LYS C 399 43.26 24.95 5.50
C LYS C 399 42.41 26.08 6.13
N GLY C 400 42.33 26.12 7.45
CA GLY C 400 41.99 27.34 8.13
C GLY C 400 40.60 27.88 8.44
N GLN C 401 39.51 27.28 7.98
CA GLN C 401 38.18 27.82 8.27
C GLN C 401 37.64 27.31 9.61
N GLU C 402 36.96 28.14 10.41
CA GLU C 402 36.56 27.63 11.72
C GLU C 402 35.36 26.70 11.56
N TYR C 403 35.31 25.68 12.40
CA TYR C 403 34.19 24.76 12.44
C TYR C 403 33.97 24.34 13.89
N GLN C 404 32.83 23.67 14.12
CA GLN C 404 32.47 23.21 15.45
C GLN C 404 32.48 21.68 15.50
N LYS C 405 33.08 21.13 16.55
CA LYS C 405 33.05 19.68 16.72
C LYS C 405 31.61 19.21 16.93
N GLY C 406 31.27 18.11 16.28
CA GLY C 406 29.91 17.61 16.38
C GLY C 406 29.56 17.20 17.79
N GLY C 407 28.27 17.35 18.12
CA GLY C 407 27.81 16.93 19.43
C GLY C 407 28.26 17.79 20.59
N CYS C 408 28.82 18.97 20.34
CA CYS C 408 29.32 19.88 21.37
C CYS C 408 28.24 20.25 22.39
N GLY C 409 28.41 19.84 23.66
CA GLY C 409 27.43 20.10 24.70
C GLY C 409 26.45 18.99 24.96
N GLY C 410 26.43 17.94 24.12
CA GLY C 410 25.61 16.77 24.42
C GLY C 410 24.25 16.77 23.75
N PHE C 411 23.29 16.06 24.35
CA PHE C 411 21.93 15.98 23.81
C PHE C 411 20.88 16.30 24.86
N GLY C 412 21.30 16.75 26.04
CA GLY C 412 20.36 17.19 27.03
C GLY C 412 20.00 16.15 28.08
N LYS C 413 20.84 15.13 28.28
CA LYS C 413 20.46 14.12 29.26
C LYS C 413 20.34 14.73 30.64
N GLY C 414 21.13 15.76 30.94
CA GLY C 414 20.96 16.46 32.20
C GLY C 414 19.58 17.05 32.39
N ASN C 415 18.83 17.27 31.31
CA ASN C 415 17.52 17.91 31.40
C ASN C 415 16.36 16.95 31.60
N PHE C 416 16.60 15.64 31.68
CA PHE C 416 15.49 14.69 31.76
C PHE C 416 14.77 14.70 33.11
N SER C 417 15.19 15.56 34.05
CA SER C 417 14.45 15.72 35.30
C SER C 417 13.33 16.75 35.14
N GLN C 418 13.67 17.98 34.76
CA GLN C 418 12.67 18.98 34.42
C GLN C 418 12.49 19.08 32.91
N PHE D 36 -38.18 35.41 -8.31
CA PHE D 36 -39.15 34.47 -7.75
C PHE D 36 -38.52 33.55 -6.73
N ASN D 37 -39.13 33.49 -5.55
CA ASN D 37 -38.71 32.59 -4.48
C ASN D 37 -39.96 31.89 -3.97
N PRO D 38 -40.15 30.60 -4.27
CA PRO D 38 -41.34 29.90 -3.78
C PRO D 38 -41.30 29.50 -2.32
N ARG D 39 -40.18 29.71 -1.63
CA ARG D 39 -40.03 29.36 -0.22
C ARG D 39 -40.54 27.95 0.05
N SER D 40 -39.94 27.01 -0.67
CA SER D 40 -40.39 25.63 -0.70
C SER D 40 -39.55 24.70 0.18
N ASP D 41 -38.74 25.25 1.10
CA ASP D 41 -37.94 24.42 2.00
C ASP D 41 -38.81 23.38 2.68
N ARG D 42 -38.35 22.14 2.71
CA ARG D 42 -39.10 21.09 3.39
C ARG D 42 -38.91 21.11 4.91
N PHE D 43 -37.92 21.83 5.40
CA PHE D 43 -37.66 21.97 6.83
C PHE D 43 -37.00 23.33 7.03
N HIS D 44 -37.04 23.81 8.27
CA HIS D 44 -36.54 25.13 8.58
C HIS D 44 -35.02 25.11 8.58
N THR D 45 -34.42 25.80 7.61
CA THR D 45 -32.97 25.85 7.39
C THR D 45 -32.48 27.25 7.77
N LEU D 46 -31.71 27.33 8.86
CA LEU D 46 -31.36 28.60 9.45
C LEU D 46 -30.14 29.25 8.78
N ALA D 47 -29.05 28.51 8.64
CA ALA D 47 -27.78 29.10 8.20
C ALA D 47 -26.77 27.98 7.92
N PHE D 48 -25.69 28.36 7.25
CA PHE D 48 -24.48 27.52 7.27
C PHE D 48 -24.01 27.38 8.71
N HIS D 49 -23.51 26.19 9.05
CA HIS D 49 -22.96 25.96 10.38
C HIS D 49 -21.46 25.69 10.34
N HIS D 50 -21.01 24.78 9.49
CA HIS D 50 -19.58 24.49 9.36
C HIS D 50 -19.36 23.63 8.13
N VAL D 51 -18.09 23.44 7.80
CA VAL D 51 -17.65 22.57 6.73
C VAL D 51 -16.56 21.69 7.33
N GLU D 52 -16.65 20.39 7.09
CA GLU D 52 -15.65 19.45 7.59
C GLU D 52 -14.87 18.87 6.42
N LEU D 53 -13.55 18.99 6.49
CA LEU D 53 -12.65 18.29 5.61
C LEU D 53 -12.17 17.04 6.34
N TRP D 54 -12.32 15.88 5.68
CA TRP D 54 -11.68 14.67 6.17
C TRP D 54 -10.26 14.63 5.62
N CYS D 55 -9.31 14.33 6.49
CA CYS D 55 -7.88 14.41 6.19
C CYS D 55 -7.19 13.15 6.68
N ALA D 56 -6.08 12.80 6.03
CA ALA D 56 -5.16 11.87 6.68
C ALA D 56 -4.22 12.59 7.64
N ASP D 57 -4.17 13.92 7.56
CA ASP D 57 -3.25 14.75 8.30
C ASP D 57 -3.94 16.09 8.57
N ALA D 58 -4.71 16.15 9.64
CA ALA D 58 -5.50 17.34 9.94
C ALA D 58 -4.64 18.49 10.45
N ALA D 59 -3.59 18.17 11.22
CA ALA D 59 -2.74 19.20 11.81
C ALA D 59 -2.09 20.08 10.73
N SER D 60 -1.58 19.45 9.68
CA SER D 60 -0.93 20.22 8.62
C SER D 60 -1.91 21.13 7.91
N ALA D 61 -3.08 20.59 7.53
CA ALA D 61 -4.04 21.37 6.76
C ALA D 61 -4.66 22.47 7.60
N ALA D 62 -5.06 22.14 8.83
CA ALA D 62 -5.62 23.16 9.73
C ALA D 62 -4.60 24.24 10.03
N GLY D 63 -3.34 23.88 10.22
CA GLY D 63 -2.33 24.90 10.49
C GLY D 63 -2.19 25.86 9.33
N ARG D 64 -2.12 25.33 8.10
CA ARG D 64 -1.96 26.20 6.95
C ARG D 64 -3.21 27.02 6.68
N PHE D 65 -4.39 26.42 6.83
CA PHE D 65 -5.61 27.21 6.66
C PHE D 65 -5.66 28.35 7.68
N SER D 66 -5.14 28.13 8.89
CA SER D 66 -5.31 29.13 9.95
C SER D 66 -4.57 30.42 9.62
N PHE D 67 -3.27 30.34 9.29
CA PHE D 67 -2.60 31.59 8.95
C PHE D 67 -2.83 31.98 7.50
N GLY D 68 -3.19 31.02 6.65
CA GLY D 68 -3.50 31.35 5.27
C GLY D 68 -4.78 32.17 5.15
N LEU D 69 -5.78 31.87 5.98
CA LEU D 69 -7.07 32.54 5.94
C LEU D 69 -7.28 33.52 7.08
N GLY D 70 -6.46 33.48 8.13
CA GLY D 70 -6.70 34.25 9.34
C GLY D 70 -7.87 33.71 10.14
N ALA D 71 -7.87 32.40 10.37
CA ALA D 71 -8.96 31.72 11.08
C ALA D 71 -8.33 31.04 12.29
N PRO D 72 -8.28 31.72 13.43
CA PRO D 72 -7.64 31.13 14.62
C PRO D 72 -8.31 29.83 15.03
N LEU D 73 -7.49 28.92 15.58
CA LEU D 73 -8.06 27.72 16.19
C LEU D 73 -9.01 28.13 17.30
N ALA D 74 -10.20 27.53 17.33
CA ALA D 74 -11.23 27.89 18.29
C ALA D 74 -11.76 26.71 19.11
N ALA D 75 -11.57 25.46 18.67
CA ALA D 75 -11.97 24.31 19.45
C ALA D 75 -11.22 23.08 18.96
N ARG D 76 -11.17 22.06 19.81
CA ARG D 76 -10.51 20.83 19.42
C ARG D 76 -11.17 19.65 20.12
N SER D 77 -11.11 18.50 19.44
CA SER D 77 -11.50 17.22 20.02
C SER D 77 -10.49 16.20 19.56
N ASP D 78 -9.74 15.64 20.51
CA ASP D 78 -8.66 14.71 20.15
C ASP D 78 -8.27 13.96 21.44
N LEU D 79 -7.08 13.33 21.38
CA LEU D 79 -6.60 12.60 22.55
C LEU D 79 -6.57 13.50 23.79
N SER D 80 -6.20 14.77 23.62
CA SER D 80 -6.08 15.67 24.77
C SER D 80 -7.43 15.96 25.43
N THR D 81 -8.54 15.65 24.76
CA THR D 81 -9.88 15.85 25.30
C THR D 81 -10.60 14.53 25.54
N GLY D 82 -9.90 13.40 25.45
CA GLY D 82 -10.49 12.09 25.65
C GLY D 82 -11.05 11.42 24.40
N ASN D 83 -10.89 12.02 23.23
CA ASN D 83 -11.32 11.42 21.97
C ASN D 83 -10.16 10.64 21.38
N SER D 84 -10.21 9.32 21.46
CA SER D 84 -9.18 8.46 20.88
C SER D 84 -9.56 7.94 19.50
N ALA D 85 -10.74 8.29 18.99
CA ALA D 85 -11.17 7.82 17.68
C ALA D 85 -10.73 8.74 16.54
N HIS D 86 -10.80 10.06 16.73
CA HIS D 86 -10.36 10.98 15.70
C HIS D 86 -9.79 12.24 16.32
N ALA D 87 -8.97 12.93 15.53
CA ALA D 87 -8.41 14.23 15.88
C ALA D 87 -9.13 15.28 15.04
N SER D 88 -9.75 16.25 15.71
CA SER D 88 -10.54 17.27 15.06
C SER D 88 -10.09 18.64 15.53
N LEU D 89 -9.90 19.54 14.58
CA LEU D 89 -9.47 20.92 14.82
C LEU D 89 -10.47 21.84 14.16
N LEU D 90 -10.98 22.80 14.92
CA LEU D 90 -11.98 23.73 14.43
C LEU D 90 -11.35 25.11 14.34
N LEU D 91 -11.28 25.66 13.13
CA LEU D 91 -10.89 27.04 12.92
C LEU D 91 -12.13 27.93 12.81
N ARG D 92 -11.99 29.18 13.22
CA ARG D 92 -13.12 30.10 13.18
C ARG D 92 -12.64 31.50 12.78
N SER D 93 -13.40 32.15 11.90
CA SER D 93 -13.23 33.56 11.60
C SER D 93 -14.63 34.13 11.47
N GLY D 94 -15.02 35.02 12.39
CA GLY D 94 -16.41 35.43 12.45
C GLY D 94 -17.30 34.21 12.65
N SER D 95 -18.31 34.07 11.78
CA SER D 95 -19.21 32.92 11.84
C SER D 95 -18.75 31.77 10.93
N LEU D 96 -17.59 31.92 10.28
CA LEU D 96 -17.00 30.90 9.43
C LEU D 96 -16.35 29.83 10.29
N SER D 97 -16.71 28.56 10.06
CA SER D 97 -16.20 27.44 10.85
C SER D 97 -15.72 26.33 9.94
N PHE D 98 -14.41 26.06 9.96
CA PHE D 98 -13.80 24.94 9.23
C PHE D 98 -13.40 23.85 10.22
N LEU D 99 -13.82 22.62 9.96
CA LEU D 99 -13.46 21.47 10.78
C LEU D 99 -12.52 20.57 9.99
N PHE D 100 -11.39 20.21 10.60
CA PHE D 100 -10.44 19.29 10.01
C PHE D 100 -10.33 18.07 10.90
N THR D 101 -10.54 16.89 10.33
CA THR D 101 -10.63 15.66 11.10
C THR D 101 -9.78 14.59 10.44
N ALA D 102 -8.98 13.89 11.26
CA ALA D 102 -8.20 12.74 10.85
C ALA D 102 -8.42 11.59 11.82
N PRO D 103 -8.43 10.37 11.32
CA PRO D 103 -8.56 9.21 12.20
C PRO D 103 -7.25 8.93 12.91
N TYR D 104 -7.35 8.46 14.15
CA TYR D 104 -6.20 7.77 14.73
C TYR D 104 -6.10 6.36 14.16
N ALA D 105 -4.92 5.77 14.28
CA ALA D 105 -4.69 4.44 13.70
C ALA D 105 -4.79 3.31 14.71
N HIS D 106 -4.41 3.55 15.97
CA HIS D 106 -4.28 2.46 16.94
C HIS D 106 -4.83 2.91 18.29
N GLY D 107 -5.36 1.95 19.04
CA GLY D 107 -5.88 2.23 20.37
C GLY D 107 -7.16 3.04 20.40
N ALA D 108 -7.91 3.07 19.31
CA ALA D 108 -9.11 3.89 19.23
C ALA D 108 -10.31 3.10 19.71
N ASP D 109 -11.08 3.68 20.63
CA ASP D 109 -12.43 3.17 20.88
C ASP D 109 -13.42 4.20 20.37
N ALA D 110 -14.22 3.79 19.37
CA ALA D 110 -15.04 4.71 18.61
C ALA D 110 -16.07 5.43 19.46
N ALA D 111 -16.34 4.95 20.67
CA ALA D 111 -17.33 5.58 21.52
C ALA D 111 -16.88 6.94 22.04
N THR D 112 -15.60 7.28 21.89
CA THR D 112 -15.11 8.59 22.30
C THR D 112 -15.22 9.63 21.20
N ALA D 113 -15.64 9.25 20.00
CA ALA D 113 -15.71 10.17 18.87
C ALA D 113 -16.71 11.28 19.15
N ALA D 114 -16.25 12.53 19.12
CA ALA D 114 -17.17 13.65 19.29
C ALA D 114 -18.08 13.83 18.08
N LEU D 115 -17.68 13.30 16.92
CA LEU D 115 -18.53 13.22 15.75
C LEU D 115 -18.99 11.77 15.59
N PRO D 116 -20.20 11.41 16.04
CA PRO D 116 -20.61 9.99 16.02
C PRO D 116 -20.62 9.37 14.64
N SER D 117 -20.84 10.18 13.60
CA SER D 117 -20.83 9.66 12.24
C SER D 117 -19.44 9.29 11.75
N PHE D 118 -18.39 9.62 12.49
CA PHE D 118 -17.04 9.34 12.01
C PHE D 118 -16.81 7.83 11.90
N SER D 119 -16.21 7.42 10.78
CA SER D 119 -15.78 6.05 10.56
C SER D 119 -14.33 6.08 10.11
N ALA D 120 -13.45 5.42 10.88
CA ALA D 120 -12.04 5.40 10.52
C ALA D 120 -11.83 4.78 9.15
N ALA D 121 -12.45 3.63 8.89
CA ALA D 121 -12.24 2.95 7.61
C ALA D 121 -12.71 3.82 6.45
N ALA D 122 -13.87 4.47 6.60
CA ALA D 122 -14.36 5.34 5.54
C ALA D 122 -13.47 6.57 5.37
N ALA D 123 -12.99 7.16 6.48
CA ALA D 123 -12.11 8.32 6.38
C ALA D 123 -10.75 7.97 5.78
N ARG D 124 -10.26 6.75 6.02
CA ARG D 124 -9.03 6.35 5.34
C ARG D 124 -9.25 6.20 3.85
N ARG D 125 -10.36 5.56 3.45
CA ARG D 125 -10.66 5.42 2.03
C ARG D 125 -10.93 6.79 1.41
N PHE D 126 -11.62 7.67 2.14
CA PHE D 126 -11.86 9.04 1.68
C PHE D 126 -10.55 9.74 1.31
N ALA D 127 -9.57 9.70 2.22
CA ALA D 127 -8.30 10.37 1.95
C ALA D 127 -7.58 9.77 0.75
N ALA D 128 -7.54 8.44 0.66
CA ALA D 128 -6.91 7.80 -0.47
C ALA D 128 -7.62 8.15 -1.77
N ASP D 129 -8.96 8.18 -1.74
CA ASP D 129 -9.75 8.45 -2.92
C ASP D 129 -9.62 9.91 -3.38
N HIS D 130 -9.68 10.85 -2.43
CA HIS D 130 -9.91 12.24 -2.78
C HIS D 130 -8.76 13.18 -2.46
N GLY D 131 -7.81 12.80 -1.62
CA GLY D 131 -6.88 13.82 -1.15
C GLY D 131 -7.62 14.74 -0.18
N LEU D 132 -6.99 15.89 0.09
CA LEU D 132 -7.60 16.88 0.98
C LEU D 132 -8.91 17.37 0.38
N ALA D 133 -10.01 17.17 1.08
CA ALA D 133 -11.31 17.39 0.45
C ALA D 133 -12.40 17.57 1.49
N VAL D 134 -13.46 18.28 1.10
CA VAL D 134 -14.61 18.49 1.98
C VAL D 134 -15.42 17.20 2.08
N ARG D 135 -15.63 16.75 3.31
CA ARG D 135 -16.50 15.61 3.55
C ARG D 135 -17.95 16.02 3.82
N ALA D 136 -18.15 17.08 4.58
CA ALA D 136 -19.49 17.46 5.04
C ALA D 136 -19.73 18.95 4.89
N VAL D 137 -20.90 19.29 4.39
CA VAL D 137 -21.41 20.66 4.39
C VAL D 137 -22.53 20.66 5.44
N ALA D 138 -22.32 21.37 6.54
CA ALA D 138 -23.25 21.32 7.66
C ALA D 138 -24.11 22.57 7.69
N LEU D 139 -25.42 22.36 7.76
CA LEU D 139 -26.39 23.44 7.92
C LEU D 139 -26.97 23.38 9.33
N ARG D 140 -27.14 24.55 9.95
CA ARG D 140 -27.97 24.60 11.15
C ARG D 140 -29.43 24.65 10.75
N VAL D 141 -30.22 23.74 11.31
CA VAL D 141 -31.66 23.65 11.06
C VAL D 141 -32.38 23.69 12.40
N ALA D 142 -33.70 23.92 12.34
CA ALA D 142 -34.49 24.00 13.56
C ALA D 142 -34.45 22.67 14.33
N ASP D 143 -34.45 21.55 13.60
CA ASP D 143 -34.59 20.23 14.21
C ASP D 143 -33.96 19.22 13.26
N ALA D 144 -32.78 18.71 13.63
CA ALA D 144 -32.06 17.81 12.72
C ALA D 144 -32.84 16.53 12.47
N GLU D 145 -33.62 16.07 13.46
CA GLU D 145 -34.39 14.84 13.27
C GLU D 145 -35.44 15.05 12.20
N ASP D 146 -36.18 16.15 12.29
CA ASP D 146 -37.21 16.46 11.28
C ASP D 146 -36.58 16.73 9.93
N ALA D 147 -35.43 17.43 9.89
CA ALA D 147 -34.75 17.64 8.64
C ALA D 147 -34.39 16.31 7.99
N PHE D 148 -33.82 15.40 8.79
CA PHE D 148 -33.51 14.06 8.29
C PHE D 148 -34.76 13.38 7.76
N ARG D 149 -35.81 13.32 8.59
CA ARG D 149 -37.01 12.60 8.19
C ARG D 149 -37.62 13.20 6.93
N ALA D 150 -37.73 14.53 6.88
CA ALA D 150 -38.33 15.15 5.70
C ALA D 150 -37.48 14.93 4.46
N SER D 151 -36.16 14.90 4.64
CA SER D 151 -35.26 14.67 3.49
C SER D 151 -35.44 13.27 2.94
N VAL D 152 -35.34 12.25 3.80
CA VAL D 152 -35.42 10.87 3.33
C VAL D 152 -36.80 10.58 2.76
N ALA D 153 -37.86 11.11 3.38
CA ALA D 153 -39.20 10.94 2.81
C ALA D 153 -39.28 11.50 1.39
N ALA D 154 -38.47 12.52 1.07
CA ALA D 154 -38.44 13.12 -0.25
C ALA D 154 -37.27 12.64 -1.08
N GLY D 155 -36.74 11.46 -0.78
CA GLY D 155 -35.78 10.81 -1.65
C GLY D 155 -34.33 10.89 -1.24
N ALA D 156 -34.00 11.56 -0.14
CA ALA D 156 -32.60 11.64 0.29
C ALA D 156 -32.08 10.26 0.63
N ARG D 157 -30.83 10.01 0.27
CA ARG D 157 -30.17 8.79 0.68
C ARG D 157 -29.62 8.98 2.07
N PRO D 158 -30.07 8.23 3.07
CA PRO D 158 -29.58 8.44 4.43
C PRO D 158 -28.11 8.09 4.54
N ALA D 159 -27.41 8.86 5.36
CA ALA D 159 -25.99 8.64 5.63
C ALA D 159 -25.73 8.32 7.10
N PHE D 160 -26.34 9.06 8.01
CA PHE D 160 -26.19 8.80 9.44
C PHE D 160 -27.49 9.24 10.11
N GLY D 161 -28.24 8.27 10.64
CA GLY D 161 -29.55 8.53 11.21
C GLY D 161 -29.40 9.46 12.38
N PRO D 162 -30.46 10.20 12.72
CA PRO D 162 -30.30 11.26 13.71
C PRO D 162 -29.94 10.71 15.08
N VAL D 163 -29.08 11.45 15.78
CA VAL D 163 -28.66 11.11 17.13
C VAL D 163 -28.71 12.37 17.97
N ASP D 164 -28.74 12.17 19.27
CA ASP D 164 -28.73 13.26 20.23
C ASP D 164 -27.32 13.37 20.81
N LEU D 165 -26.71 14.54 20.69
CA LEU D 165 -25.34 14.72 21.17
C LEU D 165 -25.27 15.12 22.63
N GLY D 166 -26.39 15.52 23.22
CA GLY D 166 -26.41 16.08 24.56
C GLY D 166 -26.68 17.58 24.51
N ARG D 167 -27.22 18.10 25.62
CA ARG D 167 -27.44 19.53 25.80
C ARG D 167 -28.33 20.11 24.70
N GLY D 168 -29.26 19.32 24.17
CA GLY D 168 -30.16 19.78 23.15
C GLY D 168 -29.67 19.66 21.73
N PHE D 169 -28.42 19.20 21.53
CA PHE D 169 -27.87 19.06 20.19
C PHE D 169 -28.37 17.78 19.51
N ARG D 170 -28.73 17.93 18.24
CA ARG D 170 -28.99 16.80 17.35
C ARG D 170 -28.13 16.92 16.10
N LEU D 171 -27.87 15.76 15.51
CA LEU D 171 -27.06 15.65 14.31
C LEU D 171 -27.63 14.56 13.44
N ALA D 172 -27.64 14.80 12.13
CA ALA D 172 -28.02 13.79 11.16
C ALA D 172 -27.34 14.11 9.83
N GLU D 173 -27.21 13.10 8.97
CA GLU D 173 -26.52 13.31 7.69
C GLU D 173 -27.24 12.55 6.59
N VAL D 174 -27.28 13.16 5.40
CA VAL D 174 -27.75 12.51 4.18
C VAL D 174 -26.71 12.74 3.10
N GLU D 175 -26.77 11.91 2.06
CA GLU D 175 -25.81 12.03 0.98
C GLU D 175 -26.14 13.26 0.13
N LEU D 176 -25.11 14.06 -0.18
CA LEU D 176 -25.31 15.28 -0.96
C LEU D 176 -24.93 15.08 -2.42
N TYR D 177 -23.69 14.68 -2.67
CA TYR D 177 -23.25 14.23 -3.98
C TYR D 177 -21.94 13.46 -3.78
N GLY D 178 -21.79 12.33 -4.46
CA GLY D 178 -20.59 11.53 -4.26
C GLY D 178 -20.42 11.15 -2.80
N ASP D 179 -19.19 11.26 -2.30
CA ASP D 179 -18.88 10.96 -0.91
C ASP D 179 -19.04 12.16 0.02
N VAL D 180 -19.69 13.25 -0.46
CA VAL D 180 -19.98 14.41 0.38
C VAL D 180 -21.37 14.27 0.97
N VAL D 181 -21.48 14.61 2.26
CA VAL D 181 -22.76 14.52 2.94
C VAL D 181 -23.22 15.91 3.32
N LEU D 182 -24.56 16.06 3.37
CA LEU D 182 -25.19 17.23 3.95
C LEU D 182 -25.52 16.91 5.41
N ARG D 183 -24.90 17.64 6.32
CA ARG D 183 -25.03 17.41 7.75
C ARG D 183 -26.00 18.43 8.32
N TYR D 184 -26.99 17.93 9.06
CA TYR D 184 -27.94 18.76 9.77
C TYR D 184 -27.55 18.79 11.24
N VAL D 185 -27.49 19.98 11.82
CA VAL D 185 -27.26 20.14 13.25
C VAL D 185 -28.29 21.12 13.78
N SER D 186 -28.80 20.84 14.99
CA SER D 186 -29.75 21.71 15.65
C SER D 186 -29.42 21.77 17.13
N TYR D 187 -29.70 22.91 17.75
CA TYR D 187 -29.41 23.14 19.16
C TYR D 187 -30.13 24.40 19.62
N PRO D 188 -30.43 24.54 20.91
CA PRO D 188 -31.17 25.72 21.37
C PRO D 188 -30.30 26.98 21.39
N ASP D 189 -30.99 28.12 21.27
CA ASP D 189 -30.31 29.42 21.11
C ASP D 189 -29.50 29.84 22.34
N GLY D 190 -29.80 29.29 23.52
CA GLY D 190 -29.20 29.81 24.73
C GLY D 190 -27.71 29.64 24.94
N ALA D 191 -26.90 30.06 23.97
CA ALA D 191 -25.44 30.04 24.12
C ALA D 191 -24.76 30.90 23.06
N ALA D 192 -23.63 30.38 22.56
CA ALA D 192 -22.59 31.00 21.75
C ALA D 192 -21.28 30.66 22.43
N GLY D 193 -21.37 30.36 23.72
CA GLY D 193 -20.24 29.94 24.52
C GLY D 193 -19.98 28.45 24.42
N GLU D 194 -20.97 27.69 23.94
CA GLU D 194 -20.74 26.29 23.62
C GLU D 194 -19.75 26.22 22.47
N PRO D 195 -18.53 25.70 22.66
CA PRO D 195 -17.47 25.87 21.65
C PRO D 195 -17.86 25.48 20.23
N PHE D 196 -18.62 24.39 20.06
CA PHE D 196 -18.93 23.90 18.72
C PHE D 196 -20.01 22.83 18.79
N LEU D 197 -19.62 21.63 19.21
CA LEU D 197 -20.53 20.54 19.50
C LEU D 197 -20.08 19.93 20.82
N PRO D 198 -20.96 19.24 21.55
CA PRO D 198 -20.56 18.56 22.77
C PRO D 198 -19.34 17.68 22.53
N GLY D 199 -18.42 17.69 23.49
CA GLY D 199 -17.20 16.93 23.39
C GLY D 199 -16.01 17.72 22.88
N PHE D 200 -16.27 18.89 22.27
CA PHE D 200 -15.21 19.81 21.88
C PHE D 200 -14.87 20.74 23.03
N GLU D 201 -13.58 21.00 23.22
CA GLU D 201 -13.12 21.98 24.20
C GLU D 201 -12.67 23.24 23.47
N GLY D 202 -13.04 24.39 24.02
CA GLY D 202 -12.70 25.65 23.38
C GLY D 202 -11.20 25.89 23.35
N VAL D 203 -10.77 26.66 22.35
CA VAL D 203 -9.40 27.15 22.24
C VAL D 203 -9.50 28.66 22.14
N ALA D 204 -8.88 29.35 23.10
CA ALA D 204 -9.11 30.77 23.27
C ALA D 204 -8.32 31.59 22.26
N SER D 205 -7.03 31.22 22.06
CA SER D 205 -6.17 31.92 21.12
C SER D 205 -6.17 33.43 21.45
N PRO D 206 -5.44 33.84 22.49
CA PRO D 206 -5.59 35.20 23.06
C PRO D 206 -5.42 36.34 22.07
N GLY D 207 -4.17 36.71 21.77
CA GLY D 207 -3.95 37.82 20.86
C GLY D 207 -4.36 37.54 19.44
N ALA D 208 -4.61 36.27 19.11
CA ALA D 208 -4.96 35.80 17.78
C ALA D 208 -6.03 36.66 17.13
N ALA D 209 -5.71 37.18 15.94
CA ALA D 209 -6.60 38.07 15.19
C ALA D 209 -6.90 37.49 13.81
N ASP D 210 -8.13 37.68 13.35
CA ASP D 210 -8.55 37.19 12.04
C ASP D 210 -8.23 38.22 10.96
N TYR D 211 -8.46 37.84 9.70
CA TYR D 211 -8.22 38.75 8.59
C TYR D 211 -9.51 39.33 8.01
N GLY D 212 -10.62 39.24 8.73
CA GLY D 212 -11.86 39.85 8.27
C GLY D 212 -12.86 38.90 7.62
N LEU D 213 -12.48 37.66 7.31
CA LEU D 213 -13.48 36.74 6.79
C LEU D 213 -14.59 36.60 7.82
N SER D 214 -15.84 36.66 7.36
CA SER D 214 -16.97 36.71 8.27
C SER D 214 -17.98 35.57 8.13
N ARG D 215 -18.12 34.96 6.94
CA ARG D 215 -19.18 33.99 6.78
C ARG D 215 -19.00 33.25 5.47
N PHE D 216 -19.53 32.03 5.43
CA PHE D 216 -19.71 31.30 4.18
C PHE D 216 -20.75 32.00 3.32
N ASP D 217 -20.46 32.16 2.03
CA ASP D 217 -21.43 32.71 1.11
C ASP D 217 -22.06 31.64 0.23
N HIS D 218 -21.25 30.77 -0.37
CA HIS D 218 -21.80 29.63 -1.11
C HIS D 218 -20.75 28.54 -1.19
N ILE D 219 -21.23 27.30 -1.35
CA ILE D 219 -20.36 26.14 -1.48
C ILE D 219 -20.82 25.36 -2.71
N VAL D 220 -19.90 25.11 -3.63
CA VAL D 220 -20.23 24.65 -4.98
C VAL D 220 -19.77 23.21 -5.15
N GLY D 221 -20.66 22.37 -5.67
CA GLY D 221 -20.34 20.98 -5.96
C GLY D 221 -20.26 20.73 -7.45
N ASN D 222 -19.31 19.89 -7.86
CA ASN D 222 -19.19 19.44 -9.25
C ASN D 222 -19.77 18.03 -9.38
N VAL D 223 -20.58 17.83 -10.41
CA VAL D 223 -21.24 16.55 -10.68
C VAL D 223 -21.19 16.29 -12.17
N PRO D 224 -21.27 15.02 -12.59
CA PRO D 224 -21.22 14.72 -14.02
C PRO D 224 -22.47 15.12 -14.77
N GLU D 225 -23.62 15.13 -14.09
CA GLU D 225 -24.89 15.43 -14.73
C GLU D 225 -25.70 16.32 -13.80
N LEU D 226 -25.91 17.57 -14.22
CA LEU D 226 -26.56 18.57 -13.38
C LEU D 226 -28.03 18.24 -13.12
N ALA D 227 -28.76 17.85 -14.18
CA ALA D 227 -30.21 17.64 -14.03
C ALA D 227 -30.55 16.58 -13.00
N PRO D 228 -29.97 15.36 -13.03
CA PRO D 228 -30.27 14.39 -11.96
C PRO D 228 -29.81 14.84 -10.59
N ALA D 229 -28.60 15.38 -10.49
CA ALA D 229 -28.08 15.82 -9.21
C ALA D 229 -28.95 16.91 -8.60
N ALA D 230 -29.36 17.87 -9.43
CA ALA D 230 -30.24 18.94 -8.96
C ALA D 230 -31.57 18.38 -8.53
N ALA D 231 -32.14 17.46 -9.34
CA ALA D 231 -33.45 16.91 -9.03
C ALA D 231 -33.43 16.08 -7.75
N TYR D 232 -32.32 15.38 -7.49
CA TYR D 232 -32.17 14.67 -6.23
C TYR D 232 -32.06 15.65 -5.06
N PHE D 233 -31.18 16.64 -5.19
CA PHE D 233 -30.82 17.50 -4.07
C PHE D 233 -31.90 18.56 -3.81
N ALA D 234 -32.29 19.31 -4.85
CA ALA D 234 -33.45 20.19 -4.70
C ALA D 234 -34.70 19.40 -4.32
N GLY D 235 -34.80 18.16 -4.81
CA GLY D 235 -35.96 17.34 -4.50
C GLY D 235 -36.10 17.05 -3.02
N PHE D 236 -35.01 16.62 -2.37
CA PHE D 236 -35.16 16.24 -0.97
C PHE D 236 -35.07 17.42 -0.01
N THR D 237 -34.49 18.56 -0.43
CA THR D 237 -34.42 19.72 0.45
C THR D 237 -35.62 20.66 0.30
N GLY D 238 -36.16 20.77 -0.91
CA GLY D 238 -37.05 21.87 -1.21
C GLY D 238 -36.34 23.17 -1.50
N PHE D 239 -35.02 23.15 -1.62
CA PHE D 239 -34.29 24.35 -2.00
C PHE D 239 -34.71 24.75 -3.42
N HIS D 240 -34.79 26.05 -3.65
CA HIS D 240 -35.29 26.57 -4.92
C HIS D 240 -34.15 27.10 -5.77
N GLU D 241 -34.41 27.12 -7.07
CA GLU D 241 -33.47 27.68 -8.02
C GLU D 241 -33.31 29.18 -7.80
N PHE D 242 -32.06 29.61 -7.54
CA PHE D 242 -31.75 31.02 -7.36
C PHE D 242 -31.16 31.64 -8.61
N ALA D 243 -30.40 30.87 -9.39
CA ALA D 243 -29.71 31.38 -10.58
C ALA D 243 -29.41 30.20 -11.49
N GLU D 244 -29.23 30.51 -12.77
CA GLU D 244 -28.94 29.54 -13.82
C GLU D 244 -28.02 30.20 -14.84
N PHE D 245 -26.90 29.55 -15.15
CA PHE D 245 -25.94 30.16 -16.06
C PHE D 245 -25.16 29.10 -16.80
N THR D 246 -24.67 29.48 -17.98
CA THR D 246 -23.77 28.65 -18.77
C THR D 246 -22.55 29.49 -19.14
N THR D 247 -21.49 28.79 -19.54
CA THR D 247 -20.24 29.44 -19.92
C THR D 247 -19.63 28.75 -21.14
N GLY D 256 -16.22 26.15 -19.60
CA GLY D 256 -17.12 25.13 -20.10
C GLY D 256 -17.87 24.40 -19.00
N LEU D 257 -18.96 25.01 -18.53
CA LEU D 257 -19.79 24.45 -17.46
C LEU D 257 -21.22 24.97 -17.57
N ASN D 258 -22.16 24.16 -17.12
CA ASN D 258 -23.54 24.57 -16.85
C ASN D 258 -23.76 24.56 -15.35
N SER D 259 -24.51 25.55 -14.85
CA SER D 259 -24.62 25.72 -13.42
C SER D 259 -26.05 26.03 -13.01
N MET D 260 -26.34 25.75 -11.75
CA MET D 260 -27.60 26.07 -11.11
C MET D 260 -27.27 26.37 -9.64
N VAL D 261 -27.80 27.47 -9.12
CA VAL D 261 -27.66 27.80 -7.72
C VAL D 261 -28.94 27.40 -7.01
N LEU D 262 -28.83 26.58 -5.97
CA LEU D 262 -29.98 26.22 -5.13
C LEU D 262 -29.88 26.98 -3.81
N ALA D 263 -31.03 27.40 -3.26
CA ALA D 263 -31.05 28.28 -2.10
C ALA D 263 -32.19 27.91 -1.17
N ASN D 264 -31.99 28.17 0.13
CA ASN D 264 -33.03 27.98 1.12
C ASN D 264 -33.98 29.18 1.10
N ASN D 265 -35.01 29.15 1.96
CA ASN D 265 -36.09 30.14 1.91
C ASN D 265 -35.57 31.56 2.03
N SER D 266 -34.76 31.83 3.05
CA SER D 266 -34.20 33.16 3.26
C SER D 266 -33.04 33.48 2.32
N GLU D 267 -32.58 32.49 1.54
CA GLU D 267 -31.51 32.66 0.56
C GLU D 267 -30.18 33.08 1.21
N ASN D 268 -29.96 32.73 2.48
CA ASN D 268 -28.65 32.88 3.09
C ASN D 268 -27.83 31.59 3.02
N VAL D 269 -28.42 30.51 2.55
CA VAL D 269 -27.69 29.27 2.26
C VAL D 269 -27.74 29.07 0.76
N LEU D 270 -26.58 29.10 0.12
CA LEU D 270 -26.47 29.04 -1.34
C LEU D 270 -25.57 27.86 -1.68
N LEU D 271 -26.12 26.90 -2.43
CA LEU D 271 -25.43 25.65 -2.74
C LEU D 271 -25.52 25.36 -4.23
N PRO D 272 -24.58 25.87 -5.02
CA PRO D 272 -24.62 25.65 -6.47
C PRO D 272 -24.09 24.29 -6.88
N LEU D 273 -24.49 23.88 -8.10
CA LEU D 273 -24.00 22.65 -8.73
C LEU D 273 -23.52 22.99 -10.14
N ASN D 274 -22.36 22.44 -10.52
CA ASN D 274 -21.83 22.54 -11.88
C ASN D 274 -21.74 21.16 -12.53
N GLU D 275 -21.98 21.12 -13.85
CA GLU D 275 -21.70 19.95 -14.68
C GLU D 275 -20.80 20.36 -15.84
N PRO D 276 -20.00 19.44 -16.37
CA PRO D 276 -19.23 19.77 -17.57
C PRO D 276 -20.15 19.98 -18.75
N VAL D 277 -19.73 20.86 -19.65
CA VAL D 277 -20.37 20.92 -20.96
C VAL D 277 -19.94 19.68 -21.74
N HIS D 278 -20.92 18.87 -22.13
CA HIS D 278 -20.65 17.69 -22.94
C HIS D 278 -21.87 17.26 -23.75
N ARG D 282 -12.12 20.19 -26.23
CA ARG D 282 -11.43 19.09 -25.55
C ARG D 282 -12.09 18.78 -24.22
N ARG D 283 -11.39 19.09 -23.13
CA ARG D 283 -11.86 18.82 -21.78
C ARG D 283 -12.03 20.13 -21.01
N SER D 284 -12.72 20.05 -19.88
CA SER D 284 -13.10 21.24 -19.14
C SER D 284 -12.55 21.19 -17.71
N GLN D 285 -12.60 22.36 -17.07
CA GLN D 285 -12.25 22.49 -15.66
C GLN D 285 -13.10 21.56 -14.79
N ILE D 286 -14.37 21.36 -15.16
CA ILE D 286 -15.25 20.54 -14.34
C ILE D 286 -14.89 19.07 -14.50
N GLN D 287 -14.75 18.60 -15.73
CA GLN D 287 -14.37 17.20 -15.97
C GLN D 287 -13.00 16.90 -15.36
N THR D 288 -12.10 17.89 -15.39
CA THR D 288 -10.79 17.70 -14.79
C THR D 288 -10.89 17.50 -13.28
N PHE D 289 -11.78 18.27 -12.63
CA PHE D 289 -12.03 18.06 -11.20
C PHE D 289 -12.57 16.66 -10.96
N LEU D 290 -13.59 16.28 -11.73
CA LEU D 290 -14.22 14.99 -11.51
C LEU D 290 -13.21 13.86 -11.65
N ASP D 291 -12.33 13.95 -12.65
CA ASP D 291 -11.30 12.93 -12.86
C ASP D 291 -10.34 12.86 -11.68
N HIS D 292 -9.79 14.00 -11.27
CA HIS D 292 -8.74 14.02 -10.26
C HIS D 292 -9.28 13.86 -8.85
N HIS D 293 -10.50 14.33 -8.59
CA HIS D 293 -11.11 14.11 -7.28
C HIS D 293 -11.55 12.66 -7.11
N GLY D 294 -11.85 11.97 -8.21
CA GLY D 294 -12.38 10.61 -8.12
C GLY D 294 -13.88 10.52 -8.00
N GLY D 295 -14.62 11.56 -8.38
CA GLY D 295 -16.07 11.56 -8.27
C GLY D 295 -16.60 12.96 -8.01
N PRO D 296 -17.91 13.07 -7.79
CA PRO D 296 -18.49 14.38 -7.42
C PRO D 296 -17.88 14.88 -6.12
N GLY D 297 -17.81 16.20 -5.97
CA GLY D 297 -17.26 16.77 -4.75
C GLY D 297 -17.34 18.28 -4.73
N VAL D 298 -16.95 18.86 -3.60
CA VAL D 298 -16.98 20.31 -3.44
C VAL D 298 -15.83 20.92 -4.24
N GLN D 299 -16.17 21.80 -5.18
CA GLN D 299 -15.18 22.44 -6.05
C GLN D 299 -14.63 23.71 -5.41
N HIS D 300 -15.50 24.58 -4.90
CA HIS D 300 -14.98 25.73 -4.17
C HIS D 300 -15.94 26.16 -3.09
N MET D 301 -15.39 26.94 -2.17
CA MET D 301 -16.14 27.55 -1.07
C MET D 301 -15.86 29.04 -1.11
N ALA D 302 -16.92 29.84 -1.19
CA ALA D 302 -16.80 31.29 -1.22
C ALA D 302 -16.89 31.86 0.19
N LEU D 303 -15.88 32.59 0.61
CA LEU D 303 -15.76 33.15 1.95
C LEU D 303 -15.92 34.65 1.84
N ALA D 304 -16.89 35.21 2.54
CA ALA D 304 -17.18 36.62 2.40
C ALA D 304 -16.52 37.42 3.51
N SER D 305 -16.10 38.64 3.15
CA SER D 305 -15.58 39.64 4.07
C SER D 305 -16.32 40.95 3.85
N ASP D 306 -16.43 41.75 4.90
CA ASP D 306 -16.99 43.08 4.75
C ASP D 306 -15.99 44.09 4.21
N ASP D 307 -14.71 43.73 4.10
CA ASP D 307 -13.69 44.61 3.50
C ASP D 307 -12.67 43.66 2.86
N VAL D 308 -13.01 43.18 1.67
CA VAL D 308 -12.21 42.12 1.04
C VAL D 308 -10.83 42.62 0.62
N LEU D 309 -10.70 43.90 0.26
CA LEU D 309 -9.38 44.41 -0.11
C LEU D 309 -8.43 44.33 1.08
N ARG D 310 -8.92 44.68 2.27
CA ARG D 310 -8.08 44.60 3.46
C ARG D 310 -7.77 43.14 3.81
N THR D 311 -8.78 42.28 3.72
CA THR D 311 -8.56 40.85 3.98
C THR D 311 -7.54 40.28 3.01
N LEU D 312 -7.65 40.63 1.74
CA LEU D 312 -6.79 40.04 0.73
C LEU D 312 -5.34 40.51 0.89
N ARG D 313 -5.14 41.74 1.40
CA ARG D 313 -3.78 42.19 1.66
C ARG D 313 -3.13 41.35 2.75
N GLU D 314 -3.91 40.95 3.74
CA GLU D 314 -3.38 40.13 4.83
C GLU D 314 -3.11 38.71 4.34
N MET D 315 -4.02 38.13 3.55
CA MET D 315 -3.80 36.79 3.02
C MET D 315 -2.60 36.75 2.08
N GLN D 316 -2.50 37.75 1.19
CA GLN D 316 -1.43 37.75 0.21
C GLN D 316 -0.07 38.03 0.84
N ALA D 317 -0.03 38.72 1.98
CA ALA D 317 1.23 38.87 2.68
C ALA D 317 1.73 37.55 3.24
N ARG D 318 0.88 36.53 3.34
CA ARG D 318 1.26 35.22 3.86
C ARG D 318 1.62 34.21 2.77
N SER D 319 1.33 34.52 1.51
CA SER D 319 1.51 33.54 0.44
C SER D 319 2.95 33.03 0.36
N ALA D 320 3.93 33.93 0.48
CA ALA D 320 5.32 33.57 0.22
C ALA D 320 5.85 32.59 1.25
N MET D 321 5.32 32.60 2.47
CA MET D 321 5.82 31.74 3.52
C MET D 321 4.80 30.67 3.92
N GLY D 322 4.12 30.10 2.93
CA GLY D 322 3.30 28.93 3.15
C GLY D 322 1.80 29.15 3.06
N GLY D 323 1.35 30.39 2.87
CA GLY D 323 -0.07 30.67 2.69
C GLY D 323 -0.55 30.32 1.29
N PHE D 324 -1.71 30.87 0.94
CA PHE D 324 -2.37 30.52 -0.33
C PHE D 324 -1.95 31.45 -1.45
N GLU D 325 -1.85 30.89 -2.65
CA GLU D 325 -1.58 31.65 -3.86
C GLU D 325 -2.89 31.93 -4.56
N PHE D 326 -2.94 33.06 -5.28
CA PHE D 326 -4.16 33.48 -5.95
C PHE D 326 -3.97 33.46 -7.46
N MET D 327 -5.09 33.34 -8.17
CA MET D 327 -5.06 33.50 -9.61
C MET D 327 -4.49 34.87 -9.97
N ALA D 328 -3.62 34.88 -10.99
CA ALA D 328 -2.85 36.06 -11.33
C ALA D 328 -3.76 37.24 -11.65
N PRO D 329 -3.38 38.46 -11.29
CA PRO D 329 -4.20 39.63 -11.61
C PRO D 329 -4.37 39.78 -13.11
N PRO D 330 -5.59 40.05 -13.59
CA PRO D 330 -5.76 40.52 -14.97
C PRO D 330 -4.89 41.74 -15.25
N THR D 331 -4.61 42.03 -16.51
CA THR D 331 -3.77 43.17 -16.85
C THR D 331 -4.63 44.43 -17.00
N SER D 332 -3.96 45.57 -17.23
CA SER D 332 -4.58 46.88 -17.10
C SER D 332 -5.86 47.03 -17.92
N ASP D 333 -5.94 46.37 -19.09
CA ASP D 333 -7.11 46.53 -19.94
C ASP D 333 -8.39 46.05 -19.25
N TYR D 334 -8.28 45.02 -18.41
CA TYR D 334 -9.45 44.56 -17.68
C TYR D 334 -9.96 45.62 -16.71
N TYR D 335 -9.05 46.28 -16.01
CA TYR D 335 -9.49 47.22 -14.99
C TYR D 335 -9.97 48.54 -15.57
N ASP D 336 -9.54 48.89 -16.80
CA ASP D 336 -10.24 49.96 -17.51
C ASP D 336 -11.67 49.58 -17.80
N GLY D 337 -11.94 48.31 -18.03
CA GLY D 337 -13.32 47.85 -18.15
C GLY D 337 -14.08 47.92 -16.83
N VAL D 338 -13.37 47.73 -15.72
CA VAL D 338 -14.01 47.88 -14.40
C VAL D 338 -14.46 49.32 -14.20
N ARG D 339 -13.61 50.26 -14.59
CA ARG D 339 -13.94 51.68 -14.46
C ARG D 339 -15.21 52.02 -15.22
N ARG D 340 -15.38 51.45 -16.42
CA ARG D 340 -16.58 51.70 -17.21
C ARG D 340 -17.81 51.08 -16.57
N ARG D 341 -17.70 49.84 -16.07
CA ARG D 341 -18.87 49.14 -15.56
C ARG D 341 -19.22 49.50 -14.13
N ALA D 342 -18.26 50.03 -13.35
CA ALA D 342 -18.49 50.09 -11.91
C ALA D 342 -17.98 51.39 -11.30
N GLY D 343 -17.79 52.43 -12.10
CA GLY D 343 -17.43 53.75 -11.60
C GLY D 343 -18.53 54.45 -10.82
N ASP D 344 -19.72 53.87 -10.77
CA ASP D 344 -20.78 54.39 -9.93
C ASP D 344 -20.79 53.76 -8.55
N VAL D 345 -19.97 52.72 -8.32
CA VAL D 345 -19.93 52.03 -7.04
C VAL D 345 -18.55 52.09 -6.40
N LEU D 346 -17.49 51.88 -7.20
CA LEU D 346 -16.13 51.84 -6.67
C LEU D 346 -15.39 53.13 -6.98
N THR D 347 -14.60 53.59 -6.02
CA THR D 347 -13.70 54.70 -6.27
C THR D 347 -12.50 54.25 -7.11
N GLU D 348 -11.79 55.24 -7.65
CA GLU D 348 -10.56 54.96 -8.40
C GLU D 348 -9.52 54.28 -7.52
N ALA D 349 -9.40 54.69 -6.25
CA ALA D 349 -8.43 54.03 -5.37
C ALA D 349 -8.80 52.57 -5.14
N GLN D 350 -10.09 52.28 -5.01
CA GLN D 350 -10.54 50.90 -4.86
C GLN D 350 -10.20 50.09 -6.11
N ILE D 351 -10.38 50.69 -7.29
CA ILE D 351 -10.15 49.96 -8.52
C ILE D 351 -8.66 49.69 -8.71
N LYS D 352 -7.82 50.69 -8.44
CA LYS D 352 -6.38 50.48 -8.48
C LYS D 352 -5.95 49.36 -7.53
N GLU D 353 -6.59 49.30 -6.36
CA GLU D 353 -6.21 48.29 -5.38
C GLU D 353 -6.72 46.91 -5.78
N CYS D 354 -7.90 46.86 -6.39
CA CYS D 354 -8.36 45.63 -7.02
C CYS D 354 -7.34 45.11 -8.02
N GLN D 355 -6.71 46.03 -8.78
CA GLN D 355 -5.72 45.59 -9.75
C GLN D 355 -4.47 45.07 -9.06
N GLU D 356 -4.01 45.76 -8.02
CA GLU D 356 -2.81 45.34 -7.32
C GLU D 356 -2.98 43.96 -6.70
N LEU D 357 -4.18 43.64 -6.22
CA LEU D 357 -4.44 42.34 -5.60
C LEU D 357 -4.90 41.29 -6.60
N GLY D 358 -5.43 41.72 -7.73
CA GLY D 358 -6.01 40.81 -8.70
C GLY D 358 -7.47 40.47 -8.49
N VAL D 359 -8.25 41.30 -7.81
CA VAL D 359 -9.64 40.93 -7.60
C VAL D 359 -10.47 41.31 -8.82
N LEU D 360 -11.44 40.46 -9.12
CA LEU D 360 -12.37 40.64 -10.23
C LEU D 360 -13.62 41.37 -9.74
N VAL D 361 -14.29 42.03 -10.67
CA VAL D 361 -15.44 42.87 -10.36
C VAL D 361 -16.55 42.52 -11.35
N ASP D 362 -17.69 42.10 -10.82
CA ASP D 362 -18.86 41.84 -11.64
C ASP D 362 -20.08 42.45 -10.97
N ARG D 363 -21.20 42.41 -11.68
CA ARG D 363 -22.34 43.21 -11.28
C ARG D 363 -23.62 42.63 -11.89
N ASP D 364 -24.69 42.62 -11.10
CA ASP D 364 -26.01 42.29 -11.61
C ASP D 364 -26.94 43.49 -11.46
N ASP D 365 -28.22 43.27 -11.16
CA ASP D 365 -29.16 44.36 -10.91
C ASP D 365 -28.89 44.95 -9.54
N GLN D 366 -28.33 46.16 -9.50
CA GLN D 366 -28.13 46.95 -8.28
C GLN D 366 -27.28 46.23 -7.21
N GLY D 367 -26.49 45.23 -7.59
CA GLY D 367 -25.47 44.70 -6.71
C GLY D 367 -24.13 44.55 -7.42
N VAL D 368 -23.05 44.69 -6.65
CA VAL D 368 -21.69 44.54 -7.17
C VAL D 368 -20.95 43.48 -6.36
N LEU D 369 -20.30 42.55 -7.07
CA LEU D 369 -19.53 41.47 -6.46
C LEU D 369 -18.05 41.69 -6.69
N LEU D 370 -17.26 41.74 -5.63
CA LEU D 370 -15.81 41.64 -5.70
C LEU D 370 -15.42 40.20 -5.40
N GLN D 371 -14.63 39.57 -6.27
CA GLN D 371 -14.29 38.18 -6.08
C GLN D 371 -12.85 37.93 -6.53
N ILE D 372 -12.20 36.97 -5.88
CA ILE D 372 -10.90 36.47 -6.29
C ILE D 372 -10.84 35.00 -5.89
N PHE D 373 -10.11 34.22 -6.67
CA PHE D 373 -10.03 32.79 -6.47
C PHE D 373 -8.59 32.42 -6.13
N THR D 374 -8.42 31.57 -5.11
CA THR D 374 -7.10 30.99 -4.86
C THR D 374 -6.78 29.95 -5.93
N LYS D 375 -5.50 29.61 -6.02
CA LYS D 375 -5.09 28.39 -6.68
C LYS D 375 -5.56 27.20 -5.83
N PRO D 376 -5.56 25.98 -6.37
CA PRO D 376 -5.97 24.83 -5.55
C PRO D 376 -5.29 24.83 -4.20
N VAL D 377 -6.05 24.48 -3.16
CA VAL D 377 -5.58 24.58 -1.79
C VAL D 377 -4.81 23.36 -1.32
N GLY D 378 -4.89 22.26 -2.06
CA GLY D 378 -4.11 21.06 -1.80
C GLY D 378 -3.30 20.69 -3.04
N ASP D 379 -2.78 19.47 -3.10
CA ASP D 379 -1.93 19.11 -4.23
C ASP D 379 -2.72 18.94 -5.51
N ARG D 380 -3.91 18.36 -5.42
CA ARG D 380 -4.68 18.01 -6.60
C ARG D 380 -5.37 19.23 -7.18
N PRO D 381 -5.57 19.27 -8.50
CA PRO D 381 -6.29 20.38 -9.14
C PRO D 381 -7.80 20.25 -8.96
N THR D 382 -8.23 20.39 -7.71
CA THR D 382 -9.61 20.08 -7.35
C THR D 382 -10.20 21.25 -6.56
N LEU D 383 -10.07 21.21 -5.25
CA LEU D 383 -10.66 22.21 -4.37
C LEU D 383 -9.88 23.52 -4.41
N PHE D 384 -10.59 24.65 -4.56
CA PHE D 384 -10.00 25.97 -4.37
C PHE D 384 -11.00 26.82 -3.61
N LEU D 385 -10.60 28.06 -3.33
CA LEU D 385 -11.37 28.98 -2.50
C LEU D 385 -11.70 30.24 -3.29
N GLU D 386 -12.81 30.88 -2.91
CA GLU D 386 -13.20 32.18 -3.44
C GLU D 386 -13.34 33.15 -2.28
N ILE D 387 -12.71 34.34 -2.38
CA ILE D 387 -12.80 35.38 -1.36
C ILE D 387 -13.59 36.55 -1.96
N ILE D 388 -14.63 37.01 -1.25
CA ILE D 388 -15.57 37.94 -1.87
C ILE D 388 -15.96 39.08 -0.94
N GLN D 389 -16.45 40.15 -1.56
CA GLN D 389 -17.26 41.18 -0.91
C GLN D 389 -18.46 41.46 -1.80
N ARG D 390 -19.63 41.60 -1.19
CA ARG D 390 -20.85 41.97 -1.89
C ARG D 390 -21.25 43.38 -1.45
N ILE D 391 -21.59 44.23 -2.42
CA ILE D 391 -21.85 45.65 -2.19
C ILE D 391 -23.23 45.98 -2.73
N GLY D 392 -24.11 46.43 -1.85
CA GLY D 392 -25.43 46.88 -2.23
C GLY D 392 -26.54 46.00 -1.68
N CYS D 393 -27.71 46.11 -2.32
CA CYS D 393 -28.89 45.30 -1.98
C CYS D 393 -29.27 45.42 -0.52
N MET D 394 -29.15 46.63 0.04
CA MET D 394 -29.56 46.86 1.42
C MET D 394 -31.06 47.13 1.44
N GLU D 395 -31.83 46.15 1.89
CA GLU D 395 -33.28 46.28 1.98
C GLU D 395 -33.73 46.12 3.42
N GLN D 401 -34.36 47.02 7.51
CA GLN D 401 -33.35 47.07 8.56
C GLN D 401 -31.96 46.76 8.03
N GLU D 402 -31.01 46.63 8.94
CA GLU D 402 -29.65 46.24 8.58
C GLU D 402 -29.67 44.79 8.12
N TYR D 403 -29.74 44.57 6.80
CA TYR D 403 -29.55 43.25 6.22
C TYR D 403 -29.37 43.38 4.72
N GLN D 404 -28.48 42.55 4.17
CA GLN D 404 -28.20 42.54 2.74
C GLN D 404 -28.91 41.36 2.10
N LYS D 405 -29.52 41.60 0.94
CA LYS D 405 -30.16 40.52 0.21
C LYS D 405 -29.13 39.49 -0.23
N GLY D 406 -29.48 38.22 -0.13
CA GLY D 406 -28.54 37.16 -0.47
C GLY D 406 -28.24 37.11 -1.95
N GLY D 407 -26.99 36.75 -2.27
CA GLY D 407 -26.59 36.70 -3.66
C GLY D 407 -26.40 38.04 -4.32
N CYS D 408 -26.25 39.10 -3.53
CA CYS D 408 -26.16 40.45 -4.08
C CYS D 408 -24.91 40.59 -4.97
N GLY D 409 -25.13 40.88 -6.24
CA GLY D 409 -24.05 41.03 -7.19
C GLY D 409 -23.75 39.81 -8.04
N GLY D 410 -24.37 38.68 -7.73
CA GLY D 410 -24.24 37.49 -8.56
C GLY D 410 -23.11 36.58 -8.10
N PHE D 411 -22.62 35.77 -9.05
CA PHE D 411 -21.57 34.81 -8.77
C PHE D 411 -20.37 34.97 -9.68
N GLY D 412 -20.34 36.01 -10.49
CA GLY D 412 -19.22 36.25 -11.37
C GLY D 412 -19.39 35.71 -12.78
N LYS D 413 -20.62 35.55 -13.25
CA LYS D 413 -20.85 35.03 -14.60
C LYS D 413 -20.21 35.92 -15.65
N GLY D 414 -20.20 37.23 -15.45
CA GLY D 414 -19.65 38.13 -16.44
C GLY D 414 -18.13 38.12 -16.51
N ASN D 415 -17.45 37.42 -15.60
CA ASN D 415 -16.00 37.43 -15.53
C ASN D 415 -15.34 36.31 -16.32
N PHE D 416 -16.12 35.46 -16.99
CA PHE D 416 -15.51 34.44 -17.84
C PHE D 416 -14.85 35.05 -19.07
N SER D 417 -15.22 36.28 -19.46
CA SER D 417 -14.62 36.96 -20.61
C SER D 417 -13.26 37.58 -20.32
N GLN D 418 -12.43 36.94 -19.50
CA GLN D 418 -11.07 37.40 -19.18
C GLN D 418 -10.29 36.38 -18.41
#